data_8VAT
#
_entry.id   8VAT
#
_cell.length_a   1.00
_cell.length_b   1.00
_cell.length_c   1.00
_cell.angle_alpha   90.00
_cell.angle_beta   90.00
_cell.angle_gamma   90.00
#
_symmetry.space_group_name_H-M   'P 1'
#
loop_
_entity.id
_entity.type
_entity.pdbx_description
1 polymer 'DNA polymerase III subunit delta'
2 polymer 'DNA polymerase III subunit tau'
3 polymer "DNA polymerase III subunit delta'"
4 polymer 'Beta sliding clamp'
5 polymer "RNA (5'-R(P*AP*GP*UP*GP*GP*UP*GP*UP*CP*UP*G)-3')"
6 polymer "DNA (5'-D(P*TP*TP*TP*TP*TP*TP*TP*CP*AP*GP*AP*CP*AP*CP*CP*AP*CP*TP*GP*C)-3')"
7 non-polymer 'ZINC ION'
8 non-polymer "ADENOSINE-5'-DIPHOSPHATE"
9 non-polymer 'BERYLLIUM TRIFLUORIDE ION'
10 non-polymer 'MAGNESIUM ION'
#
loop_
_entity_poly.entity_id
_entity_poly.type
_entity_poly.pdbx_seq_one_letter_code
_entity_poly.pdbx_strand_id
1 'polypeptide(L)'
;MIRLYPEQLRAQLNEGLRAAYLLLGNDPLLLQESQDAVRQVAAAQGFEEHHTFSIDPNTDWNAIFSLCQAMSLFASRQTL
LLLLPENGPNAAINEQLLTLTGLLHDDLLLIVRGNKLSKAQENAAWFTALANRSVQVTCQTPEQAQLPRWVAARAKQLNL
ELDDAANQVLCYCYEGNLLALAQALERLSLLWPDGKLTLPRVEQAVNDAAHFTPFHWVDALLMGKSKRALHILQQLRLEG
SEPVILLRTLQRELLLLVNLKRQSAHTPLRALFDKHRVWQNRRGMMGEALNRLSQTQLRQAVQLLTRTELTLKQDYGQSV
WAELEGLSLLLCHKPLADVFIDG
;
A
2 'polypeptide(L)'
;GPHMSYQVLARKWRPQTFADVVGQEHVLTALANGLSLGRIHHAYLFSGTRGVGKTSIARLLAKGLNCETGITATPCGVCD
NCREIEQGRFVDLIEIDAASRTKVEDTRDLLDNVQYAPARGRFKVYLIDEVHMLSRHSFNALLKTLEEPPEHVKFLLATT
DPQKLPVTILSRCLQFHLKALDVEQIRHQLEHILNEEHIAHEPRALQLLARAAEGSLRDALSLTDQAIASGDGQVSTQAV
SAMLGTLDDDQALSLVEAMVEANGERVMALINEAAARGIEWEALLVEMLGLLHRIAMVQLSPAALGNDMAAIELRMRELA
RTIPPTDIQLYYQTLLIGRKELPYAPDRRMGVEMTLLRALAFHPRMPLPEPEVPRQ
;
B,C,D
3 'polypeptide(L)'
;GPHMRWYPWLRPDFEKLVASYQAGRGHHALLIQALPGMGDDALIYALSRYLLCQQPQGHKSCGHCRGCQLMQAGTHPDYY
TLAPEKGKNTLGVDAVREVTEKLNEHARLGGAKVVWVTDAALLTDAAANALLKTLEEPPAETWFFLATREPERLLATLRS
RCRLHYLAPPPEQYAVTWLSREVTMSQDALLAALRLSAGSPGAALALFQGDNWQARETLCQALAYSVPSGDWYSLLAALN
HEQAPARLHWLATLLMDALKRHHGAAQVTNVDVPGLVAELANHLSPSRLQAILGDVCHIREQLMSVTGINRELLITDLLL
RIEHYLQPGVVLPVPHL
;
E
4 'polypeptide(L)'
;GPHMKFTVEREHLLKPLQQVSGPLGGRPTLPILGNLLLQVADGTLSLTGTDLEMEMVARVALVQPHEPGATTVPARKFFD
ICRGLPEGAEIAVQLEGERMLVRSGRSRFSLSTLPAADFPNLDDWQSEVEFTLPQATMKRLIEATQFSMAHQDVRYYLNG
MLFETEGEELRTVATDGHRLAVCSMPIGQSLPSHSVIVPRKGVIELMRMLDGGDNPLRVQIGSNNIRAHVGDFIFTSKLV
DGRFPDYRRVLPKNPDKHLEAGCDLLKQAFARAAILSNEKFRGVRLYVSENQLKITANNPEQEEAEEILDVTYSGAEMEI
GFNVSYVLDVLNALKCENVRMMLTDSVSSVQIEDAASQSAAYVVMPMRL
;
F,G
5 'polyribonucleotide' AGUGGUGUCUG H
6 'polydeoxyribonucleotide'
;(DT)(DT)(DT)(DT)(DT)(DT)(DT)(DT)(DT)(DT)(DC)(DA)(DG)(DA)(DC)(DA)(DC)(DC)(DA)(DC)
(DT)(DG)(DC)(DA)(DC)(DA)(DC)(DA)(DC)(DA)
;
I
#
loop_
_chem_comp.id
_chem_comp.type
_chem_comp.name
_chem_comp.formula
A RNA linking ADENOSINE-5'-MONOPHOSPHATE 'C10 H14 N5 O7 P'
ADP non-polymer ADENOSINE-5'-DIPHOSPHATE 'C10 H15 N5 O10 P2'
BEF non-polymer 'BERYLLIUM TRIFLUORIDE ION' 'Be F3 -1'
C RNA linking CYTIDINE-5'-MONOPHOSPHATE 'C9 H14 N3 O8 P'
DA DNA linking 2'-DEOXYADENOSINE-5'-MONOPHOSPHATE 'C10 H14 N5 O6 P'
DC DNA linking 2'-DEOXYCYTIDINE-5'-MONOPHOSPHATE 'C9 H14 N3 O7 P'
DG DNA linking 2'-DEOXYGUANOSINE-5'-MONOPHOSPHATE 'C10 H14 N5 O7 P'
DT DNA linking THYMIDINE-5'-MONOPHOSPHATE 'C10 H15 N2 O8 P'
G RNA linking GUANOSINE-5'-MONOPHOSPHATE 'C10 H14 N5 O8 P'
MG non-polymer 'MAGNESIUM ION' 'Mg 2'
U RNA linking URIDINE-5'-MONOPHOSPHATE 'C9 H13 N2 O9 P'
ZN non-polymer 'ZINC ION' 'Zn 2'
#
# COMPACT_ATOMS: atom_id res chain seq x y z
N MET A 1 14.38 48.84 -6.94
CA MET A 1 15.31 48.14 -7.81
C MET A 1 14.95 48.34 -9.27
N ILE A 2 15.80 47.88 -10.18
CA ILE A 2 15.52 48.00 -11.61
C ILE A 2 14.73 46.78 -12.05
N ARG A 3 13.48 46.96 -12.42
CA ARG A 3 12.66 45.87 -12.94
C ARG A 3 12.91 45.70 -14.42
N LEU A 4 13.20 44.47 -14.84
CA LEU A 4 13.72 44.25 -16.18
C LEU A 4 13.21 42.94 -16.77
N TYR A 5 12.93 42.99 -18.07
CA TYR A 5 12.69 41.80 -18.86
C TYR A 5 14.01 41.22 -19.34
N PRO A 6 14.02 39.95 -19.75
CA PRO A 6 15.27 39.35 -20.25
C PRO A 6 15.84 40.04 -21.47
N GLU A 7 15.06 40.88 -22.16
CA GLU A 7 15.53 41.49 -23.39
C GLU A 7 16.71 42.43 -23.13
N GLN A 8 16.59 43.30 -22.13
CA GLN A 8 17.58 44.34 -21.89
C GLN A 8 18.60 43.95 -20.83
N LEU A 9 18.48 42.75 -20.25
CA LEU A 9 19.39 42.34 -19.18
C LEU A 9 20.85 42.52 -19.57
N ARG A 10 21.22 41.98 -20.74
CA ARG A 10 22.57 42.17 -21.25
C ARG A 10 22.99 43.63 -21.17
N ALA A 11 22.17 44.53 -21.72
CA ALA A 11 22.50 45.95 -21.69
C ALA A 11 22.73 46.41 -20.25
N GLN A 12 21.82 46.07 -19.34
CA GLN A 12 21.99 46.46 -17.95
C GLN A 12 23.28 45.88 -17.39
N LEU A 13 23.58 44.62 -17.70
CA LEU A 13 24.81 44.03 -17.22
C LEU A 13 26.03 44.75 -17.77
N ASN A 14 25.93 45.26 -19.00
CA ASN A 14 27.03 46.03 -19.55
C ASN A 14 27.17 47.37 -18.84
N GLU A 15 26.05 47.92 -18.35
CA GLU A 15 26.11 49.19 -17.63
C GLU A 15 26.80 49.01 -16.28
N GLY A 16 26.51 47.92 -15.59
CA GLY A 16 27.11 47.67 -14.29
C GLY A 16 26.39 46.55 -13.59
N LEU A 17 27.03 46.07 -12.53
CA LEU A 17 26.50 44.98 -11.72
C LEU A 17 26.08 45.52 -10.37
N ARG A 18 24.87 45.18 -9.94
CA ARG A 18 24.34 45.65 -8.68
C ARG A 18 24.70 44.68 -7.56
N ALA A 19 24.21 44.97 -6.36
CA ALA A 19 24.54 44.14 -5.20
C ALA A 19 23.87 42.78 -5.27
N ALA A 20 22.60 42.74 -5.70
CA ALA A 20 21.85 41.49 -5.75
C ALA A 20 21.02 41.44 -7.02
N TYR A 21 20.91 40.26 -7.60
CA TYR A 21 20.07 40.01 -8.76
C TYR A 21 18.98 39.01 -8.39
N LEU A 22 17.73 39.40 -8.60
CA LEU A 22 16.58 38.55 -8.30
C LEU A 22 15.97 38.08 -9.61
N LEU A 23 16.15 36.80 -9.91
CA LEU A 23 15.56 36.18 -11.09
C LEU A 23 14.29 35.46 -10.67
N LEU A 24 13.14 36.00 -11.07
CA LEU A 24 11.85 35.47 -10.65
C LEU A 24 10.97 35.19 -11.85
N GLY A 25 10.09 34.22 -11.69
CA GLY A 25 9.16 33.85 -12.74
C GLY A 25 8.88 32.36 -12.71
N ASN A 26 7.93 31.96 -13.55
CA ASN A 26 7.48 30.57 -13.61
C ASN A 26 8.07 29.81 -14.79
N ASP A 27 9.00 30.41 -15.53
CA ASP A 27 9.56 29.76 -16.70
C ASP A 27 10.95 29.23 -16.39
N PRO A 28 11.17 27.92 -16.41
CA PRO A 28 12.53 27.40 -16.17
C PRO A 28 13.55 27.90 -17.17
N LEU A 29 13.18 28.00 -18.45
CA LEU A 29 14.15 28.35 -19.47
C LEU A 29 14.61 29.80 -19.33
N LEU A 30 13.67 30.72 -19.17
CA LEU A 30 14.02 32.13 -19.04
C LEU A 30 14.89 32.37 -17.81
N LEU A 31 14.53 31.76 -16.68
CA LEU A 31 15.33 31.89 -15.48
C LEU A 31 16.73 31.31 -15.69
N GLN A 32 16.82 30.15 -16.34
CA GLN A 32 18.12 29.51 -16.53
C GLN A 32 19.02 30.35 -17.43
N GLU A 33 18.47 30.86 -18.54
CA GLU A 33 19.28 31.68 -19.44
C GLU A 33 19.68 32.99 -18.77
N SER A 34 18.78 33.59 -17.99
CA SER A 34 19.14 34.81 -17.28
C SER A 34 20.25 34.56 -16.28
N GLN A 35 20.17 33.45 -15.54
CA GLN A 35 21.22 33.10 -14.59
C GLN A 35 22.54 32.86 -15.29
N ASP A 36 22.52 32.16 -16.42
CA ASP A 36 23.75 31.93 -17.17
C ASP A 36 24.36 33.24 -17.64
N ALA A 37 23.54 34.15 -18.16
CA ALA A 37 24.06 35.44 -18.60
C ALA A 37 24.64 36.24 -17.44
N VAL A 38 23.94 36.24 -16.30
CA VAL A 38 24.43 36.97 -15.13
C VAL A 38 25.75 36.41 -14.67
N ARG A 39 25.87 35.08 -14.60
CA ARG A 39 27.11 34.46 -14.16
C ARG A 39 28.25 34.74 -15.14
N GLN A 40 27.98 34.70 -16.45
CA GLN A 40 29.02 35.00 -17.42
C GLN A 40 29.50 36.44 -17.29
N VAL A 41 28.57 37.38 -17.14
CA VAL A 41 28.98 38.78 -17.01
C VAL A 41 29.74 38.99 -15.72
N ALA A 42 29.32 38.34 -14.63
CA ALA A 42 30.05 38.44 -13.38
C ALA A 42 31.46 37.88 -13.51
N ALA A 43 31.61 36.74 -14.19
CA ALA A 43 32.93 36.18 -14.42
C ALA A 43 33.79 37.11 -15.26
N ALA A 44 33.18 37.86 -16.18
CA ALA A 44 33.93 38.81 -16.97
C ALA A 44 34.55 39.89 -16.09
N GLN A 45 33.83 40.32 -15.05
CA GLN A 45 34.33 41.30 -14.10
C GLN A 45 34.94 40.67 -12.84
N GLY A 46 35.54 39.48 -12.99
CA GLY A 46 36.34 38.89 -11.94
C GLY A 46 35.62 37.96 -10.98
N PHE A 47 34.29 37.89 -11.04
CA PHE A 47 33.57 36.99 -10.14
C PHE A 47 33.79 35.55 -10.58
N GLU A 48 34.82 34.90 -10.00
CA GLU A 48 35.23 33.58 -10.48
C GLU A 48 34.60 32.45 -9.69
N GLU A 49 34.65 32.52 -8.36
CA GLU A 49 34.11 31.46 -7.52
C GLU A 49 32.59 31.55 -7.49
N HIS A 50 31.93 30.39 -7.64
CA HIS A 50 30.48 30.30 -7.59
C HIS A 50 30.07 29.43 -6.41
N HIS A 51 28.80 29.53 -6.04
CA HIS A 51 28.21 28.69 -5.02
C HIS A 51 26.74 28.47 -5.33
N THR A 52 26.17 27.43 -4.74
CA THR A 52 24.76 27.14 -4.91
C THR A 52 24.14 26.75 -3.57
N PHE A 53 22.87 27.10 -3.40
CA PHE A 53 22.11 26.74 -2.21
C PHE A 53 20.64 26.64 -2.58
N SER A 54 19.95 25.72 -1.92
CA SER A 54 18.50 25.58 -2.04
C SER A 54 17.86 26.09 -0.77
N ILE A 55 17.09 27.18 -0.89
CA ILE A 55 16.44 27.76 0.29
C ILE A 55 15.38 26.79 0.78
N ASP A 56 15.66 26.11 1.88
CA ASP A 56 14.85 25.04 2.41
C ASP A 56 14.82 25.18 3.92
N PRO A 57 13.78 24.67 4.59
CA PRO A 57 13.78 24.68 6.06
C PRO A 57 14.93 23.92 6.68
N ASN A 58 15.58 23.03 5.94
CA ASN A 58 16.68 22.23 6.46
C ASN A 58 18.06 22.73 5.99
N THR A 59 18.13 23.91 5.39
CA THR A 59 19.40 24.39 4.88
C THR A 59 20.29 24.88 6.02
N ASP A 60 21.60 24.90 5.77
CA ASP A 60 22.59 25.37 6.72
C ASP A 60 22.90 26.82 6.41
N TRP A 61 22.23 27.74 7.11
CA TRP A 61 22.44 29.16 6.87
C TRP A 61 23.83 29.60 7.32
N ASN A 62 24.39 28.94 8.33
CA ASN A 62 25.68 29.34 8.86
C ASN A 62 26.77 29.26 7.80
N ALA A 63 26.71 28.26 6.93
CA ALA A 63 27.66 28.19 5.82
C ALA A 63 27.53 29.40 4.91
N ILE A 64 26.31 29.80 4.60
CA ILE A 64 26.08 30.95 3.73
C ILE A 64 26.65 32.21 4.36
N PHE A 65 26.37 32.42 5.65
CA PHE A 65 26.90 33.61 6.32
C PHE A 65 28.42 33.58 6.39
N SER A 66 29.00 32.42 6.67
CA SER A 66 30.46 32.32 6.74
C SER A 66 31.10 32.63 5.40
N LEU A 67 30.54 32.10 4.31
CA LEU A 67 31.16 32.34 3.01
C LEU A 67 30.91 33.76 2.52
N CYS A 68 29.79 34.37 2.93
CA CYS A 68 29.54 35.75 2.50
C CYS A 68 30.43 36.73 3.25
N GLN A 69 30.63 36.52 4.55
CA GLN A 69 31.49 37.42 5.31
C GLN A 69 32.96 37.17 5.00
N ALA A 70 33.41 35.92 5.12
CA ALA A 70 34.81 35.61 4.92
C ALA A 70 35.14 35.56 3.44
N MET A 71 36.44 35.64 3.16
CA MET A 71 36.96 35.59 1.80
C MET A 71 37.87 34.38 1.64
N SER A 72 38.11 33.99 0.40
CA SER A 72 38.87 32.80 0.09
C SER A 72 40.32 33.12 -0.24
N LEU A 73 41.17 32.10 -0.15
CA LEU A 73 42.59 32.27 -0.47
C LEU A 73 42.80 32.67 -1.93
N PHE A 74 41.93 32.21 -2.82
CA PHE A 74 42.00 32.54 -4.23
C PHE A 74 40.61 32.92 -4.72
N ALA A 75 40.58 33.76 -5.76
CA ALA A 75 39.34 34.25 -6.34
C ALA A 75 38.48 34.94 -5.29
N SER A 76 39.00 36.05 -4.77
CA SER A 76 38.27 36.82 -3.75
C SER A 76 36.93 37.31 -4.29
N ARG A 77 36.91 37.78 -5.53
CA ARG A 77 35.67 38.22 -6.15
C ARG A 77 34.75 37.02 -6.33
N GLN A 78 33.69 36.95 -5.52
CA GLN A 78 32.88 35.76 -5.37
C GLN A 78 31.42 36.07 -5.67
N THR A 79 30.68 35.05 -6.10
CA THR A 79 29.24 35.17 -6.31
C THR A 79 28.53 34.05 -5.56
N LEU A 80 27.27 34.32 -5.19
CA LEU A 80 26.47 33.41 -4.40
C LEU A 80 25.10 33.26 -5.05
N LEU A 81 24.52 32.06 -4.94
CA LEU A 81 23.24 31.77 -5.58
C LEU A 81 22.33 31.06 -4.60
N LEU A 82 21.04 31.35 -4.69
CA LEU A 82 20.04 30.74 -3.82
C LEU A 82 18.81 30.39 -4.64
N LEU A 83 18.33 29.15 -4.52
CA LEU A 83 17.07 28.74 -5.14
C LEU A 83 15.95 28.91 -4.11
N LEU A 84 15.02 29.82 -4.39
CA LEU A 84 13.88 29.99 -3.52
C LEU A 84 12.92 28.81 -3.68
N PRO A 85 12.23 28.41 -2.60
CA PRO A 85 11.32 27.27 -2.69
C PRO A 85 10.09 27.57 -3.52
N GLU A 86 9.22 26.57 -3.68
CA GLU A 86 8.05 26.72 -4.54
C GLU A 86 7.12 27.81 -4.02
N ASN A 87 6.85 27.83 -2.71
CA ASN A 87 5.97 28.85 -2.15
C ASN A 87 6.60 30.23 -2.23
N GLY A 88 7.89 30.34 -1.91
CA GLY A 88 8.59 31.60 -1.94
C GLY A 88 9.25 31.94 -0.63
N PRO A 89 9.43 33.23 -0.36
CA PRO A 89 10.08 33.65 0.89
C PRO A 89 9.19 33.44 2.10
N ASN A 90 9.19 32.22 2.62
CA ASN A 90 8.39 31.85 3.78
C ASN A 90 8.62 32.83 4.94
N ALA A 91 7.62 32.94 5.80
CA ALA A 91 7.69 33.84 6.95
C ALA A 91 8.86 33.48 7.87
N ALA A 92 9.31 32.23 7.87
CA ALA A 92 10.50 31.83 8.59
C ALA A 92 11.77 32.09 7.80
N ILE A 93 11.67 32.62 6.58
CA ILE A 93 12.81 32.90 5.75
C ILE A 93 13.05 34.39 5.55
N ASN A 94 12.04 35.23 5.74
CA ASN A 94 12.20 36.66 5.48
C ASN A 94 13.23 37.28 6.42
N GLU A 95 13.26 36.85 7.68
CA GLU A 95 14.21 37.40 8.64
C GLU A 95 15.64 37.05 8.27
N GLN A 96 15.89 35.80 7.88
CA GLN A 96 17.24 35.41 7.49
C GLN A 96 17.63 36.02 6.16
N LEU A 97 16.67 36.23 5.26
CA LEU A 97 16.95 37.02 4.06
C LEU A 97 17.34 38.44 4.42
N LEU A 98 16.68 39.02 5.43
CA LEU A 98 17.08 40.34 5.92
C LEU A 98 18.50 40.33 6.47
N THR A 99 18.85 39.27 7.20
CA THR A 99 20.22 39.17 7.71
C THR A 99 21.22 39.12 6.57
N LEU A 100 20.98 38.27 5.57
CA LEU A 100 21.82 38.28 4.36
C LEU A 100 21.89 39.68 3.76
N THR A 101 20.75 40.39 3.74
CA THR A 101 20.72 41.74 3.22
C THR A 101 21.56 42.68 4.07
N GLY A 102 21.82 42.30 5.32
CA GLY A 102 22.79 43.03 6.12
C GLY A 102 24.19 42.46 6.01
N LEU A 103 24.31 41.16 5.79
CA LEU A 103 25.60 40.48 5.75
C LEU A 103 26.27 40.53 4.38
N LEU A 104 25.85 41.43 3.49
CA LEU A 104 26.42 41.47 2.15
C LEU A 104 27.62 42.40 2.12
N HIS A 105 28.20 42.58 0.93
CA HIS A 105 29.35 43.45 0.72
C HIS A 105 29.55 43.63 -0.77
N ASP A 106 30.31 44.66 -1.14
CA ASP A 106 30.56 44.93 -2.55
C ASP A 106 31.36 43.82 -3.23
N ASP A 107 32.03 42.97 -2.46
CA ASP A 107 32.80 41.89 -3.06
C ASP A 107 31.89 40.77 -3.57
N LEU A 108 30.81 40.49 -2.86
CA LEU A 108 29.91 39.39 -3.20
C LEU A 108 28.79 39.87 -4.11
N LEU A 109 28.35 38.98 -4.99
CA LEU A 109 27.18 39.20 -5.84
C LEU A 109 26.17 38.11 -5.56
N LEU A 110 24.94 38.51 -5.23
CA LEU A 110 23.90 37.56 -4.84
C LEU A 110 22.94 37.36 -5.98
N ILE A 111 22.61 36.10 -6.25
CA ILE A 111 21.65 35.72 -7.28
C ILE A 111 20.49 35.01 -6.61
N VAL A 112 19.27 35.46 -6.89
CA VAL A 112 18.06 34.94 -6.27
C VAL A 112 17.16 34.38 -7.38
N ARG A 113 16.92 33.08 -7.34
CA ARG A 113 16.16 32.39 -8.37
C ARG A 113 14.99 31.65 -7.75
N GLY A 114 13.81 31.82 -8.31
CA GLY A 114 12.63 31.14 -7.81
C GLY A 114 11.41 31.60 -8.58
N ASN A 115 10.25 31.08 -8.15
CA ASN A 115 8.99 31.43 -8.79
C ASN A 115 8.65 32.90 -8.52
N LYS A 116 7.56 33.34 -9.14
CA LYS A 116 7.14 34.73 -8.98
C LYS A 116 6.75 35.00 -7.53
N LEU A 117 7.03 36.21 -7.07
CA LEU A 117 6.74 36.61 -5.70
C LEU A 117 5.42 37.36 -5.67
N SER A 118 4.54 36.97 -4.74
CA SER A 118 3.28 37.66 -4.52
C SER A 118 3.58 38.96 -3.78
N LYS A 119 3.89 40.00 -4.58
CA LYS A 119 4.30 41.28 -4.02
C LYS A 119 3.22 41.85 -3.10
N ALA A 120 1.96 41.65 -3.46
CA ALA A 120 0.85 42.07 -2.59
C ALA A 120 0.99 41.46 -1.20
N GLN A 121 1.45 40.21 -1.13
CA GLN A 121 1.69 39.58 0.16
C GLN A 121 3.04 39.98 0.75
N GLU A 122 4.12 39.73 0.00
CA GLU A 122 5.47 39.99 0.48
C GLU A 122 5.99 41.28 -0.16
N ASN A 123 6.31 42.27 0.67
CA ASN A 123 6.92 43.50 0.21
C ASN A 123 7.73 44.11 1.35
N ALA A 124 8.45 45.18 1.04
CA ALA A 124 9.26 45.92 2.01
C ALA A 124 10.28 45.02 2.68
N ALA A 125 10.86 45.51 3.78
CA ALA A 125 11.86 44.78 4.54
C ALA A 125 12.95 44.27 3.62
N TRP A 126 12.92 42.97 3.33
CA TRP A 126 13.91 42.39 2.43
C TRP A 126 13.80 43.04 1.05
N PHE A 127 12.58 43.15 0.54
CA PHE A 127 12.35 43.62 -0.83
C PHE A 127 12.90 45.02 -1.03
N THR A 128 12.53 45.97 -0.16
CA THR A 128 13.00 47.34 -0.32
C THR A 128 14.49 47.48 -0.03
N ALA A 129 15.01 46.72 0.94
CA ALA A 129 16.43 46.82 1.27
C ALA A 129 17.31 46.38 0.11
N LEU A 130 16.90 45.33 -0.62
CA LEU A 130 17.51 45.06 -1.91
C LEU A 130 17.19 46.13 -2.95
N ALA A 131 15.94 46.63 -2.98
CA ALA A 131 15.54 47.59 -4.01
C ALA A 131 16.45 48.81 -3.99
N ASN A 132 17.05 49.08 -2.83
CA ASN A 132 18.06 50.12 -2.71
C ASN A 132 19.04 50.11 -3.89
N ARG A 133 19.73 49.00 -4.10
CA ARG A 133 20.72 48.92 -5.18
C ARG A 133 20.70 47.56 -5.88
N SER A 134 19.53 47.07 -6.29
CA SER A 134 19.45 45.74 -6.88
C SER A 134 18.66 45.76 -8.19
N VAL A 135 18.60 44.58 -8.83
CA VAL A 135 17.87 44.36 -10.06
C VAL A 135 16.88 43.22 -9.85
N GLN A 136 15.65 43.44 -10.28
CA GLN A 136 14.62 42.41 -10.39
C GLN A 136 14.48 42.05 -11.85
N VAL A 137 14.48 40.76 -12.16
CA VAL A 137 14.33 40.29 -13.53
C VAL A 137 13.11 39.39 -13.57
N THR A 138 12.12 39.76 -14.37
CA THR A 138 10.88 39.01 -14.48
C THR A 138 10.96 38.07 -15.67
N CYS A 139 10.93 36.76 -15.40
CA CYS A 139 11.09 35.73 -16.42
C CYS A 139 9.89 34.81 -16.36
N GLN A 140 8.81 35.19 -17.04
CA GLN A 140 7.56 34.45 -17.00
C GLN A 140 7.21 33.93 -18.38
N THR A 141 6.52 32.79 -18.40
CA THR A 141 6.23 32.11 -19.65
C THR A 141 5.30 32.95 -20.52
N PRO A 142 5.66 33.23 -21.76
CA PRO A 142 4.74 33.91 -22.66
C PRO A 142 3.48 33.07 -22.90
N GLU A 143 2.33 33.73 -22.91
CA GLU A 143 1.07 33.04 -23.08
C GLU A 143 0.84 32.72 -24.56
N GLN A 144 -0.31 32.12 -24.86
CA GLN A 144 -0.58 31.63 -26.21
C GLN A 144 -0.62 32.76 -27.23
N ALA A 145 -1.24 33.88 -26.87
CA ALA A 145 -1.33 35.01 -27.80
C ALA A 145 0.01 35.71 -27.98
N GLN A 146 1.00 35.40 -27.14
CA GLN A 146 2.30 36.06 -27.18
C GLN A 146 3.43 35.13 -27.60
N LEU A 147 3.23 33.81 -27.48
CA LEU A 147 4.29 32.85 -27.81
C LEU A 147 4.80 32.93 -29.24
N PRO A 148 3.96 33.09 -30.27
CA PRO A 148 4.51 33.08 -31.64
C PRO A 148 5.59 34.12 -31.90
N ARG A 149 5.43 35.34 -31.39
CA ARG A 149 6.47 36.34 -31.63
C ARG A 149 7.72 36.03 -30.82
N TRP A 150 7.57 35.45 -29.62
CA TRP A 150 8.74 35.01 -28.88
C TRP A 150 9.51 33.94 -29.64
N VAL A 151 8.80 32.98 -30.22
CA VAL A 151 9.48 31.92 -30.96
C VAL A 151 10.13 32.49 -32.22
N ALA A 152 9.47 33.46 -32.87
CA ALA A 152 10.09 34.11 -34.02
C ALA A 152 11.36 34.84 -33.63
N ALA A 153 11.34 35.55 -32.50
CA ALA A 153 12.53 36.24 -32.03
C ALA A 153 13.65 35.27 -31.71
N ARG A 154 13.31 34.16 -31.05
CA ARG A 154 14.31 33.14 -30.73
C ARG A 154 14.91 32.53 -31.99
N ALA A 155 14.07 32.26 -32.99
CA ALA A 155 14.57 31.72 -34.25
C ALA A 155 15.48 32.73 -34.96
N LYS A 156 15.11 34.00 -34.92
CA LYS A 156 15.95 35.03 -35.53
C LYS A 156 17.29 35.14 -34.82
N GLN A 157 17.29 35.07 -33.49
CA GLN A 157 18.54 35.19 -32.74
C GLN A 157 19.38 33.93 -32.78
N LEU A 158 18.79 32.80 -33.15
CA LEU A 158 19.54 31.56 -33.31
C LEU A 158 19.87 31.30 -34.78
N ASN A 159 19.50 32.22 -35.66
CA ASN A 159 19.77 32.14 -37.10
C ASN A 159 19.04 30.95 -37.73
N LEU A 160 17.73 30.96 -37.56
CA LEU A 160 16.84 30.02 -38.24
C LEU A 160 15.76 30.80 -38.96
N GLU A 161 15.18 30.17 -39.97
CA GLU A 161 14.07 30.75 -40.75
C GLU A 161 12.81 29.96 -40.44
N LEU A 162 11.96 30.50 -39.59
CA LEU A 162 10.68 29.90 -39.26
C LEU A 162 9.56 30.63 -39.98
N ASP A 163 8.75 29.88 -40.75
CA ASP A 163 7.56 30.46 -41.34
C ASP A 163 6.42 30.42 -40.31
N ASP A 164 5.26 30.91 -40.72
CA ASP A 164 4.12 30.95 -39.79
C ASP A 164 3.67 29.53 -39.43
N ALA A 165 3.74 28.60 -40.38
CA ALA A 165 3.24 27.25 -40.13
C ALA A 165 4.11 26.52 -39.09
N ALA A 166 5.43 26.54 -39.28
CA ALA A 166 6.31 25.92 -38.30
C ALA A 166 6.20 26.60 -36.95
N ASN A 167 6.07 27.93 -36.95
CA ASN A 167 5.91 28.66 -35.70
C ASN A 167 4.66 28.22 -34.96
N GLN A 168 3.53 28.07 -35.67
CA GLN A 168 2.31 27.67 -34.98
C GLN A 168 2.34 26.22 -34.56
N VAL A 169 3.02 25.36 -35.32
CA VAL A 169 3.18 23.96 -34.89
C VAL A 169 3.99 23.88 -33.60
N LEU A 170 5.11 24.61 -33.56
CA LEU A 170 5.93 24.65 -32.35
C LEU A 170 5.16 25.24 -31.18
N CYS A 171 4.41 26.32 -31.43
CA CYS A 171 3.56 26.90 -30.40
C CYS A 171 2.43 25.98 -30.00
N TYR A 172 2.08 25.01 -30.83
CA TYR A 172 1.04 24.05 -30.47
C TYR A 172 1.58 22.96 -29.56
N CYS A 173 2.66 22.30 -29.99
CA CYS A 173 3.14 21.16 -29.22
C CYS A 173 3.73 21.57 -27.87
N TYR A 174 4.33 22.75 -27.78
CA TYR A 174 5.04 23.19 -26.59
C TYR A 174 4.43 24.49 -26.08
N GLU A 175 3.57 24.39 -25.07
CA GLU A 175 3.04 25.53 -24.35
C GLU A 175 3.32 25.35 -22.87
N GLY A 176 3.76 26.41 -22.22
CA GLY A 176 4.28 26.27 -20.87
C GLY A 176 5.50 25.40 -20.82
N ASN A 177 6.12 25.15 -21.96
CA ASN A 177 7.21 24.21 -22.15
C ASN A 177 8.33 24.87 -22.93
N LEU A 178 8.67 26.10 -22.53
CA LEU A 178 9.64 26.89 -23.27
C LEU A 178 11.01 26.23 -23.27
N LEU A 179 11.34 25.50 -22.20
CA LEU A 179 12.60 24.76 -22.16
C LEU A 179 12.66 23.73 -23.28
N ALA A 180 11.64 22.90 -23.38
CA ALA A 180 11.60 21.90 -24.44
C ALA A 180 11.43 22.55 -25.81
N LEU A 181 10.81 23.72 -25.87
CA LEU A 181 10.69 24.42 -27.15
C LEU A 181 12.05 24.90 -27.64
N ALA A 182 12.84 25.49 -26.75
CA ALA A 182 14.20 25.89 -27.11
C ALA A 182 15.04 24.67 -27.47
N GLN A 183 14.88 23.59 -26.72
CA GLN A 183 15.59 22.35 -27.07
C GLN A 183 15.15 21.81 -28.42
N ALA A 184 13.87 21.99 -28.78
CA ALA A 184 13.39 21.56 -30.09
C ALA A 184 14.01 22.38 -31.20
N LEU A 185 14.12 23.69 -30.99
CA LEU A 185 14.80 24.53 -31.97
C LEU A 185 16.27 24.13 -32.11
N GLU A 186 16.93 23.85 -30.98
CA GLU A 186 18.32 23.40 -31.02
C GLU A 186 18.46 22.07 -31.76
N ARG A 187 17.54 21.13 -31.50
CA ARG A 187 17.57 19.84 -32.18
C ARG A 187 17.32 19.99 -33.67
N LEU A 188 16.44 20.92 -34.05
CA LEU A 188 16.17 21.15 -35.46
C LEU A 188 17.36 21.79 -36.15
N SER A 189 18.07 22.66 -35.43
CA SER A 189 19.32 23.21 -35.96
C SER A 189 20.36 22.11 -36.14
N LEU A 190 20.43 21.18 -35.18
CA LEU A 190 21.35 20.05 -35.30
C LEU A 190 20.98 19.15 -36.48
N LEU A 191 19.68 18.90 -36.67
CA LEU A 191 19.24 17.99 -37.72
C LEU A 191 19.60 18.52 -39.10
N TRP A 192 19.45 19.82 -39.31
CA TRP A 192 19.76 20.45 -40.59
C TRP A 192 20.63 21.67 -40.37
N PRO A 193 21.90 21.63 -40.77
CA PRO A 193 22.73 22.85 -40.71
C PRO A 193 22.33 23.90 -41.72
N ASP A 194 21.29 23.65 -42.52
CA ASP A 194 20.80 24.65 -43.46
C ASP A 194 20.27 25.86 -42.73
N GLY A 195 19.61 25.64 -41.59
CA GLY A 195 18.99 26.72 -40.84
C GLY A 195 17.65 27.17 -41.37
N LYS A 196 17.13 26.51 -42.40
CA LYS A 196 15.84 26.86 -43.00
C LYS A 196 14.84 25.79 -42.57
N LEU A 197 13.90 26.18 -41.72
CA LEU A 197 12.91 25.27 -41.17
C LEU A 197 11.57 25.47 -41.88
N THR A 198 11.02 24.41 -42.43
CA THR A 198 9.73 24.42 -43.11
C THR A 198 8.72 23.62 -42.30
N LEU A 199 7.52 23.46 -42.87
CA LEU A 199 6.46 22.74 -42.18
C LEU A 199 6.81 21.27 -41.92
N PRO A 200 7.22 20.46 -42.91
CA PRO A 200 7.47 19.04 -42.64
C PRO A 200 8.67 18.81 -41.74
N ARG A 201 9.69 19.65 -41.85
CA ARG A 201 10.89 19.50 -41.03
C ARG A 201 10.55 19.55 -39.55
N VAL A 202 9.84 20.60 -39.14
CA VAL A 202 9.44 20.68 -37.74
C VAL A 202 8.37 19.64 -37.41
N GLU A 203 7.49 19.33 -38.37
CA GLU A 203 6.40 18.41 -38.09
C GLU A 203 6.92 17.02 -37.75
N GLN A 204 7.97 16.56 -38.44
CA GLN A 204 8.50 15.23 -38.18
C GLN A 204 9.16 15.16 -36.81
N ALA A 205 10.03 16.11 -36.49
CA ALA A 205 10.84 16.05 -35.28
C ALA A 205 10.25 16.90 -34.16
N VAL A 206 9.07 16.49 -33.70
CA VAL A 206 8.38 17.21 -32.63
C VAL A 206 7.49 16.22 -31.89
N ASN A 207 7.40 16.40 -30.57
CA ASN A 207 6.52 15.61 -29.73
C ASN A 207 5.52 16.54 -29.04
N ASP A 208 4.35 15.98 -28.74
CA ASP A 208 3.27 16.76 -28.10
C ASP A 208 3.49 16.77 -26.59
N ALA A 209 4.54 17.47 -26.17
CA ALA A 209 4.88 17.49 -24.75
C ALA A 209 3.91 18.38 -23.97
N ALA A 210 3.95 19.68 -24.24
CA ALA A 210 3.01 20.66 -23.70
C ALA A 210 3.00 20.71 -22.17
N HIS A 211 2.37 21.74 -21.61
CA HIS A 211 2.14 21.82 -20.18
C HIS A 211 1.05 22.85 -19.93
N PHE A 212 -0.10 22.41 -19.46
CA PHE A 212 -1.24 23.28 -19.25
C PHE A 212 -1.66 23.25 -17.79
N THR A 213 -2.34 24.31 -17.39
CA THR A 213 -2.95 24.43 -16.07
C THR A 213 -4.46 24.51 -16.24
N PRO A 214 -5.23 24.14 -15.21
CA PRO A 214 -6.70 24.14 -15.37
C PRO A 214 -7.28 25.45 -15.85
N PHE A 215 -6.57 26.57 -15.60
CA PHE A 215 -7.03 27.85 -16.10
C PHE A 215 -7.04 27.86 -17.63
N HIS A 216 -6.07 27.20 -18.26
CA HIS A 216 -6.08 27.10 -19.70
C HIS A 216 -7.30 26.33 -20.19
N TRP A 217 -7.66 25.25 -19.49
CA TRP A 217 -8.84 24.47 -19.85
C TRP A 217 -10.10 25.31 -19.73
N VAL A 218 -10.23 26.05 -18.63
CA VAL A 218 -11.43 26.87 -18.43
C VAL A 218 -11.51 27.97 -19.47
N ASP A 219 -10.38 28.59 -19.81
CA ASP A 219 -10.37 29.62 -20.85
C ASP A 219 -10.75 29.03 -22.19
N ALA A 220 -10.23 27.85 -22.52
CA ALA A 220 -10.60 27.20 -23.78
C ALA A 220 -12.09 26.91 -23.82
N LEU A 221 -12.66 26.49 -22.69
CA LEU A 221 -14.10 26.28 -22.63
C LEU A 221 -14.86 27.58 -22.88
N LEU A 222 -14.41 28.67 -22.25
CA LEU A 222 -15.11 29.94 -22.42
C LEU A 222 -15.04 30.44 -23.85
N MET A 223 -13.90 30.27 -24.52
CA MET A 223 -13.84 30.60 -25.94
C MET A 223 -14.58 29.58 -26.82
N GLY A 224 -14.94 28.43 -26.27
CA GLY A 224 -15.68 27.43 -27.03
C GLY A 224 -14.89 26.79 -28.14
N LYS A 225 -13.61 26.53 -27.93
CA LYS A 225 -12.75 25.86 -28.91
C LYS A 225 -12.66 24.38 -28.52
N SER A 226 -13.31 23.53 -29.31
CA SER A 226 -13.40 22.12 -28.95
C SER A 226 -12.04 21.45 -28.95
N LYS A 227 -11.29 21.58 -30.04
CA LYS A 227 -10.02 20.89 -30.15
C LYS A 227 -9.02 21.39 -29.11
N ARG A 228 -8.99 22.70 -28.88
CA ARG A 228 -8.08 23.27 -27.90
C ARG A 228 -8.39 22.76 -26.50
N ALA A 229 -9.67 22.78 -26.12
CA ALA A 229 -10.05 22.31 -24.79
C ALA A 229 -9.76 20.82 -24.62
N LEU A 230 -10.04 20.02 -25.66
CA LEU A 230 -9.79 18.58 -25.56
C LEU A 230 -8.30 18.28 -25.49
N HIS A 231 -7.48 19.02 -26.25
CA HIS A 231 -6.04 18.88 -26.15
C HIS A 231 -5.56 19.21 -24.74
N ILE A 232 -6.08 20.29 -24.17
CA ILE A 232 -5.69 20.66 -22.82
C ILE A 232 -6.09 19.56 -21.84
N LEU A 233 -7.29 19.02 -21.98
CA LEU A 233 -7.75 17.98 -21.06
C LEU A 233 -6.89 16.73 -21.16
N GLN A 234 -6.57 16.31 -22.39
CA GLN A 234 -5.68 15.16 -22.56
C GLN A 234 -4.32 15.43 -21.95
N GLN A 235 -3.81 16.66 -22.09
CA GLN A 235 -2.49 16.99 -21.57
C GLN A 235 -2.47 16.94 -20.05
N LEU A 236 -3.49 17.48 -19.39
CA LEU A 236 -3.56 17.36 -17.94
C LEU A 236 -3.84 15.93 -17.48
N ARG A 237 -4.48 15.10 -18.30
CA ARG A 237 -4.60 13.69 -17.92
C ARG A 237 -3.24 13.01 -17.95
N LEU A 238 -2.50 13.18 -19.04
CA LEU A 238 -1.19 12.53 -19.16
C LEU A 238 -0.21 13.08 -18.12
N GLU A 239 -0.26 14.38 -17.86
CA GLU A 239 0.63 14.99 -16.86
C GLU A 239 0.36 14.47 -15.46
N GLY A 240 -0.82 13.90 -15.21
CA GLY A 240 -1.15 13.40 -13.90
C GLY A 240 -1.83 14.40 -12.99
N SER A 241 -2.51 15.41 -13.56
CA SER A 241 -3.19 16.40 -12.74
C SER A 241 -4.36 15.78 -11.99
N GLU A 242 -4.61 16.28 -10.79
CA GLU A 242 -5.75 15.81 -10.00
C GLU A 242 -7.03 16.32 -10.63
N PRO A 243 -7.97 15.44 -11.00
CA PRO A 243 -9.20 15.91 -11.65
C PRO A 243 -10.07 16.79 -10.77
N VAL A 244 -9.96 16.68 -9.45
CA VAL A 244 -10.79 17.52 -8.57
C VAL A 244 -10.36 18.99 -8.65
N ILE A 245 -9.08 19.25 -8.88
CA ILE A 245 -8.63 20.62 -9.15
C ILE A 245 -9.31 21.16 -10.39
N LEU A 246 -9.37 20.35 -11.45
CA LEU A 246 -10.08 20.73 -12.66
C LEU A 246 -11.55 21.01 -12.36
N LEU A 247 -12.16 20.16 -11.53
CA LEU A 247 -13.56 20.33 -11.19
C LEU A 247 -13.80 21.67 -10.52
N ARG A 248 -12.96 22.03 -9.54
CA ARG A 248 -13.14 23.29 -8.84
C ARG A 248 -12.89 24.49 -9.75
N THR A 249 -11.84 24.40 -10.57
CA THR A 249 -11.51 25.51 -11.47
C THR A 249 -12.63 25.75 -12.48
N LEU A 250 -13.21 24.67 -13.03
CA LEU A 250 -14.35 24.83 -13.92
C LEU A 250 -15.58 25.30 -13.17
N GLN A 251 -15.78 24.81 -11.94
CA GLN A 251 -17.00 25.10 -11.21
C GLN A 251 -17.10 26.59 -10.88
N ARG A 252 -15.99 27.21 -10.49
CA ARG A 252 -16.05 28.63 -10.16
C ARG A 252 -16.59 29.45 -11.33
N GLU A 253 -15.98 29.28 -12.51
CA GLU A 253 -16.42 30.03 -13.68
C GLU A 253 -17.80 29.60 -14.16
N LEU A 254 -18.16 28.33 -13.96
CA LEU A 254 -19.49 27.88 -14.40
C LEU A 254 -20.59 28.48 -13.54
N LEU A 255 -20.39 28.52 -12.23
CA LEU A 255 -21.38 29.16 -11.37
C LEU A 255 -21.42 30.67 -11.60
N LEU A 256 -20.26 31.27 -11.90
CA LEU A 256 -20.28 32.68 -12.30
C LEU A 256 -21.09 32.87 -13.58
N LEU A 257 -20.93 31.96 -14.55
CA LEU A 257 -21.70 32.05 -15.78
C LEU A 257 -23.19 31.91 -15.53
N VAL A 258 -23.57 30.99 -14.64
CA VAL A 258 -24.98 30.80 -14.31
C VAL A 258 -25.54 32.07 -13.67
N ASN A 259 -24.81 32.64 -12.72
CA ASN A 259 -25.25 33.88 -12.08
C ASN A 259 -25.39 35.00 -13.09
N LEU A 260 -24.42 35.15 -13.99
CA LEU A 260 -24.45 36.22 -14.96
C LEU A 260 -25.62 36.06 -15.92
N LYS A 261 -25.85 34.84 -16.43
CA LYS A 261 -26.95 34.64 -17.36
C LYS A 261 -28.30 34.83 -16.68
N ARG A 262 -28.41 34.48 -15.39
CA ARG A 262 -29.67 34.71 -14.69
C ARG A 262 -29.89 36.20 -14.45
N GLN A 263 -28.85 36.95 -14.08
CA GLN A 263 -29.01 38.36 -13.76
C GLN A 263 -29.00 39.25 -14.98
N SER A 264 -28.63 38.75 -16.16
CA SER A 264 -28.55 39.59 -17.35
C SER A 264 -29.91 40.04 -17.85
N ALA A 265 -31.01 39.50 -17.33
CA ALA A 265 -32.34 39.95 -17.74
C ALA A 265 -32.68 41.32 -17.17
N HIS A 266 -32.06 41.73 -16.06
CA HIS A 266 -32.34 43.01 -15.45
C HIS A 266 -31.20 44.01 -15.54
N THR A 267 -29.98 43.55 -15.83
CA THR A 267 -28.81 44.41 -15.82
C THR A 267 -27.92 44.08 -16.99
N PRO A 268 -27.36 45.09 -17.67
CA PRO A 268 -26.38 44.80 -18.73
C PRO A 268 -25.15 44.12 -18.16
N LEU A 269 -24.48 43.32 -19.00
CA LEU A 269 -23.38 42.50 -18.52
C LEU A 269 -22.23 43.32 -17.98
N ARG A 270 -22.11 44.59 -18.37
CA ARG A 270 -21.02 45.42 -17.88
C ARG A 270 -21.13 45.62 -16.37
N ALA A 271 -22.31 46.00 -15.89
CA ALA A 271 -22.50 46.24 -14.46
C ALA A 271 -22.40 44.95 -13.67
N LEU A 272 -22.82 43.81 -14.26
CA LEU A 272 -22.62 42.52 -13.59
C LEU A 272 -21.14 42.21 -13.44
N PHE A 273 -20.37 42.41 -14.51
CA PHE A 273 -18.93 42.24 -14.45
C PHE A 273 -18.32 43.11 -13.35
N ASP A 274 -18.75 44.38 -13.28
CA ASP A 274 -18.26 45.26 -12.23
C ASP A 274 -18.66 44.76 -10.85
N LYS A 275 -19.86 44.22 -10.72
CA LYS A 275 -20.32 43.71 -9.44
C LYS A 275 -19.46 42.56 -8.95
N HIS A 276 -19.08 41.65 -9.84
CA HIS A 276 -18.37 40.45 -9.42
C HIS A 276 -16.84 40.59 -9.42
N ARG A 277 -16.31 41.76 -9.76
CA ARG A 277 -14.86 42.00 -9.77
C ARG A 277 -14.17 40.97 -10.67
N VAL A 278 -14.47 41.08 -11.96
CA VAL A 278 -13.85 40.26 -12.99
C VAL A 278 -13.08 41.18 -13.93
N TRP A 279 -11.91 40.71 -14.38
CA TRP A 279 -10.99 41.59 -15.08
C TRP A 279 -11.30 41.67 -16.57
N GLN A 280 -10.67 42.65 -17.23
CA GLN A 280 -11.09 43.05 -18.58
C GLN A 280 -10.85 41.93 -19.60
N ASN A 281 -9.66 41.32 -19.56
CA ASN A 281 -9.40 40.20 -20.46
C ASN A 281 -10.34 39.04 -20.17
N ARG A 282 -10.63 38.79 -18.88
CA ARG A 282 -11.67 37.85 -18.54
C ARG A 282 -13.04 38.35 -19.01
N ARG A 283 -13.26 39.67 -18.94
CA ARG A 283 -14.55 40.22 -19.32
C ARG A 283 -14.88 39.93 -20.78
N GLY A 284 -13.89 40.06 -21.66
CA GLY A 284 -14.15 39.84 -23.07
C GLY A 284 -14.60 38.42 -23.37
N MET A 285 -13.86 37.44 -22.87
CA MET A 285 -14.22 36.05 -23.15
C MET A 285 -15.49 35.62 -22.42
N MET A 286 -15.74 36.17 -21.22
CA MET A 286 -16.99 35.82 -20.55
C MET A 286 -18.19 36.44 -21.24
N GLY A 287 -18.05 37.65 -21.78
CA GLY A 287 -19.11 38.20 -22.60
C GLY A 287 -19.32 37.40 -23.88
N GLU A 288 -18.24 36.90 -24.47
CA GLU A 288 -18.37 36.04 -25.64
C GLU A 288 -19.10 34.74 -25.29
N ALA A 289 -18.83 34.19 -24.11
CA ALA A 289 -19.44 32.93 -23.71
C ALA A 289 -20.89 33.08 -23.29
N LEU A 290 -21.23 34.20 -22.64
CA LEU A 290 -22.57 34.35 -22.04
C LEU A 290 -23.67 34.31 -23.08
N ASN A 291 -23.40 34.76 -24.31
CA ASN A 291 -24.40 34.75 -25.37
C ASN A 291 -24.18 33.61 -26.36
N ARG A 292 -23.53 32.53 -25.94
CA ARG A 292 -23.24 31.37 -26.78
C ARG A 292 -23.96 30.15 -26.18
N LEU A 293 -25.18 29.90 -26.66
CA LEU A 293 -26.02 28.79 -26.22
C LEU A 293 -26.03 28.71 -24.69
N SER A 294 -26.71 29.67 -24.10
CA SER A 294 -26.82 29.72 -22.66
C SER A 294 -28.22 29.30 -22.21
N GLN A 295 -28.40 29.23 -20.89
CA GLN A 295 -29.67 28.92 -20.24
C GLN A 295 -30.11 27.47 -20.45
N THR A 296 -29.37 26.72 -21.25
CA THR A 296 -29.55 25.28 -21.32
C THR A 296 -28.28 24.54 -20.95
N GLN A 297 -27.14 24.93 -21.49
CA GLN A 297 -25.89 24.31 -21.08
C GLN A 297 -25.50 24.71 -19.67
N LEU A 298 -26.04 25.81 -19.14
CA LEU A 298 -25.61 26.24 -17.82
C LEU A 298 -26.27 25.48 -16.68
N ARG A 299 -27.37 24.78 -16.93
CA ARG A 299 -27.89 23.85 -15.94
C ARG A 299 -27.59 22.40 -16.28
N GLN A 300 -27.56 22.06 -17.57
CA GLN A 300 -27.17 20.72 -17.99
C GLN A 300 -25.71 20.45 -17.65
N ALA A 301 -24.83 21.43 -17.87
CA ALA A 301 -23.42 21.28 -17.52
C ALA A 301 -23.22 21.25 -16.01
N VAL A 302 -24.01 22.01 -15.25
CA VAL A 302 -23.93 21.92 -13.80
C VAL A 302 -24.37 20.54 -13.33
N GLN A 303 -25.39 19.97 -14.00
CA GLN A 303 -25.82 18.62 -13.69
C GLN A 303 -24.70 17.61 -13.95
N LEU A 304 -24.07 17.71 -15.11
CA LEU A 304 -22.98 16.79 -15.42
C LEU A 304 -21.80 16.98 -14.48
N LEU A 305 -21.50 18.24 -14.12
CA LEU A 305 -20.41 18.52 -13.20
C LEU A 305 -20.70 17.94 -11.82
N THR A 306 -21.94 18.03 -11.36
CA THR A 306 -22.31 17.41 -10.09
C THR A 306 -22.18 15.89 -10.16
N ARG A 307 -22.57 15.31 -11.30
CA ARG A 307 -22.40 13.88 -11.48
C ARG A 307 -20.94 13.48 -11.37
N THR A 308 -20.06 14.20 -12.06
CA THR A 308 -18.63 13.89 -11.98
C THR A 308 -18.11 14.08 -10.56
N GLU A 309 -18.55 15.13 -9.88
CA GLU A 309 -18.09 15.39 -8.52
C GLU A 309 -18.47 14.27 -7.58
N LEU A 310 -19.74 13.86 -7.60
CA LEU A 310 -20.15 12.79 -6.70
C LEU A 310 -19.47 11.47 -7.04
N THR A 311 -19.37 11.14 -8.33
CA THR A 311 -18.71 9.89 -8.72
C THR A 311 -17.24 9.89 -8.30
N LEU A 312 -16.56 11.02 -8.46
CA LEU A 312 -15.18 11.13 -8.03
C LEU A 312 -15.04 11.01 -6.52
N LYS A 313 -15.94 11.63 -5.77
CA LYS A 313 -15.77 11.72 -4.33
C LYS A 313 -16.43 10.59 -3.55
N GLN A 314 -17.09 9.63 -4.20
CA GLN A 314 -17.54 8.47 -3.45
C GLN A 314 -16.57 7.29 -3.57
N ASP A 315 -16.25 6.87 -4.79
CA ASP A 315 -15.39 5.71 -5.00
C ASP A 315 -13.93 6.14 -4.99
N TYR A 316 -13.04 5.24 -5.40
CA TYR A 316 -11.62 5.56 -5.53
C TYR A 316 -11.05 5.19 -6.89
N GLY A 317 -11.85 4.63 -7.79
CA GLY A 317 -11.40 4.30 -9.13
C GLY A 317 -11.44 5.42 -10.13
N GLN A 318 -11.92 6.61 -9.73
CA GLN A 318 -11.91 7.80 -10.58
C GLN A 318 -12.70 7.56 -11.87
N SER A 319 -11.98 7.42 -12.99
CA SER A 319 -12.58 7.24 -14.31
C SER A 319 -13.52 8.41 -14.65
N VAL A 320 -13.13 9.61 -14.25
CA VAL A 320 -13.93 10.81 -14.51
C VAL A 320 -13.46 11.60 -15.72
N TRP A 321 -12.36 11.20 -16.36
CA TRP A 321 -11.79 12.00 -17.43
C TRP A 321 -12.71 12.01 -18.65
N ALA A 322 -13.41 10.91 -18.92
CA ALA A 322 -14.37 10.90 -20.01
C ALA A 322 -15.56 11.81 -19.71
N GLU A 323 -15.97 11.86 -18.44
CA GLU A 323 -17.02 12.79 -18.05
C GLU A 323 -16.56 14.23 -18.21
N LEU A 324 -15.29 14.50 -17.89
CA LEU A 324 -14.73 15.80 -18.17
C LEU A 324 -14.68 16.09 -19.66
N GLU A 325 -14.49 15.08 -20.50
CA GLU A 325 -14.63 15.28 -21.94
C GLU A 325 -16.06 15.67 -22.29
N GLY A 326 -17.04 15.06 -21.63
CA GLY A 326 -18.41 15.46 -21.83
C GLY A 326 -18.64 16.93 -21.50
N LEU A 327 -18.09 17.38 -20.37
CA LEU A 327 -18.17 18.80 -20.03
C LEU A 327 -17.44 19.66 -21.06
N SER A 328 -16.26 19.23 -21.50
CA SER A 328 -15.51 20.00 -22.47
C SER A 328 -16.27 20.17 -23.77
N LEU A 329 -17.07 19.17 -24.14
CA LEU A 329 -17.87 19.24 -25.35
C LEU A 329 -19.19 19.95 -25.16
N LEU A 330 -19.73 20.01 -23.94
CA LEU A 330 -21.02 20.66 -23.75
C LEU A 330 -20.90 22.18 -23.78
N LEU A 331 -19.83 22.72 -23.21
CA LEU A 331 -19.64 24.16 -23.09
C LEU A 331 -18.99 24.78 -24.33
N CYS A 332 -18.84 24.01 -25.40
CA CYS A 332 -18.22 24.49 -26.63
C CYS A 332 -19.18 24.41 -27.80
N HIS A 333 -20.47 24.68 -27.55
CA HIS A 333 -21.49 24.74 -28.58
C HIS A 333 -21.64 23.43 -29.34
N LYS A 334 -21.40 22.31 -28.65
CA LYS A 334 -21.59 20.96 -29.20
C LYS A 334 -22.55 20.24 -28.27
N PRO A 335 -23.86 20.33 -28.50
CA PRO A 335 -24.82 19.75 -27.56
C PRO A 335 -24.66 18.24 -27.43
N LEU A 336 -24.80 17.76 -26.20
CA LEU A 336 -24.73 16.36 -25.88
C LEU A 336 -26.11 15.73 -25.77
N ALA A 337 -26.14 14.49 -25.33
CA ALA A 337 -27.34 13.70 -25.15
C ALA A 337 -27.69 13.65 -23.67
N ASP A 338 -28.99 13.61 -23.40
CA ASP A 338 -29.45 13.52 -22.02
C ASP A 338 -29.03 12.22 -21.37
N VAL A 339 -28.73 11.19 -22.16
CA VAL A 339 -28.34 9.88 -21.61
C VAL A 339 -27.08 10.02 -20.76
N PHE A 340 -26.06 10.67 -21.31
CA PHE A 340 -24.81 10.86 -20.58
C PHE A 340 -24.90 11.96 -19.53
N ILE A 341 -25.73 12.97 -19.77
CA ILE A 341 -25.88 14.06 -18.80
C ILE A 341 -26.52 13.54 -17.52
N ASP A 342 -27.63 12.81 -17.65
CA ASP A 342 -28.38 12.37 -16.48
C ASP A 342 -27.71 11.18 -15.80
N GLY A 343 -27.53 10.09 -16.54
CA GLY A 343 -26.91 8.89 -16.00
C GLY A 343 -27.81 8.14 -15.03
N GLY B 1 19.61 -20.68 -34.88
CA GLY B 1 20.54 -19.57 -35.02
C GLY B 1 21.83 -19.74 -34.24
N PRO B 2 21.77 -19.51 -32.93
CA PRO B 2 22.98 -19.58 -32.11
C PRO B 2 23.35 -21.01 -31.73
N HIS B 3 24.37 -21.18 -30.89
CA HIS B 3 24.79 -22.51 -30.47
C HIS B 3 23.75 -23.09 -29.53
N MET B 4 22.80 -23.85 -30.09
CA MET B 4 21.55 -24.22 -29.44
C MET B 4 20.74 -22.96 -29.18
N SER B 5 19.46 -22.98 -29.51
CA SER B 5 18.69 -21.75 -29.71
C SER B 5 18.24 -21.10 -28.40
N TYR B 6 18.90 -21.40 -27.28
CA TYR B 6 18.50 -20.79 -26.02
C TYR B 6 18.65 -19.28 -26.05
N GLN B 7 19.60 -18.77 -26.83
CA GLN B 7 19.88 -17.33 -26.82
C GLN B 7 18.70 -16.55 -27.37
N VAL B 8 18.16 -15.66 -26.53
CA VAL B 8 16.89 -15.00 -26.83
C VAL B 8 17.06 -14.04 -28.00
N LEU B 9 16.03 -13.97 -28.85
CA LEU B 9 16.04 -13.03 -29.96
C LEU B 9 16.12 -11.58 -29.46
N ALA B 10 15.49 -11.30 -28.32
CA ALA B 10 15.49 -9.94 -27.79
C ALA B 10 16.90 -9.46 -27.47
N ARG B 11 17.70 -10.32 -26.81
CA ARG B 11 19.03 -9.93 -26.38
C ARG B 11 20.09 -10.20 -27.45
N LYS B 12 19.98 -11.31 -28.16
CA LYS B 12 20.92 -11.56 -29.24
C LYS B 12 20.84 -10.48 -30.31
N TRP B 13 19.63 -10.07 -30.66
CA TRP B 13 19.41 -9.00 -31.63
C TRP B 13 19.28 -7.69 -30.87
N ARG B 14 20.39 -6.97 -30.76
CA ARG B 14 20.48 -5.65 -30.18
C ARG B 14 21.45 -4.90 -31.08
N PRO B 15 21.17 -3.65 -31.43
CA PRO B 15 22.04 -2.95 -32.37
C PRO B 15 23.46 -2.84 -31.86
N GLN B 16 24.41 -3.03 -32.77
CA GLN B 16 25.82 -2.81 -32.50
C GLN B 16 26.41 -1.67 -33.29
N THR B 17 25.74 -1.24 -34.36
CA THR B 17 26.08 -0.02 -35.07
C THR B 17 24.81 0.81 -35.21
N PHE B 18 24.99 2.12 -35.44
CA PHE B 18 23.84 3.01 -35.54
C PHE B 18 22.91 2.60 -36.67
N ALA B 19 23.45 1.95 -37.71
CA ALA B 19 22.63 1.58 -38.86
C ALA B 19 21.71 0.41 -38.56
N ASP B 20 22.04 -0.44 -37.59
CA ASP B 20 21.21 -1.58 -37.26
C ASP B 20 19.97 -1.17 -36.47
N VAL B 21 19.93 0.05 -35.95
CA VAL B 21 18.75 0.54 -35.26
C VAL B 21 17.62 0.77 -36.25
N VAL B 22 16.42 0.35 -35.89
CA VAL B 22 15.22 0.57 -36.69
C VAL B 22 14.93 2.06 -36.64
N GLY B 23 13.97 2.52 -37.43
CA GLY B 23 13.88 3.94 -37.75
C GLY B 23 13.47 4.87 -36.63
N GLN B 24 14.34 5.01 -35.63
CA GLN B 24 14.29 6.14 -34.70
C GLN B 24 15.16 7.27 -35.23
N GLU B 25 14.84 7.70 -36.46
CA GLU B 25 15.77 8.50 -37.24
C GLU B 25 16.08 9.85 -36.60
N HIS B 26 15.14 10.39 -35.82
CA HIS B 26 15.33 11.72 -35.23
C HIS B 26 16.58 11.77 -34.36
N VAL B 27 16.61 10.95 -33.30
CA VAL B 27 17.72 10.97 -32.36
C VAL B 27 19.01 10.55 -33.03
N LEU B 28 18.96 9.55 -33.90
CA LEU B 28 20.18 9.09 -34.57
C LEU B 28 20.80 10.19 -35.41
N THR B 29 19.97 10.89 -36.21
CA THR B 29 20.49 11.96 -37.05
C THR B 29 21.03 13.11 -36.20
N ALA B 30 20.29 13.51 -35.17
CA ALA B 30 20.75 14.62 -34.34
C ALA B 30 22.05 14.29 -33.63
N LEU B 31 22.16 13.07 -33.08
CA LEU B 31 23.37 12.67 -32.38
C LEU B 31 24.54 12.54 -33.33
N ALA B 32 24.31 12.01 -34.53
CA ALA B 32 25.39 11.92 -35.51
C ALA B 32 25.90 13.30 -35.88
N ASN B 33 24.98 14.25 -36.09
CA ASN B 33 25.39 15.61 -36.41
C ASN B 33 26.17 16.24 -35.26
N GLY B 34 25.71 16.05 -34.04
CA GLY B 34 26.42 16.60 -32.89
C GLY B 34 27.80 16.01 -32.72
N LEU B 35 27.92 14.68 -32.88
CA LEU B 35 29.22 14.04 -32.75
C LEU B 35 30.18 14.49 -33.86
N SER B 36 29.69 14.56 -35.09
CA SER B 36 30.57 14.93 -36.20
C SER B 36 30.99 16.39 -36.12
N LEU B 37 30.09 17.27 -35.68
CA LEU B 37 30.39 18.70 -35.61
C LEU B 37 31.08 19.10 -34.32
N GLY B 38 31.17 18.21 -33.33
CA GLY B 38 31.80 18.53 -32.08
C GLY B 38 30.91 19.21 -31.06
N ARG B 39 29.68 19.55 -31.42
CA ARG B 39 28.75 20.17 -30.49
C ARG B 39 28.26 19.11 -29.51
N ILE B 40 28.72 19.18 -28.26
CA ILE B 40 28.45 18.17 -27.26
C ILE B 40 27.82 18.82 -26.03
N HIS B 41 26.69 18.27 -25.60
CA HIS B 41 26.10 18.65 -24.33
C HIS B 41 26.65 17.77 -23.21
N HIS B 42 26.60 18.29 -22.00
CA HIS B 42 27.14 17.55 -20.85
C HIS B 42 26.39 16.24 -20.63
N ALA B 43 25.06 16.28 -20.73
CA ALA B 43 24.23 15.10 -20.50
C ALA B 43 23.32 14.88 -21.70
N TYR B 44 23.00 13.61 -21.95
CA TYR B 44 22.15 13.20 -23.06
C TYR B 44 21.05 12.31 -22.49
N LEU B 45 19.96 12.91 -22.03
CA LEU B 45 18.84 12.13 -21.53
C LEU B 45 18.08 11.52 -22.69
N PHE B 46 17.87 10.21 -22.63
CA PHE B 46 17.11 9.48 -23.63
C PHE B 46 15.80 9.01 -23.00
N SER B 47 14.73 9.04 -23.78
CA SER B 47 13.44 8.65 -23.26
C SER B 47 12.54 8.19 -24.40
N GLY B 48 11.28 7.95 -24.06
CA GLY B 48 10.32 7.44 -25.02
C GLY B 48 9.51 6.31 -24.45
N THR B 49 9.37 5.23 -25.22
CA THR B 49 8.55 4.10 -24.84
C THR B 49 9.47 2.93 -24.47
N ARG B 50 8.91 1.97 -23.73
CA ARG B 50 9.57 0.70 -23.51
C ARG B 50 9.86 0.02 -24.84
N GLY B 51 11.03 -0.61 -24.94
CA GLY B 51 11.32 -1.42 -26.10
C GLY B 51 11.33 -0.68 -27.41
N VAL B 52 11.74 0.58 -27.41
CA VAL B 52 11.93 1.34 -28.64
C VAL B 52 13.37 1.75 -28.85
N GLY B 53 14.25 1.41 -27.92
CA GLY B 53 15.67 1.47 -28.16
C GLY B 53 16.49 2.46 -27.36
N LYS B 54 15.92 3.07 -26.32
CA LYS B 54 16.64 4.14 -25.65
C LYS B 54 17.93 3.65 -25.00
N THR B 55 17.90 2.45 -24.39
CA THR B 55 19.12 1.89 -23.85
C THR B 55 20.06 1.44 -24.95
N SER B 56 19.53 0.93 -26.06
CA SER B 56 20.38 0.59 -27.20
C SER B 56 21.07 1.83 -27.75
N ILE B 57 20.33 2.93 -27.89
CA ILE B 57 20.90 4.17 -28.41
C ILE B 57 21.96 4.70 -27.44
N ALA B 58 21.67 4.63 -26.14
CA ALA B 58 22.65 5.11 -25.16
C ALA B 58 23.92 4.27 -25.19
N ARG B 59 23.79 2.95 -25.30
CA ARG B 59 24.98 2.11 -25.39
C ARG B 59 25.78 2.41 -26.65
N LEU B 60 25.10 2.60 -27.77
CA LEU B 60 25.82 2.91 -29.01
C LEU B 60 26.49 4.28 -28.93
N LEU B 61 25.86 5.23 -28.26
CA LEU B 61 26.46 6.55 -28.10
C LEU B 61 27.68 6.49 -27.19
N ALA B 62 27.63 5.66 -26.14
CA ALA B 62 28.82 5.46 -25.31
C ALA B 62 29.94 4.82 -26.11
N LYS B 63 29.62 3.83 -26.94
CA LYS B 63 30.62 3.24 -27.81
C LYS B 63 31.23 4.29 -28.74
N GLY B 64 30.40 5.15 -29.32
CA GLY B 64 30.90 6.20 -30.17
C GLY B 64 31.74 7.22 -29.43
N LEU B 65 31.39 7.52 -28.17
CA LEU B 65 32.16 8.49 -27.39
C LEU B 65 33.54 7.94 -27.05
N ASN B 66 33.61 6.72 -26.55
CA ASN B 66 34.85 6.21 -26.00
C ASN B 66 35.69 5.44 -27.00
N CYS B 67 35.29 5.39 -28.26
CA CYS B 67 36.09 4.68 -29.25
C CYS B 67 37.39 5.41 -29.52
N GLU B 68 38.47 4.64 -29.70
CA GLU B 68 39.79 5.24 -29.82
C GLU B 68 40.00 5.93 -31.16
N THR B 69 39.19 5.61 -32.17
CA THR B 69 39.29 6.30 -33.45
C THR B 69 38.86 7.76 -33.36
N GLY B 70 38.26 8.17 -32.25
CA GLY B 70 37.79 9.52 -32.06
C GLY B 70 36.28 9.58 -31.88
N ILE B 71 35.81 10.78 -31.56
CA ILE B 71 34.38 11.00 -31.44
C ILE B 71 33.76 10.85 -32.82
N THR B 72 33.06 9.72 -33.02
CA THR B 72 32.50 9.38 -34.32
C THR B 72 31.06 8.92 -34.13
N ALA B 73 30.24 9.21 -35.14
CA ALA B 73 28.89 8.69 -35.17
C ALA B 73 28.85 7.19 -35.49
N THR B 74 29.97 6.62 -35.92
CA THR B 74 30.05 5.22 -36.32
C THR B 74 31.17 4.54 -35.54
N PRO B 75 30.86 3.92 -34.40
CA PRO B 75 31.85 3.10 -33.72
C PRO B 75 32.28 1.94 -34.62
N CYS B 76 33.58 1.65 -34.58
CA CYS B 76 34.20 0.72 -35.51
C CYS B 76 33.96 -0.73 -35.07
N GLY B 77 34.69 -1.65 -35.66
CA GLY B 77 34.46 -3.07 -35.44
C GLY B 77 35.30 -3.73 -34.35
N VAL B 78 36.62 -3.56 -34.37
CA VAL B 78 37.47 -4.33 -33.47
C VAL B 78 37.87 -3.48 -32.27
N CYS B 79 38.70 -2.46 -32.49
CA CYS B 79 38.91 -1.34 -31.58
C CYS B 79 38.80 -1.72 -30.10
N ASP B 80 39.66 -2.62 -29.62
CA ASP B 80 39.42 -3.43 -28.43
C ASP B 80 38.62 -2.73 -27.35
N ASN B 81 38.93 -1.46 -27.06
CA ASN B 81 38.13 -0.71 -26.11
C ASN B 81 36.68 -0.61 -26.58
N CYS B 82 36.47 -0.20 -27.83
CA CYS B 82 35.11 -0.11 -28.37
C CYS B 82 34.42 -1.46 -28.42
N ARG B 83 35.19 -2.56 -28.42
CA ARG B 83 34.58 -3.89 -28.33
C ARG B 83 34.18 -4.25 -26.91
N GLU B 84 34.92 -3.75 -25.90
CA GLU B 84 34.68 -4.16 -24.52
C GLU B 84 33.29 -3.77 -24.02
N ILE B 85 32.61 -2.84 -24.70
CA ILE B 85 31.26 -2.46 -24.27
C ILE B 85 30.27 -3.59 -24.53
N GLU B 86 30.41 -4.27 -25.67
CA GLU B 86 29.50 -5.36 -26.00
C GLU B 86 29.90 -6.66 -25.30
N GLN B 87 31.09 -7.17 -25.61
CA GLN B 87 31.58 -8.42 -25.05
C GLN B 87 32.55 -8.14 -23.92
N GLY B 88 32.29 -8.72 -22.76
CA GLY B 88 33.09 -8.44 -21.58
C GLY B 88 32.62 -7.20 -20.87
N ARG B 89 33.55 -6.41 -20.35
CA ARG B 89 33.20 -5.17 -19.66
C ARG B 89 34.18 -4.08 -20.07
N PHE B 90 33.68 -2.84 -20.08
CA PHE B 90 34.51 -1.67 -20.33
C PHE B 90 34.72 -0.93 -19.01
N VAL B 91 35.98 -0.57 -18.75
CA VAL B 91 36.32 0.03 -17.47
C VAL B 91 35.69 1.42 -17.33
N ASP B 92 35.86 2.26 -18.34
CA ASP B 92 35.43 3.66 -18.24
C ASP B 92 33.93 3.84 -18.45
N LEU B 93 33.25 2.90 -19.08
CA LEU B 93 31.80 2.99 -19.22
C LEU B 93 31.16 2.37 -18.00
N ILE B 94 30.46 3.18 -17.21
CA ILE B 94 29.77 2.72 -16.02
C ILE B 94 28.30 2.58 -16.37
N GLU B 95 27.78 1.36 -16.32
CA GLU B 95 26.36 1.10 -16.50
C GLU B 95 25.75 0.89 -15.13
N ILE B 96 24.80 1.76 -14.77
CA ILE B 96 24.13 1.70 -13.48
C ILE B 96 22.66 1.40 -13.73
N ASP B 97 22.13 0.42 -13.02
CA ASP B 97 20.70 0.21 -12.97
C ASP B 97 20.18 1.11 -11.85
N ALA B 98 19.78 2.33 -12.22
CA ALA B 98 19.33 3.29 -11.22
C ALA B 98 18.09 2.81 -10.49
N ALA B 99 17.41 1.80 -11.01
CA ALA B 99 16.31 1.19 -10.29
C ALA B 99 16.81 0.30 -9.16
N SER B 100 17.90 -0.42 -9.39
CA SER B 100 18.49 -1.24 -8.34
C SER B 100 19.27 -0.41 -7.34
N ARG B 101 19.78 0.74 -7.76
CA ARG B 101 20.68 1.54 -6.92
C ARG B 101 20.14 2.95 -6.75
N THR B 102 18.86 3.06 -6.41
CA THR B 102 18.21 4.36 -6.25
C THR B 102 18.81 5.18 -5.12
N LYS B 103 19.44 4.56 -4.14
CA LYS B 103 19.86 5.25 -2.93
C LYS B 103 20.93 6.29 -3.22
N VAL B 104 20.94 7.36 -2.42
CA VAL B 104 21.93 8.42 -2.59
C VAL B 104 23.33 7.92 -2.27
N GLU B 105 23.46 6.85 -1.50
CA GLU B 105 24.78 6.30 -1.17
C GLU B 105 25.35 5.54 -2.36
N ASP B 106 24.52 4.71 -3.00
CA ASP B 106 24.97 3.95 -4.15
C ASP B 106 25.40 4.87 -5.28
N THR B 107 24.62 5.92 -5.53
CA THR B 107 25.03 6.91 -6.52
C THR B 107 26.14 7.82 -6.01
N ARG B 108 26.27 7.97 -4.69
CA ARG B 108 27.36 8.76 -4.13
C ARG B 108 28.70 8.13 -4.47
N ASP B 109 28.78 6.80 -4.41
CA ASP B 109 30.02 6.13 -4.78
C ASP B 109 30.42 6.45 -6.21
N LEU B 110 29.47 6.44 -7.13
CA LEU B 110 29.81 6.67 -8.54
C LEU B 110 30.08 8.14 -8.81
N LEU B 111 29.34 9.03 -8.16
CA LEU B 111 29.62 10.45 -8.33
C LEU B 111 30.95 10.84 -7.70
N ASP B 112 31.45 10.05 -6.76
CA ASP B 112 32.83 10.20 -6.31
C ASP B 112 33.81 9.51 -7.24
N ASN B 113 33.36 8.51 -8.00
CA ASN B 113 34.16 7.98 -9.08
C ASN B 113 34.31 8.96 -10.24
N VAL B 114 33.43 9.97 -10.30
CA VAL B 114 33.47 10.92 -11.42
C VAL B 114 34.82 11.62 -11.50
N GLN B 115 35.35 12.07 -10.36
CA GLN B 115 36.53 12.94 -10.42
C GLN B 115 37.83 12.17 -10.66
N TYR B 116 37.79 10.85 -10.72
CA TYR B 116 38.97 10.08 -11.05
C TYR B 116 39.08 9.92 -12.56
N ALA B 117 40.30 9.85 -13.06
CA ALA B 117 40.52 9.85 -14.50
C ALA B 117 39.98 8.56 -15.13
N PRO B 118 39.49 8.65 -16.37
CA PRO B 118 39.16 7.44 -17.11
C PRO B 118 40.41 6.62 -17.38
N ALA B 119 40.25 5.30 -17.37
CA ALA B 119 41.40 4.42 -17.55
C ALA B 119 41.87 4.40 -18.99
N ARG B 120 40.98 4.01 -19.92
CA ARG B 120 41.34 3.85 -21.32
C ARG B 120 40.65 4.84 -22.23
N GLY B 121 39.32 4.91 -22.18
CA GLY B 121 38.58 5.79 -23.07
C GLY B 121 38.76 7.25 -22.71
N ARG B 122 38.37 8.10 -23.66
CA ARG B 122 38.47 9.55 -23.44
C ARG B 122 37.52 10.02 -22.35
N PHE B 123 36.29 9.51 -22.34
CA PHE B 123 35.23 10.05 -21.51
C PHE B 123 34.79 9.01 -20.49
N LYS B 124 34.65 9.44 -19.24
CA LYS B 124 34.08 8.61 -18.18
C LYS B 124 32.57 8.61 -18.40
N VAL B 125 32.10 7.71 -19.26
CA VAL B 125 30.70 7.70 -19.68
C VAL B 125 29.87 6.97 -18.64
N TYR B 126 28.73 7.55 -18.28
CA TYR B 126 27.80 6.96 -17.33
C TYR B 126 26.50 6.64 -18.05
N LEU B 127 26.03 5.39 -17.93
CA LEU B 127 24.76 4.97 -18.49
C LEU B 127 23.85 4.61 -17.34
N ILE B 128 22.93 5.51 -17.01
CA ILE B 128 22.07 5.36 -15.85
C ILE B 128 20.66 4.98 -16.32
N ASP B 129 20.40 3.68 -16.42
CA ASP B 129 19.09 3.19 -16.85
C ASP B 129 18.05 3.41 -15.76
N GLU B 130 16.81 3.61 -16.17
CA GLU B 130 15.70 3.90 -15.28
C GLU B 130 16.06 5.04 -14.32
N VAL B 131 16.42 6.18 -14.91
CA VAL B 131 16.91 7.31 -14.14
C VAL B 131 15.80 7.94 -13.31
N HIS B 132 14.54 7.68 -13.62
CA HIS B 132 13.43 8.29 -12.90
C HIS B 132 13.28 7.75 -11.48
N MET B 133 13.98 6.67 -11.13
CA MET B 133 13.79 6.02 -9.85
C MET B 133 14.78 6.48 -8.78
N LEU B 134 15.77 7.29 -9.13
CA LEU B 134 16.66 7.84 -8.12
C LEU B 134 15.86 8.68 -7.13
N SER B 135 16.24 8.62 -5.86
CA SER B 135 15.51 9.37 -4.84
C SER B 135 15.74 10.87 -5.02
N ARG B 136 15.12 11.65 -4.14
CA ARG B 136 15.31 13.10 -4.20
C ARG B 136 16.77 13.47 -3.95
N HIS B 137 17.42 12.80 -3.00
CA HIS B 137 18.80 13.10 -2.68
C HIS B 137 19.75 12.59 -3.76
N SER B 138 19.46 11.44 -4.36
CA SER B 138 20.24 10.98 -5.49
C SER B 138 20.13 11.96 -6.65
N PHE B 139 18.92 12.49 -6.89
CA PHE B 139 18.75 13.50 -7.92
C PHE B 139 19.52 14.77 -7.58
N ASN B 140 19.53 15.16 -6.30
CA ASN B 140 20.28 16.33 -5.90
C ASN B 140 21.77 16.15 -6.17
N ALA B 141 22.31 14.99 -5.82
CA ALA B 141 23.72 14.71 -6.08
C ALA B 141 24.02 14.71 -7.57
N LEU B 142 23.15 14.07 -8.37
CA LEU B 142 23.35 14.04 -9.80
C LEU B 142 23.31 15.43 -10.41
N LEU B 143 22.38 16.27 -9.95
CA LEU B 143 22.32 17.64 -10.43
C LEU B 143 23.58 18.40 -10.05
N LYS B 144 24.03 18.25 -8.80
CA LYS B 144 25.23 18.94 -8.37
C LYS B 144 26.43 18.56 -9.22
N THR B 145 26.53 17.28 -9.59
CA THR B 145 27.60 16.86 -10.50
C THR B 145 27.38 17.40 -11.90
N LEU B 146 26.12 17.54 -12.33
CA LEU B 146 25.83 18.05 -13.67
C LEU B 146 26.05 19.55 -13.81
N GLU B 147 26.08 20.30 -12.71
CA GLU B 147 26.33 21.74 -12.81
C GLU B 147 27.70 22.01 -13.41
N GLU B 148 28.74 21.41 -12.85
CA GLU B 148 30.11 21.57 -13.32
C GLU B 148 30.73 20.19 -13.51
N PRO B 149 30.44 19.53 -14.63
CA PRO B 149 31.09 18.25 -14.91
C PRO B 149 32.43 18.48 -15.59
N PRO B 150 33.42 17.65 -15.27
CA PRO B 150 34.70 17.76 -15.97
C PRO B 150 34.56 17.38 -17.44
N GLU B 151 35.56 17.78 -18.22
CA GLU B 151 35.52 17.57 -19.66
C GLU B 151 35.63 16.09 -20.05
N HIS B 152 35.98 15.21 -19.11
CA HIS B 152 36.16 13.80 -19.38
C HIS B 152 34.99 12.96 -18.90
N VAL B 153 33.84 13.57 -18.62
CA VAL B 153 32.70 12.88 -18.05
C VAL B 153 31.44 13.24 -18.82
N LYS B 154 30.68 12.24 -19.24
CA LYS B 154 29.37 12.43 -19.86
C LYS B 154 28.37 11.48 -19.24
N PHE B 155 27.13 11.95 -19.11
CA PHE B 155 26.06 11.19 -18.49
C PHE B 155 25.04 10.81 -19.56
N LEU B 156 24.64 9.54 -19.56
CA LEU B 156 23.63 9.03 -20.48
C LEU B 156 22.49 8.46 -19.65
N LEU B 157 21.35 9.14 -19.64
CA LEU B 157 20.21 8.74 -18.84
C LEU B 157 19.11 8.20 -19.75
N ALA B 158 18.54 7.08 -19.37
CA ALA B 158 17.42 6.46 -20.07
C ALA B 158 16.27 6.27 -19.10
N THR B 159 15.05 6.55 -19.56
CA THR B 159 13.87 6.42 -18.71
C THR B 159 12.65 6.30 -19.60
N THR B 160 11.55 5.86 -18.99
CA THR B 160 10.27 5.76 -19.67
C THR B 160 9.27 6.83 -19.25
N ASP B 161 9.41 7.38 -18.05
CA ASP B 161 8.52 8.41 -17.52
C ASP B 161 9.37 9.60 -17.09
N PRO B 162 9.72 10.49 -18.00
CA PRO B 162 10.58 11.63 -17.63
C PRO B 162 9.91 12.61 -16.70
N GLN B 163 8.59 12.59 -16.58
CA GLN B 163 7.89 13.55 -15.74
C GLN B 163 8.33 13.46 -14.29
N LYS B 164 8.88 12.33 -13.86
CA LYS B 164 9.38 12.21 -12.50
C LYS B 164 10.76 12.81 -12.33
N LEU B 165 11.47 13.10 -13.42
CA LEU B 165 12.74 13.80 -13.31
C LEU B 165 12.49 15.26 -12.96
N PRO B 166 13.29 15.83 -12.05
CA PRO B 166 13.12 17.26 -11.74
C PRO B 166 13.45 18.12 -12.94
N VAL B 167 12.86 19.32 -12.96
CA VAL B 167 13.13 20.26 -14.04
C VAL B 167 14.59 20.69 -14.01
N THR B 168 15.22 20.68 -12.83
CA THR B 168 16.63 21.03 -12.73
C THR B 168 17.51 20.02 -13.47
N ILE B 169 17.15 18.74 -13.42
CA ILE B 169 17.86 17.73 -14.19
C ILE B 169 17.56 17.89 -15.67
N LEU B 170 16.30 18.17 -16.01
CA LEU B 170 15.90 18.26 -17.41
C LEU B 170 16.51 19.47 -18.10
N SER B 171 16.76 20.56 -17.36
CA SER B 171 17.36 21.74 -17.96
C SER B 171 18.80 21.50 -18.36
N ARG B 172 19.52 20.66 -17.61
CA ARG B 172 20.90 20.34 -17.89
C ARG B 172 21.06 19.15 -18.83
N CYS B 173 19.97 18.46 -19.16
CA CYS B 173 19.99 17.30 -20.03
C CYS B 173 19.31 17.64 -21.34
N LEU B 174 19.98 17.35 -22.45
CA LEU B 174 19.38 17.52 -23.78
C LEU B 174 18.57 16.26 -24.07
N GLN B 175 17.30 16.31 -23.72
CA GLN B 175 16.45 15.11 -23.84
C GLN B 175 16.22 14.77 -25.30
N PHE B 176 16.38 13.50 -25.63
CA PHE B 176 16.07 12.97 -26.96
C PHE B 176 14.90 12.02 -26.82
N HIS B 177 13.75 12.41 -27.35
CA HIS B 177 12.52 11.63 -27.22
C HIS B 177 12.42 10.63 -28.36
N LEU B 178 12.23 9.36 -28.01
CA LEU B 178 12.08 8.29 -28.98
C LEU B 178 10.60 7.97 -29.15
N LYS B 179 10.14 7.91 -30.40
CA LYS B 179 8.74 7.67 -30.68
C LYS B 179 8.47 6.19 -30.84
N ALA B 180 7.29 5.76 -30.41
CA ALA B 180 6.89 4.36 -30.52
C ALA B 180 6.94 3.92 -31.98
N LEU B 181 7.49 2.74 -32.21
CA LEU B 181 7.73 2.29 -33.58
C LEU B 181 6.42 2.04 -34.31
N ASP B 182 6.43 2.29 -35.62
CA ASP B 182 5.28 2.03 -36.46
C ASP B 182 5.15 0.53 -36.73
N VAL B 183 3.96 0.14 -37.18
CA VAL B 183 3.72 -1.26 -37.50
C VAL B 183 4.60 -1.70 -38.67
N GLU B 184 4.83 -0.79 -39.62
CA GLU B 184 5.67 -1.14 -40.76
C GLU B 184 7.12 -1.38 -40.34
N GLN B 185 7.66 -0.50 -39.50
CA GLN B 185 9.04 -0.66 -39.05
C GLN B 185 9.21 -1.94 -38.24
N ILE B 186 8.28 -2.19 -37.31
CA ILE B 186 8.34 -3.39 -36.50
C ILE B 186 8.25 -4.63 -37.39
N ARG B 187 7.31 -4.63 -38.33
CA ARG B 187 7.15 -5.79 -39.21
C ARG B 187 8.39 -6.02 -40.05
N HIS B 188 8.99 -4.95 -40.59
CA HIS B 188 10.19 -5.11 -41.41
C HIS B 188 11.36 -5.63 -40.60
N GLN B 189 11.55 -5.12 -39.38
CA GLN B 189 12.65 -5.62 -38.55
C GLN B 189 12.43 -7.06 -38.15
N LEU B 190 11.18 -7.43 -37.83
CA LEU B 190 10.89 -8.83 -37.54
C LEU B 190 11.16 -9.71 -38.75
N GLU B 191 10.79 -9.24 -39.93
CA GLU B 191 11.06 -9.99 -41.15
C GLU B 191 12.55 -10.23 -41.32
N HIS B 192 13.35 -9.17 -41.15
CA HIS B 192 14.79 -9.30 -41.30
C HIS B 192 15.37 -10.24 -40.25
N ILE B 193 14.91 -10.12 -39.00
CA ILE B 193 15.42 -10.97 -37.92
C ILE B 193 15.13 -12.43 -38.21
N LEU B 194 13.90 -12.73 -38.62
CA LEU B 194 13.55 -14.13 -38.90
C LEU B 194 14.26 -14.64 -40.14
N ASN B 195 14.44 -13.80 -41.16
CA ASN B 195 15.16 -14.23 -42.35
C ASN B 195 16.62 -14.55 -42.03
N GLU B 196 17.25 -13.75 -41.18
CA GLU B 196 18.62 -14.04 -40.79
C GLU B 196 18.74 -15.13 -39.74
N GLU B 197 17.64 -15.50 -39.08
CA GLU B 197 17.64 -16.61 -38.14
C GLU B 197 17.31 -17.93 -38.81
N HIS B 198 17.10 -17.94 -40.14
CA HIS B 198 16.71 -19.14 -40.88
C HIS B 198 15.44 -19.75 -40.30
N ILE B 199 14.49 -18.90 -39.94
CA ILE B 199 13.22 -19.31 -39.34
C ILE B 199 12.14 -19.15 -40.40
N ALA B 200 11.41 -20.24 -40.68
CA ALA B 200 10.34 -20.20 -41.66
C ALA B 200 9.19 -19.36 -41.13
N HIS B 201 8.81 -18.33 -41.87
CA HIS B 201 7.79 -17.40 -41.43
C HIS B 201 6.79 -17.12 -42.55
N GLU B 202 5.54 -16.91 -42.17
CA GLU B 202 4.48 -16.51 -43.07
C GLU B 202 4.25 -15.01 -42.99
N PRO B 203 4.04 -14.35 -44.13
CA PRO B 203 3.97 -12.87 -44.12
C PRO B 203 2.88 -12.30 -43.23
N ARG B 204 1.72 -12.94 -43.15
CA ARG B 204 0.63 -12.37 -42.35
C ARG B 204 0.92 -12.46 -40.86
N ALA B 205 1.62 -13.51 -40.43
CA ALA B 205 1.93 -13.65 -39.00
C ALA B 205 2.77 -12.48 -38.51
N LEU B 206 3.68 -11.98 -39.35
CA LEU B 206 4.50 -10.84 -38.96
C LEU B 206 3.64 -9.60 -38.72
N GLN B 207 2.67 -9.35 -39.60
CA GLN B 207 1.78 -8.20 -39.41
C GLN B 207 0.94 -8.37 -38.16
N LEU B 208 0.47 -9.59 -37.90
CA LEU B 208 -0.28 -9.84 -36.68
C LEU B 208 0.56 -9.56 -35.45
N LEU B 209 1.82 -10.03 -35.46
CA LEU B 209 2.71 -9.80 -34.33
C LEU B 209 3.01 -8.31 -34.15
N ALA B 210 3.23 -7.60 -35.26
CA ALA B 210 3.52 -6.17 -35.17
C ALA B 210 2.33 -5.41 -34.61
N ARG B 211 1.13 -5.74 -35.08
CA ARG B 211 -0.07 -5.08 -34.55
C ARG B 211 -0.24 -5.39 -33.06
N ALA B 212 0.07 -6.62 -32.66
CA ALA B 212 -0.01 -7.00 -31.25
C ALA B 212 1.12 -6.43 -30.41
N ALA B 213 2.17 -5.89 -31.02
CA ALA B 213 3.31 -5.39 -30.26
C ALA B 213 2.99 -4.11 -29.52
N GLU B 214 2.04 -3.31 -30.02
CA GLU B 214 1.68 -2.00 -29.45
C GLU B 214 2.82 -1.00 -29.59
N GLY B 215 3.63 -1.13 -30.64
CA GLY B 215 4.65 -0.17 -30.96
C GLY B 215 6.03 -0.44 -30.37
N SER B 216 6.17 -1.40 -29.48
CA SER B 216 7.45 -1.71 -28.85
C SER B 216 8.09 -2.88 -29.58
N LEU B 217 9.33 -2.69 -30.04
CA LEU B 217 9.98 -3.74 -30.81
C LEU B 217 10.29 -4.95 -29.94
N ARG B 218 10.62 -4.74 -28.67
CA ARG B 218 10.91 -5.87 -27.79
C ARG B 218 9.68 -6.72 -27.54
N ASP B 219 8.50 -6.11 -27.46
CA ASP B 219 7.26 -6.86 -27.40
C ASP B 219 7.11 -7.76 -28.62
N ALA B 220 7.39 -7.21 -29.81
CA ALA B 220 7.33 -8.02 -31.02
C ALA B 220 8.32 -9.17 -30.96
N LEU B 221 9.54 -8.91 -30.48
CA LEU B 221 10.55 -9.97 -30.43
C LEU B 221 10.17 -11.06 -29.42
N SER B 222 9.64 -10.68 -28.27
CA SER B 222 9.22 -11.69 -27.29
C SER B 222 8.05 -12.50 -27.81
N LEU B 223 7.06 -11.83 -28.43
CA LEU B 223 5.96 -12.55 -29.04
C LEU B 223 6.44 -13.45 -30.16
N THR B 224 7.51 -13.06 -30.87
CA THR B 224 8.04 -13.87 -31.95
C THR B 224 8.71 -15.13 -31.40
N ASP B 225 9.51 -14.99 -30.35
CA ASP B 225 10.11 -16.17 -29.72
C ASP B 225 9.03 -17.10 -29.19
N GLN B 226 7.99 -16.54 -28.58
CA GLN B 226 6.89 -17.36 -28.09
C GLN B 226 6.15 -18.05 -29.24
N ALA B 227 5.97 -17.36 -30.36
CA ALA B 227 5.31 -17.98 -31.51
C ALA B 227 6.14 -19.13 -32.06
N ILE B 228 7.47 -18.99 -32.07
CA ILE B 228 8.32 -20.12 -32.45
C ILE B 228 8.15 -21.24 -31.44
N ALA B 229 7.98 -20.89 -30.16
CA ALA B 229 7.72 -21.91 -29.14
C ALA B 229 6.43 -22.66 -29.44
N SER B 230 5.35 -21.93 -29.70
CA SER B 230 4.09 -22.54 -30.08
C SER B 230 4.21 -23.03 -31.53
N GLY B 231 4.84 -24.19 -31.66
CA GLY B 231 5.15 -24.78 -32.94
C GLY B 231 6.49 -25.46 -32.88
N ASP B 232 7.04 -25.79 -34.05
CA ASP B 232 8.34 -26.45 -34.16
C ASP B 232 9.21 -25.64 -35.11
N GLY B 233 9.86 -24.61 -34.57
CA GLY B 233 10.81 -23.82 -35.35
C GLY B 233 10.23 -23.17 -36.59
N GLN B 234 8.94 -22.84 -36.59
CA GLN B 234 8.33 -22.19 -37.73
C GLN B 234 7.23 -21.26 -37.25
N VAL B 235 7.21 -20.06 -37.82
CA VAL B 235 6.25 -19.02 -37.43
C VAL B 235 5.10 -19.10 -38.44
N SER B 236 4.12 -19.94 -38.13
CA SER B 236 2.97 -20.13 -39.00
C SER B 236 1.85 -19.17 -38.61
N THR B 237 1.11 -18.71 -39.62
CA THR B 237 0.06 -17.72 -39.38
C THR B 237 -1.02 -18.25 -38.46
N GLN B 238 -1.43 -19.51 -38.65
CA GLN B 238 -2.48 -20.07 -37.79
C GLN B 238 -2.02 -20.16 -36.34
N ALA B 239 -0.79 -20.62 -36.12
CA ALA B 239 -0.28 -20.74 -34.76
C ALA B 239 -0.14 -19.37 -34.11
N VAL B 240 0.35 -18.39 -34.86
CA VAL B 240 0.51 -17.04 -34.32
C VAL B 240 -0.84 -16.43 -33.98
N SER B 241 -1.83 -16.61 -34.86
CA SER B 241 -3.16 -16.07 -34.59
C SER B 241 -3.81 -16.75 -33.39
N ALA B 242 -3.65 -18.07 -33.26
CA ALA B 242 -4.18 -18.77 -32.10
C ALA B 242 -3.51 -18.30 -30.81
N MET B 243 -2.19 -18.12 -30.84
CA MET B 243 -1.48 -17.61 -29.68
C MET B 243 -1.96 -16.21 -29.30
N LEU B 244 -2.13 -15.35 -30.30
CA LEU B 244 -2.60 -13.99 -30.04
C LEU B 244 -4.00 -14.00 -29.45
N GLY B 245 -4.89 -14.84 -29.98
CA GLY B 245 -6.21 -14.96 -29.41
C GLY B 245 -6.18 -15.45 -27.98
N THR B 246 -5.28 -16.40 -27.68
CA THR B 246 -5.11 -16.85 -26.31
C THR B 246 -4.65 -15.71 -25.41
N LEU B 247 -3.74 -14.88 -25.90
CA LEU B 247 -3.24 -13.73 -25.16
C LEU B 247 -4.17 -12.53 -25.21
N ASP B 248 -5.20 -12.57 -26.05
CA ASP B 248 -6.02 -11.39 -26.27
C ASP B 248 -6.85 -11.05 -25.04
N ASP B 249 -6.91 -9.75 -24.73
CA ASP B 249 -7.72 -9.23 -23.65
C ASP B 249 -8.68 -8.14 -24.12
N ASP B 250 -8.71 -7.85 -25.41
CA ASP B 250 -9.58 -6.80 -25.97
C ASP B 250 -10.96 -7.40 -26.23
N GLN B 251 -11.67 -7.67 -25.13
CA GLN B 251 -12.98 -8.30 -25.21
C GLN B 251 -14.11 -7.30 -25.32
N ALA B 252 -14.03 -6.18 -24.60
CA ALA B 252 -15.15 -5.24 -24.57
C ALA B 252 -15.37 -4.57 -25.91
N LEU B 253 -14.29 -4.18 -26.61
CA LEU B 253 -14.43 -3.55 -27.90
C LEU B 253 -15.04 -4.52 -28.92
N SER B 254 -14.59 -5.78 -28.91
CA SER B 254 -15.18 -6.78 -29.80
C SER B 254 -16.64 -7.02 -29.45
N LEU B 255 -16.96 -7.03 -28.15
CA LEU B 255 -18.34 -7.21 -27.73
C LEU B 255 -19.23 -6.09 -28.23
N VAL B 256 -18.75 -4.85 -28.14
CA VAL B 256 -19.54 -3.71 -28.63
C VAL B 256 -19.68 -3.79 -30.14
N GLU B 257 -18.61 -4.16 -30.85
CA GLU B 257 -18.70 -4.30 -32.30
C GLU B 257 -19.73 -5.34 -32.69
N ALA B 258 -19.73 -6.49 -32.02
CA ALA B 258 -20.66 -7.56 -32.38
C ALA B 258 -22.07 -7.30 -31.90
N MET B 259 -22.24 -6.58 -30.79
CA MET B 259 -23.57 -6.27 -30.29
C MET B 259 -24.24 -5.19 -31.13
N VAL B 260 -23.48 -4.17 -31.52
CA VAL B 260 -24.02 -3.14 -32.40
C VAL B 260 -24.37 -3.74 -33.76
N GLU B 261 -23.52 -4.63 -34.27
CA GLU B 261 -23.78 -5.33 -35.52
C GLU B 261 -24.94 -6.31 -35.40
N ALA B 262 -25.40 -6.61 -34.17
CA ALA B 262 -26.44 -7.60 -33.91
C ALA B 262 -26.01 -8.98 -34.41
N ASN B 263 -24.91 -9.47 -33.84
CA ASN B 263 -24.33 -10.76 -34.13
C ASN B 263 -24.38 -11.58 -32.85
N GLY B 264 -25.49 -12.29 -32.63
CA GLY B 264 -25.69 -12.98 -31.36
C GLY B 264 -24.68 -14.08 -31.10
N GLU B 265 -24.38 -14.89 -32.12
CA GLU B 265 -23.43 -15.97 -31.93
C GLU B 265 -22.03 -15.43 -31.63
N ARG B 266 -21.62 -14.36 -32.31
CA ARG B 266 -20.32 -13.76 -32.03
C ARG B 266 -20.28 -13.15 -30.64
N VAL B 267 -21.38 -12.52 -30.22
CA VAL B 267 -21.45 -11.97 -28.87
C VAL B 267 -21.31 -13.07 -27.83
N MET B 268 -22.01 -14.17 -28.03
CA MET B 268 -21.93 -15.27 -27.05
C MET B 268 -20.56 -15.92 -27.07
N ALA B 269 -19.94 -16.03 -28.24
CA ALA B 269 -18.59 -16.55 -28.31
C ALA B 269 -17.61 -15.65 -27.57
N LEU B 270 -17.76 -14.33 -27.72
CA LEU B 270 -16.87 -13.42 -27.01
C LEU B 270 -17.11 -13.46 -25.51
N ILE B 271 -18.36 -13.68 -25.09
CA ILE B 271 -18.63 -13.82 -23.66
C ILE B 271 -18.02 -15.12 -23.14
N ASN B 272 -18.05 -16.19 -23.94
CA ASN B 272 -17.37 -17.42 -23.56
C ASN B 272 -15.87 -17.18 -23.42
N GLU B 273 -15.27 -16.43 -24.35
CA GLU B 273 -13.86 -16.10 -24.23
C GLU B 273 -13.57 -15.33 -22.96
N ALA B 274 -14.39 -14.32 -22.67
CA ALA B 274 -14.18 -13.51 -21.47
C ALA B 274 -14.38 -14.34 -20.21
N ALA B 275 -15.20 -15.39 -20.28
CA ALA B 275 -15.38 -16.27 -19.13
C ALA B 275 -14.17 -17.18 -18.94
N ALA B 276 -13.67 -17.77 -20.03
CA ALA B 276 -12.55 -18.68 -19.93
C ALA B 276 -11.28 -17.98 -19.47
N ARG B 277 -11.16 -16.68 -19.75
CA ARG B 277 -10.01 -15.91 -19.29
C ARG B 277 -10.08 -15.54 -17.82
N GLY B 278 -11.18 -15.85 -17.14
CA GLY B 278 -11.34 -15.40 -15.77
C GLY B 278 -11.40 -13.90 -15.65
N ILE B 279 -11.99 -13.22 -16.64
CA ILE B 279 -12.09 -11.78 -16.63
C ILE B 279 -13.29 -11.35 -15.79
N GLU B 280 -13.07 -10.35 -14.94
CA GLU B 280 -14.15 -9.78 -14.15
C GLU B 280 -15.26 -9.27 -15.07
N TRP B 281 -16.50 -9.48 -14.66
CA TRP B 281 -17.66 -9.13 -15.48
C TRP B 281 -18.09 -7.69 -15.30
N GLU B 282 -18.07 -7.18 -14.07
CA GLU B 282 -18.35 -5.77 -13.86
C GLU B 282 -17.31 -4.92 -14.57
N ALA B 283 -16.05 -5.35 -14.57
CA ALA B 283 -15.02 -4.65 -15.33
C ALA B 283 -15.31 -4.68 -16.82
N LEU B 284 -15.84 -5.81 -17.32
CA LEU B 284 -16.20 -5.89 -18.72
C LEU B 284 -17.31 -4.90 -19.07
N LEU B 285 -18.33 -4.81 -18.21
CA LEU B 285 -19.41 -3.85 -18.44
C LEU B 285 -18.88 -2.42 -18.39
N VAL B 286 -17.99 -2.13 -17.46
CA VAL B 286 -17.42 -0.78 -17.34
C VAL B 286 -16.60 -0.44 -18.59
N GLU B 287 -15.83 -1.40 -19.10
CA GLU B 287 -15.07 -1.16 -20.32
C GLU B 287 -15.99 -0.90 -21.50
N MET B 288 -17.08 -1.67 -21.63
CA MET B 288 -18.03 -1.42 -22.70
C MET B 288 -18.69 -0.05 -22.57
N LEU B 289 -19.04 0.34 -21.34
CA LEU B 289 -19.61 1.66 -21.11
C LEU B 289 -18.66 2.75 -21.53
N GLY B 290 -17.39 2.62 -21.14
CA GLY B 290 -16.40 3.62 -21.52
C GLY B 290 -16.21 3.69 -23.02
N LEU B 291 -16.20 2.54 -23.69
CA LEU B 291 -16.05 2.54 -25.14
C LEU B 291 -17.22 3.24 -25.83
N LEU B 292 -18.45 2.96 -25.37
CA LEU B 292 -19.61 3.61 -25.98
C LEU B 292 -19.59 5.12 -25.72
N HIS B 293 -19.23 5.52 -24.50
CA HIS B 293 -19.15 6.95 -24.19
C HIS B 293 -18.11 7.64 -25.06
N ARG B 294 -16.95 7.00 -25.25
CA ARG B 294 -15.93 7.58 -26.11
C ARG B 294 -16.39 7.63 -27.57
N ILE B 295 -17.12 6.62 -28.02
CA ILE B 295 -17.65 6.65 -29.39
C ILE B 295 -18.56 7.84 -29.58
N ALA B 296 -19.44 8.09 -28.60
CA ALA B 296 -20.33 9.24 -28.69
C ALA B 296 -19.55 10.55 -28.70
N MET B 297 -18.55 10.68 -27.83
CA MET B 297 -17.77 11.90 -27.79
C MET B 297 -17.00 12.12 -29.09
N VAL B 298 -16.52 11.05 -29.72
CA VAL B 298 -15.90 11.16 -31.02
C VAL B 298 -16.91 11.63 -32.06
N GLN B 299 -18.13 11.09 -32.00
CA GLN B 299 -19.17 11.53 -32.93
C GLN B 299 -19.45 13.01 -32.79
N LEU B 300 -19.37 13.53 -31.56
CA LEU B 300 -19.56 14.98 -31.38
C LEU B 300 -18.40 15.78 -31.94
N SER B 301 -17.16 15.32 -31.72
CA SER B 301 -15.98 16.05 -32.15
C SER B 301 -14.81 15.09 -32.35
N PRO B 302 -14.15 15.12 -33.50
CA PRO B 302 -13.06 14.16 -33.75
C PRO B 302 -11.89 14.28 -32.79
N ALA B 303 -11.75 15.41 -32.10
CA ALA B 303 -10.63 15.62 -31.20
C ALA B 303 -10.74 14.83 -29.91
N ALA B 304 -11.85 14.11 -29.70
CA ALA B 304 -12.05 13.36 -28.46
C ALA B 304 -11.15 12.14 -28.35
N LEU B 305 -10.45 11.76 -29.41
CA LEU B 305 -9.53 10.63 -29.38
C LEU B 305 -8.15 11.13 -28.95
N GLY B 306 -7.76 10.80 -27.73
CA GLY B 306 -6.45 11.15 -27.23
C GLY B 306 -5.38 10.18 -27.72
N ASN B 307 -4.19 10.36 -27.17
CA ASN B 307 -3.07 9.47 -27.46
C ASN B 307 -3.00 8.27 -26.53
N ASP B 308 -3.98 8.11 -25.64
CA ASP B 308 -4.02 6.94 -24.78
C ASP B 308 -4.58 5.70 -25.47
N MET B 309 -5.21 5.86 -26.63
CA MET B 309 -5.91 4.76 -27.29
C MET B 309 -5.46 4.60 -28.73
N ALA B 310 -4.19 4.93 -29.01
CA ALA B 310 -3.69 4.90 -30.38
C ALA B 310 -3.79 3.51 -31.00
N ALA B 311 -3.89 2.47 -30.19
CA ALA B 311 -4.02 1.12 -30.73
C ALA B 311 -5.38 0.90 -31.38
N ILE B 312 -6.43 1.50 -30.82
CA ILE B 312 -7.80 1.19 -31.25
C ILE B 312 -8.44 2.40 -31.92
N GLU B 313 -7.63 3.25 -32.56
CA GLU B 313 -8.17 4.43 -33.21
C GLU B 313 -9.13 4.04 -34.34
N LEU B 314 -8.63 3.27 -35.32
CA LEU B 314 -9.40 3.02 -36.54
C LEU B 314 -10.77 2.45 -36.22
N ARG B 315 -10.82 1.37 -35.43
CA ARG B 315 -12.09 0.77 -35.06
C ARG B 315 -13.03 1.81 -34.47
N MET B 316 -12.54 2.62 -33.53
CA MET B 316 -13.36 3.68 -32.96
C MET B 316 -13.93 4.58 -34.04
N ARG B 317 -13.07 5.07 -34.95
CA ARG B 317 -13.56 5.85 -36.07
C ARG B 317 -14.65 5.10 -36.81
N GLU B 318 -14.39 3.83 -37.15
CA GLU B 318 -15.35 3.03 -37.88
C GLU B 318 -16.68 2.96 -37.14
N LEU B 319 -16.62 2.88 -35.82
CA LEU B 319 -17.87 2.76 -35.06
C LEU B 319 -18.54 4.12 -34.92
N ALA B 320 -17.75 5.20 -34.87
CA ALA B 320 -18.35 6.52 -34.66
C ALA B 320 -18.98 7.05 -35.94
N ARG B 321 -18.36 6.77 -37.08
CA ARG B 321 -18.85 7.30 -38.36
C ARG B 321 -20.09 6.57 -38.84
N THR B 322 -20.22 5.28 -38.52
CA THR B 322 -21.23 4.43 -39.14
C THR B 322 -22.45 4.19 -38.27
N ILE B 323 -22.42 4.56 -37.01
CA ILE B 323 -23.50 4.23 -36.07
C ILE B 323 -24.17 5.52 -35.62
N PRO B 324 -25.49 5.67 -35.81
CA PRO B 324 -26.15 6.92 -35.43
C PRO B 324 -26.14 7.11 -33.93
N PRO B 325 -26.17 8.35 -33.46
CA PRO B 325 -26.11 8.60 -32.01
C PRO B 325 -27.28 8.02 -31.24
N THR B 326 -28.43 7.82 -31.87
CA THR B 326 -29.58 7.26 -31.16
C THR B 326 -29.29 5.83 -30.69
N ASP B 327 -28.68 5.02 -31.57
CA ASP B 327 -28.36 3.65 -31.20
C ASP B 327 -27.33 3.61 -30.07
N ILE B 328 -26.32 4.48 -30.14
CA ILE B 328 -25.32 4.55 -29.08
C ILE B 328 -25.96 4.95 -27.76
N GLN B 329 -26.89 5.91 -27.80
CA GLN B 329 -27.62 6.30 -26.61
C GLN B 329 -28.38 5.11 -26.02
N LEU B 330 -29.10 4.38 -26.88
CA LEU B 330 -29.88 3.25 -26.39
C LEU B 330 -28.98 2.18 -25.77
N TYR B 331 -27.88 1.86 -26.45
CA TYR B 331 -26.98 0.82 -25.94
C TYR B 331 -26.33 1.24 -24.63
N TYR B 332 -25.92 2.51 -24.53
CA TYR B 332 -25.34 2.99 -23.27
C TYR B 332 -26.34 2.90 -22.14
N GLN B 333 -27.60 3.28 -22.40
CA GLN B 333 -28.62 3.17 -21.37
C GLN B 333 -28.84 1.73 -20.96
N THR B 334 -28.89 0.82 -21.94
CA THR B 334 -29.12 -0.59 -21.66
C THR B 334 -27.99 -1.17 -20.81
N LEU B 335 -26.74 -0.87 -21.16
CA LEU B 335 -25.62 -1.41 -20.42
C LEU B 335 -25.51 -0.78 -19.03
N LEU B 336 -25.87 0.50 -18.91
CA LEU B 336 -25.91 1.12 -17.58
C LEU B 336 -26.93 0.44 -16.70
N ILE B 337 -28.12 0.17 -17.23
CA ILE B 337 -29.15 -0.52 -16.46
C ILE B 337 -28.68 -1.92 -16.09
N GLY B 338 -28.05 -2.63 -17.03
CA GLY B 338 -27.57 -3.97 -16.76
C GLY B 338 -26.52 -4.00 -15.67
N ARG B 339 -25.56 -3.07 -15.72
CA ARG B 339 -24.56 -2.99 -14.67
C ARG B 339 -25.17 -2.60 -13.34
N LYS B 340 -26.26 -1.84 -13.37
CA LYS B 340 -26.96 -1.51 -12.13
C LYS B 340 -27.57 -2.74 -11.49
N GLU B 341 -28.09 -3.66 -12.31
CA GLU B 341 -28.75 -4.86 -11.84
C GLU B 341 -27.84 -6.09 -11.85
N LEU B 342 -26.55 -5.91 -12.14
CA LEU B 342 -25.63 -7.04 -12.18
C LEU B 342 -25.52 -7.79 -10.85
N PRO B 343 -25.39 -7.13 -9.68
CA PRO B 343 -25.24 -7.91 -8.44
C PRO B 343 -26.40 -8.83 -8.16
N TYR B 344 -27.62 -8.46 -8.55
CA TYR B 344 -28.81 -9.28 -8.31
C TYR B 344 -29.09 -10.10 -9.56
N ALA B 345 -28.29 -11.13 -9.77
CA ALA B 345 -28.41 -12.00 -10.92
C ALA B 345 -28.03 -13.41 -10.48
N PRO B 346 -28.40 -14.44 -11.25
CA PRO B 346 -27.96 -15.80 -10.89
C PRO B 346 -26.46 -15.89 -10.71
N ASP B 347 -25.70 -15.26 -11.59
CA ASP B 347 -24.29 -14.99 -11.40
C ASP B 347 -23.90 -13.89 -12.37
N ARG B 348 -22.71 -13.32 -12.16
CA ARG B 348 -22.28 -12.20 -12.98
C ARG B 348 -22.28 -12.56 -14.46
N ARG B 349 -21.91 -13.80 -14.78
CA ARG B 349 -21.88 -14.24 -16.17
C ARG B 349 -23.25 -14.13 -16.81
N MET B 350 -24.28 -14.66 -16.13
CA MET B 350 -25.63 -14.61 -16.67
C MET B 350 -26.15 -13.18 -16.72
N GLY B 351 -25.78 -12.35 -15.74
CA GLY B 351 -26.20 -10.96 -15.78
C GLY B 351 -25.66 -10.21 -16.97
N VAL B 352 -24.36 -10.37 -17.25
CA VAL B 352 -23.76 -9.73 -18.41
C VAL B 352 -24.38 -10.28 -19.70
N GLU B 353 -24.57 -11.60 -19.76
CA GLU B 353 -25.15 -12.19 -20.95
C GLU B 353 -26.55 -11.67 -21.20
N MET B 354 -27.35 -11.50 -20.14
CA MET B 354 -28.71 -11.02 -20.31
C MET B 354 -28.74 -9.54 -20.69
N THR B 355 -27.84 -8.74 -20.12
CA THR B 355 -27.76 -7.33 -20.52
C THR B 355 -27.42 -7.21 -22.00
N LEU B 356 -26.46 -8.00 -22.46
CA LEU B 356 -26.12 -7.97 -23.88
C LEU B 356 -27.27 -8.52 -24.73
N LEU B 357 -28.01 -9.49 -24.22
CA LEU B 357 -29.19 -9.98 -24.93
C LEU B 357 -30.24 -8.89 -25.10
N ARG B 358 -30.47 -8.10 -24.04
CA ARG B 358 -31.39 -6.97 -24.15
C ARG B 358 -30.90 -5.97 -25.19
N ALA B 359 -29.62 -5.62 -25.12
CA ALA B 359 -29.06 -4.67 -26.07
C ALA B 359 -29.23 -5.15 -27.50
N LEU B 360 -29.00 -6.45 -27.74
CA LEU B 360 -29.24 -7.01 -29.07
C LEU B 360 -30.72 -6.94 -29.42
N ALA B 361 -31.60 -7.26 -28.46
CA ALA B 361 -33.03 -7.33 -28.76
C ALA B 361 -33.60 -5.96 -29.09
N PHE B 362 -32.94 -4.90 -28.66
CA PHE B 362 -33.39 -3.55 -29.03
C PHE B 362 -33.49 -3.39 -30.54
N HIS B 363 -32.49 -3.88 -31.27
CA HIS B 363 -32.37 -3.77 -32.72
C HIS B 363 -32.78 -2.39 -33.24
N PRO B 364 -32.24 -1.29 -32.70
CA PRO B 364 -32.71 0.00 -33.18
C PRO B 364 -31.94 0.50 -34.40
N GLY C 1 -13.13 -44.55 9.82
CA GLY C 1 -12.94 -45.48 8.72
C GLY C 1 -11.49 -45.72 8.37
N PRO C 2 -11.02 -45.05 7.31
CA PRO C 2 -9.61 -45.23 6.89
C PRO C 2 -8.61 -44.68 7.89
N HIS C 3 -7.33 -44.77 7.55
CA HIS C 3 -6.25 -44.33 8.41
C HIS C 3 -6.12 -42.80 8.32
N MET C 4 -4.99 -42.27 8.80
CA MET C 4 -4.74 -40.84 8.70
C MET C 4 -4.42 -40.47 7.26
N SER C 5 -5.43 -40.52 6.39
CA SER C 5 -5.31 -40.19 4.98
C SER C 5 -5.52 -38.70 4.73
N TYR C 6 -5.20 -37.87 5.71
CA TYR C 6 -5.45 -36.43 5.71
C TYR C 6 -5.03 -35.74 4.42
N GLN C 7 -4.03 -36.29 3.72
CA GLN C 7 -3.54 -35.66 2.50
C GLN C 7 -4.69 -35.43 1.54
N VAL C 8 -5.02 -34.17 1.33
CA VAL C 8 -6.22 -33.79 0.62
C VAL C 8 -5.95 -33.86 -0.88
N LEU C 9 -7.02 -34.08 -1.64
CA LEU C 9 -6.87 -34.17 -3.09
C LEU C 9 -6.26 -32.90 -3.65
N ALA C 10 -6.50 -31.76 -2.99
CA ALA C 10 -6.00 -30.48 -3.48
C ALA C 10 -4.49 -30.50 -3.66
N ARG C 11 -3.76 -31.13 -2.73
CA ARG C 11 -2.31 -31.18 -2.79
C ARG C 11 -1.77 -32.55 -3.18
N LYS C 12 -2.35 -33.63 -2.66
CA LYS C 12 -1.89 -34.96 -3.02
C LYS C 12 -2.00 -35.21 -4.51
N TRP C 13 -2.88 -34.51 -5.20
CA TRP C 13 -3.08 -34.70 -6.64
C TRP C 13 -2.49 -33.56 -7.46
N ARG C 14 -1.55 -32.83 -6.88
CA ARG C 14 -0.79 -31.86 -7.66
C ARG C 14 -0.06 -32.58 -8.78
N PRO C 15 -0.22 -32.15 -10.04
CA PRO C 15 0.41 -32.88 -11.15
C PRO C 15 1.92 -32.91 -10.99
N GLN C 16 2.51 -34.03 -11.39
CA GLN C 16 3.95 -34.22 -11.28
C GLN C 16 4.65 -34.44 -12.61
N THR C 17 3.90 -34.62 -13.69
CA THR C 17 4.47 -34.66 -15.03
C THR C 17 3.60 -33.81 -15.94
N PHE C 18 4.06 -33.61 -17.17
CA PHE C 18 3.25 -32.88 -18.13
C PHE C 18 2.14 -33.74 -18.72
N ALA C 19 2.12 -35.03 -18.39
CA ALA C 19 1.05 -35.93 -18.78
C ALA C 19 -0.09 -35.96 -17.77
N ASP C 20 0.07 -35.33 -16.62
CA ASP C 20 -0.93 -35.37 -15.56
C ASP C 20 -1.67 -34.05 -15.40
N VAL C 21 -1.57 -33.17 -16.39
CA VAL C 21 -2.25 -31.89 -16.39
C VAL C 21 -3.56 -32.03 -17.15
N VAL C 22 -4.57 -31.24 -16.78
CA VAL C 22 -5.93 -31.51 -17.21
C VAL C 22 -6.23 -30.77 -18.52
N GLY C 23 -5.21 -30.19 -19.14
CA GLY C 23 -5.44 -29.68 -20.49
C GLY C 23 -5.22 -28.21 -20.75
N GLN C 24 -4.27 -27.58 -20.05
CA GLN C 24 -3.82 -26.23 -20.42
C GLN C 24 -2.93 -26.32 -21.66
N GLU C 25 -3.50 -26.85 -22.74
CA GLU C 25 -2.69 -27.33 -23.85
C GLU C 25 -1.94 -26.20 -24.56
N HIS C 26 -2.49 -24.99 -24.56
CA HIS C 26 -1.77 -23.87 -25.16
C HIS C 26 -0.49 -23.56 -24.41
N VAL C 27 -0.46 -23.84 -23.11
CA VAL C 27 0.74 -23.65 -22.30
C VAL C 27 1.65 -24.87 -22.35
N LEU C 28 1.06 -26.05 -22.17
CA LEU C 28 1.85 -27.29 -22.15
C LEU C 28 2.54 -27.53 -23.48
N THR C 29 1.84 -27.30 -24.59
CA THR C 29 2.44 -27.51 -25.90
C THR C 29 3.61 -26.58 -26.14
N ALA C 30 3.45 -25.30 -25.78
CA ALA C 30 4.54 -24.35 -25.95
C ALA C 30 5.74 -24.72 -25.09
N LEU C 31 5.51 -25.07 -23.82
CA LEU C 31 6.62 -25.44 -22.96
C LEU C 31 7.33 -26.69 -23.50
N ALA C 32 6.58 -27.70 -23.92
CA ALA C 32 7.19 -28.91 -24.44
C ALA C 32 8.00 -28.62 -25.70
N ASN C 33 7.45 -27.84 -26.63
CA ASN C 33 8.16 -27.54 -27.86
C ASN C 33 9.42 -26.73 -27.60
N GLY C 34 9.33 -25.70 -26.77
CA GLY C 34 10.50 -24.90 -26.47
C GLY C 34 11.59 -25.71 -25.77
N LEU C 35 11.18 -26.56 -24.82
CA LEU C 35 12.15 -27.38 -24.10
C LEU C 35 12.76 -28.43 -25.00
N SER C 36 12.02 -28.89 -26.01
CA SER C 36 12.59 -29.85 -26.96
C SER C 36 13.58 -29.16 -27.89
N LEU C 37 13.22 -27.98 -28.41
CA LEU C 37 14.11 -27.24 -29.30
C LEU C 37 15.19 -26.48 -28.55
N GLY C 38 15.07 -26.34 -27.23
CA GLY C 38 16.04 -25.63 -26.44
C GLY C 38 15.82 -24.13 -26.35
N ARG C 39 14.75 -23.59 -26.93
CA ARG C 39 14.47 -22.16 -26.88
C ARG C 39 13.90 -21.79 -25.51
N ILE C 40 14.70 -22.05 -24.48
CA ILE C 40 14.29 -21.85 -23.09
C ILE C 40 14.45 -20.38 -22.77
N HIS C 41 13.37 -19.61 -22.88
CA HIS C 41 13.43 -18.19 -22.57
C HIS C 41 13.78 -17.97 -21.10
N HIS C 42 14.54 -16.91 -20.83
CA HIS C 42 15.09 -16.69 -19.50
C HIS C 42 14.06 -16.21 -18.50
N ALA C 43 12.85 -15.85 -18.92
CA ALA C 43 11.85 -15.35 -17.98
C ALA C 43 10.49 -15.36 -18.63
N TYR C 44 9.53 -16.00 -17.97
CA TYR C 44 8.16 -15.91 -18.45
C TYR C 44 7.15 -16.18 -17.34
N LEU C 45 5.90 -15.91 -17.69
CA LEU C 45 4.84 -15.59 -16.73
C LEU C 45 3.62 -16.42 -17.07
N PHE C 46 3.25 -17.32 -16.17
CA PHE C 46 1.99 -18.03 -16.24
C PHE C 46 0.94 -17.16 -15.55
N SER C 47 -0.06 -16.74 -16.31
CA SER C 47 -1.10 -15.87 -15.79
C SER C 47 -2.46 -16.47 -16.10
N GLY C 48 -3.31 -16.56 -15.09
CA GLY C 48 -4.62 -17.15 -15.27
C GLY C 48 -5.49 -16.89 -14.07
N THR C 49 -6.62 -17.58 -14.03
CA THR C 49 -7.48 -17.50 -12.85
C THR C 49 -6.97 -18.51 -11.81
N ARG C 50 -7.69 -18.60 -10.69
CA ARG C 50 -7.23 -19.42 -9.58
C ARG C 50 -7.32 -20.90 -9.93
N GLY C 51 -6.38 -21.68 -9.39
CA GLY C 51 -6.44 -23.12 -9.47
C GLY C 51 -6.54 -23.71 -10.86
N VAL C 52 -5.79 -23.16 -11.81
CA VAL C 52 -5.79 -23.69 -13.18
C VAL C 52 -4.40 -24.13 -13.62
N GLY C 53 -3.48 -24.34 -12.67
CA GLY C 53 -2.21 -24.96 -12.97
C GLY C 53 -1.03 -24.05 -13.22
N LYS C 54 -1.05 -22.82 -12.72
CA LYS C 54 0.11 -21.94 -12.91
C LYS C 54 1.29 -22.42 -12.08
N THR C 55 1.11 -22.49 -10.75
CA THR C 55 2.18 -22.98 -9.87
C THR C 55 2.56 -24.40 -10.22
N SER C 56 1.57 -25.27 -10.46
CA SER C 56 1.85 -26.66 -10.78
C SER C 56 2.68 -26.78 -12.04
N ILE C 57 2.30 -26.06 -13.10
CA ILE C 57 3.05 -26.12 -14.35
C ILE C 57 4.45 -25.53 -14.17
N ALA C 58 4.57 -24.49 -13.34
CA ALA C 58 5.90 -23.94 -13.06
C ALA C 58 6.80 -24.98 -12.43
N ARG C 59 6.27 -25.72 -11.46
CA ARG C 59 7.05 -26.80 -10.85
C ARG C 59 7.40 -27.87 -11.88
N LEU C 60 6.46 -28.21 -12.77
CA LEU C 60 6.75 -29.21 -13.79
C LEU C 60 7.86 -28.75 -14.71
N LEU C 61 7.86 -27.47 -15.06
CA LEU C 61 8.94 -26.92 -15.87
C LEU C 61 10.27 -26.97 -15.12
N ALA C 62 10.28 -26.64 -13.84
CA ALA C 62 11.51 -26.76 -13.06
C ALA C 62 12.03 -28.19 -13.10
N LYS C 63 11.13 -29.16 -12.96
CA LYS C 63 11.51 -30.56 -13.11
C LYS C 63 12.10 -30.82 -14.49
N GLY C 64 11.49 -30.27 -15.53
CA GLY C 64 11.97 -30.51 -16.88
C GLY C 64 13.35 -29.92 -17.13
N LEU C 65 13.62 -28.76 -16.54
CA LEU C 65 14.92 -28.12 -16.71
C LEU C 65 16.01 -28.84 -15.93
N ASN C 66 15.71 -29.24 -14.69
CA ASN C 66 16.74 -29.70 -13.76
C ASN C 66 16.89 -31.22 -13.70
N CYS C 67 16.27 -31.96 -14.61
CA CYS C 67 16.40 -33.41 -14.58
C CYS C 67 17.85 -33.83 -14.82
N GLU C 68 18.23 -34.96 -14.23
CA GLU C 68 19.60 -35.44 -14.37
C GLU C 68 19.94 -35.74 -15.82
N THR C 69 18.97 -36.27 -16.58
CA THR C 69 19.20 -36.53 -17.98
C THR C 69 19.28 -35.21 -18.75
N GLY C 70 19.39 -35.32 -20.07
CA GLY C 70 19.37 -34.13 -20.90
C GLY C 70 18.08 -33.36 -20.73
N ILE C 71 18.15 -32.05 -20.97
CA ILE C 71 16.99 -31.17 -20.83
C ILE C 71 15.84 -31.71 -21.65
N THR C 72 14.76 -32.09 -20.98
CA THR C 72 13.66 -32.81 -21.61
C THR C 72 12.33 -32.20 -21.22
N ALA C 73 11.36 -32.33 -22.12
CA ALA C 73 10.01 -31.86 -21.86
C ALA C 73 9.21 -32.81 -20.99
N THR C 74 9.68 -34.04 -20.79
CA THR C 74 8.99 -35.02 -19.96
C THR C 74 9.88 -35.37 -18.77
N PRO C 75 9.68 -34.74 -17.62
CA PRO C 75 10.53 -35.03 -16.46
C PRO C 75 10.38 -36.46 -15.98
N CYS C 76 11.45 -36.98 -15.39
CA CYS C 76 11.50 -38.32 -14.86
C CYS C 76 11.19 -38.31 -13.36
N GLY C 77 11.17 -39.50 -12.76
CA GLY C 77 10.91 -39.62 -11.34
C GLY C 77 12.02 -40.30 -10.58
N VAL C 78 12.78 -41.17 -11.25
CA VAL C 78 13.91 -41.82 -10.59
C VAL C 78 15.06 -40.85 -10.38
N CYS C 79 15.08 -39.73 -11.10
CA CYS C 79 16.16 -38.77 -10.96
C CYS C 79 16.11 -38.12 -9.58
N ASP C 80 17.29 -37.93 -8.98
CA ASP C 80 17.34 -37.32 -7.65
C ASP C 80 16.82 -35.89 -7.67
N ASN C 81 17.18 -35.14 -8.71
CA ASN C 81 16.81 -33.72 -8.77
C ASN C 81 15.29 -33.54 -8.79
N CYS C 82 14.61 -34.27 -9.67
CA CYS C 82 13.15 -34.17 -9.74
C CYS C 82 12.51 -34.68 -8.47
N ARG C 83 13.09 -35.70 -7.83
CA ARG C 83 12.57 -36.18 -6.56
C ARG C 83 12.63 -35.08 -5.50
N GLU C 84 13.76 -34.38 -5.43
CA GLU C 84 13.87 -33.26 -4.49
C GLU C 84 12.87 -32.16 -4.82
N ILE C 85 12.72 -31.84 -6.11
CA ILE C 85 11.79 -30.78 -6.51
C ILE C 85 10.37 -31.15 -6.11
N GLU C 86 9.97 -32.39 -6.39
CA GLU C 86 8.64 -32.85 -6.04
C GLU C 86 8.43 -32.84 -4.53
N GLN C 87 9.42 -33.30 -3.77
CA GLN C 87 9.33 -33.28 -2.32
C GLN C 87 9.53 -31.89 -1.74
N GLY C 88 9.93 -30.92 -2.56
CA GLY C 88 10.26 -29.60 -2.07
C GLY C 88 11.66 -29.56 -1.49
N ARG C 89 12.04 -28.37 -1.03
CA ARG C 89 13.36 -28.15 -0.45
C ARG C 89 14.48 -28.53 -1.43
N PHE C 90 14.32 -28.13 -2.69
CA PHE C 90 15.37 -28.28 -3.67
C PHE C 90 16.39 -27.15 -3.52
N VAL C 91 17.64 -27.46 -3.84
CA VAL C 91 18.71 -26.47 -3.67
C VAL C 91 18.49 -25.29 -4.59
N ASP C 92 18.13 -25.54 -5.84
CA ASP C 92 18.15 -24.51 -6.87
C ASP C 92 16.79 -23.94 -7.20
N LEU C 93 15.72 -24.72 -7.08
CA LEU C 93 14.38 -24.18 -7.30
C LEU C 93 14.02 -23.31 -6.11
N ILE C 94 14.23 -22.01 -6.26
CA ILE C 94 14.04 -21.04 -5.19
C ILE C 94 12.64 -20.47 -5.34
N GLU C 95 11.66 -21.09 -4.68
CA GLU C 95 10.33 -20.53 -4.67
C GLU C 95 10.34 -19.23 -3.88
N ILE C 96 9.80 -18.18 -4.48
CA ILE C 96 9.78 -16.86 -3.86
C ILE C 96 8.32 -16.48 -3.69
N ASP C 97 7.83 -16.52 -2.45
CA ASP C 97 6.49 -16.03 -2.19
C ASP C 97 6.52 -14.53 -2.32
N ALA C 98 6.20 -14.02 -3.51
CA ALA C 98 6.40 -12.62 -3.81
C ALA C 98 5.58 -11.72 -2.89
N ALA C 99 4.45 -12.22 -2.40
CA ALA C 99 3.66 -11.45 -1.44
C ALA C 99 4.34 -11.32 -0.09
N SER C 100 5.41 -12.07 0.15
CA SER C 100 6.25 -11.91 1.33
C SER C 100 7.56 -11.21 1.02
N ARG C 101 7.89 -11.01 -0.25
CA ARG C 101 9.10 -10.32 -0.68
C ARG C 101 8.75 -9.18 -1.62
N THR C 102 7.74 -8.39 -1.23
CA THR C 102 7.32 -7.26 -2.06
C THR C 102 8.34 -6.14 -2.04
N LYS C 103 9.06 -5.96 -0.95
CA LYS C 103 9.92 -4.80 -0.77
C LYS C 103 11.06 -4.81 -1.79
N VAL C 104 11.65 -3.64 -2.00
CA VAL C 104 12.75 -3.53 -2.95
C VAL C 104 14.06 -3.99 -2.34
N GLU C 105 14.20 -3.95 -1.02
CA GLU C 105 15.43 -4.48 -0.42
C GLU C 105 15.48 -5.99 -0.54
N ASP C 106 14.33 -6.65 -0.45
CA ASP C 106 14.29 -8.09 -0.68
C ASP C 106 14.66 -8.42 -2.12
N THR C 107 14.16 -7.63 -3.08
CA THR C 107 14.50 -7.85 -4.47
C THR C 107 15.97 -7.59 -4.73
N ARG C 108 16.54 -6.57 -4.09
CA ARG C 108 17.98 -6.31 -4.23
C ARG C 108 18.80 -7.44 -3.66
N ASP C 109 18.40 -7.97 -2.50
CA ASP C 109 19.08 -9.13 -1.93
C ASP C 109 18.99 -10.31 -2.87
N LEU C 110 17.84 -10.48 -3.54
CA LEU C 110 17.70 -11.53 -4.54
C LEU C 110 18.67 -11.32 -5.70
N LEU C 111 18.77 -10.08 -6.18
CA LEU C 111 19.57 -9.80 -7.38
C LEU C 111 21.06 -9.86 -7.10
N ASP C 112 21.48 -9.60 -5.86
CA ASP C 112 22.89 -9.72 -5.53
C ASP C 112 23.37 -11.16 -5.67
N ASN C 113 22.55 -12.10 -5.23
CA ASN C 113 22.91 -13.52 -5.22
C ASN C 113 22.61 -14.21 -6.54
N VAL C 114 22.26 -13.46 -7.57
CA VAL C 114 21.91 -14.07 -8.85
C VAL C 114 23.14 -14.68 -9.52
N GLN C 115 24.27 -13.98 -9.51
CA GLN C 115 25.43 -14.40 -10.27
C GLN C 115 26.09 -15.66 -9.71
N TYR C 116 25.73 -16.09 -8.52
CA TYR C 116 26.32 -17.30 -7.95
C TYR C 116 25.86 -18.52 -8.74
N ALA C 117 26.79 -19.43 -9.00
CA ALA C 117 26.49 -20.60 -9.82
C ALA C 117 25.51 -21.52 -9.11
N PRO C 118 24.70 -22.26 -9.86
CA PRO C 118 23.82 -23.25 -9.23
C PRO C 118 24.64 -24.36 -8.60
N ALA C 119 24.12 -24.89 -7.49
CA ALA C 119 24.89 -25.82 -6.66
C ALA C 119 24.90 -27.23 -7.23
N ARG C 120 23.73 -27.84 -7.37
CA ARG C 120 23.63 -29.23 -7.77
C ARG C 120 22.97 -29.43 -9.13
N GLY C 121 21.99 -28.60 -9.47
CA GLY C 121 21.36 -28.68 -10.77
C GLY C 121 22.09 -27.87 -11.82
N ARG C 122 21.44 -27.67 -12.96
CA ARG C 122 21.99 -26.89 -14.05
C ARG C 122 21.39 -25.50 -14.16
N PHE C 123 20.28 -25.24 -13.48
CA PHE C 123 19.66 -23.92 -13.45
C PHE C 123 19.33 -23.55 -12.01
N LYS C 124 19.42 -22.26 -11.71
CA LYS C 124 18.95 -21.72 -10.45
C LYS C 124 17.60 -21.09 -10.75
N VAL C 125 16.58 -21.93 -10.81
CA VAL C 125 15.28 -21.50 -11.30
C VAL C 125 14.52 -20.74 -10.22
N TYR C 126 14.50 -19.41 -10.35
CA TYR C 126 13.71 -18.55 -9.47
C TYR C 126 12.25 -18.66 -9.86
N LEU C 127 11.41 -19.03 -8.90
CA LEU C 127 9.98 -19.20 -9.14
C LEU C 127 9.26 -18.16 -8.30
N ILE C 128 9.02 -16.99 -8.90
CA ILE C 128 8.36 -15.88 -8.21
C ILE C 128 6.85 -16.06 -8.41
N ASP C 129 6.14 -16.40 -7.33
CA ASP C 129 4.71 -16.65 -7.38
C ASP C 129 3.95 -15.48 -6.78
N GLU C 130 2.82 -15.14 -7.40
CA GLU C 130 2.03 -13.95 -7.07
C GLU C 130 2.88 -12.69 -7.25
N VAL C 131 3.36 -12.53 -8.48
CA VAL C 131 4.29 -11.45 -8.78
C VAL C 131 3.63 -10.08 -8.61
N HIS C 132 2.34 -9.98 -8.93
CA HIS C 132 1.66 -8.70 -8.88
C HIS C 132 1.75 -8.01 -7.52
N MET C 133 2.26 -8.69 -6.50
CA MET C 133 2.43 -8.07 -5.19
C MET C 133 3.70 -7.24 -5.08
N LEU C 134 4.67 -7.45 -5.97
CA LEU C 134 5.89 -6.64 -5.91
C LEU C 134 5.57 -5.17 -6.09
N SER C 135 6.25 -4.34 -5.32
CA SER C 135 6.10 -2.90 -5.46
C SER C 135 6.69 -2.43 -6.79
N ARG C 136 6.43 -1.17 -7.11
CA ARG C 136 6.95 -0.61 -8.36
C ARG C 136 8.47 -0.60 -8.38
N HIS C 137 9.09 -0.27 -7.26
CA HIS C 137 10.55 -0.29 -7.18
C HIS C 137 11.09 -1.70 -7.34
N SER C 138 10.40 -2.70 -6.79
CA SER C 138 10.84 -4.08 -6.97
C SER C 138 10.78 -4.49 -8.43
N PHE C 139 9.71 -4.09 -9.13
CA PHE C 139 9.58 -4.40 -10.55
C PHE C 139 10.70 -3.75 -11.37
N ASN C 140 10.94 -2.46 -11.12
CA ASN C 140 12.00 -1.78 -11.86
C ASN C 140 13.36 -2.36 -11.52
N ALA C 141 13.57 -2.80 -10.29
CA ALA C 141 14.81 -3.47 -9.92
C ALA C 141 14.98 -4.78 -10.69
N LEU C 142 13.88 -5.53 -10.84
CA LEU C 142 13.95 -6.77 -11.62
C LEU C 142 14.16 -6.53 -13.10
N LEU C 143 13.86 -5.32 -13.59
CA LEU C 143 13.88 -5.06 -15.03
C LEU C 143 15.20 -5.47 -15.69
N LYS C 144 16.33 -5.03 -15.14
CA LYS C 144 17.61 -5.24 -15.83
C LYS C 144 18.00 -6.71 -15.85
N THR C 145 17.87 -7.40 -14.72
CA THR C 145 18.14 -8.83 -14.70
C THR C 145 17.10 -9.62 -15.48
N LEU C 146 15.95 -9.02 -15.77
CA LEU C 146 14.98 -9.68 -16.64
C LEU C 146 15.33 -9.50 -18.11
N GLU C 147 16.02 -8.41 -18.45
CA GLU C 147 16.48 -8.23 -19.82
C GLU C 147 17.42 -9.37 -20.22
N GLU C 148 18.58 -9.45 -19.57
CA GLU C 148 19.43 -10.61 -19.75
C GLU C 148 20.07 -11.02 -18.44
N PRO C 149 19.67 -12.14 -17.86
CA PRO C 149 20.26 -12.60 -16.62
C PRO C 149 21.46 -13.49 -16.90
N PRO C 150 22.15 -13.97 -15.87
CA PRO C 150 23.21 -14.95 -16.09
C PRO C 150 22.68 -16.20 -16.79
N GLU C 151 23.60 -16.90 -17.45
CA GLU C 151 23.20 -17.99 -18.33
C GLU C 151 22.54 -19.14 -17.58
N HIS C 152 22.65 -19.20 -16.26
CA HIS C 152 22.08 -20.29 -15.48
C HIS C 152 20.79 -19.91 -14.76
N VAL C 153 20.42 -18.64 -14.72
CA VAL C 153 19.28 -18.17 -13.96
C VAL C 153 18.07 -18.05 -14.89
N LYS C 154 16.97 -18.68 -14.50
CA LYS C 154 15.70 -18.56 -15.18
C LYS C 154 14.68 -17.99 -14.21
N PHE C 155 13.85 -17.08 -14.70
CA PHE C 155 12.78 -16.50 -13.90
C PHE C 155 11.45 -17.13 -14.31
N LEU C 156 10.74 -17.70 -13.34
CA LEU C 156 9.40 -18.23 -13.55
C LEU C 156 8.45 -17.40 -12.72
N LEU C 157 7.73 -16.50 -13.36
CA LEU C 157 6.76 -15.63 -12.70
C LEU C 157 5.37 -16.26 -12.81
N ALA C 158 4.52 -15.99 -11.82
CA ALA C 158 3.14 -16.45 -11.88
C ALA C 158 2.26 -15.46 -11.15
N THR C 159 1.16 -15.06 -11.79
CA THR C 159 0.26 -14.08 -11.20
C THR C 159 -1.15 -14.28 -11.75
N THR C 160 -2.12 -13.73 -11.02
CA THR C 160 -3.51 -13.85 -11.41
C THR C 160 -3.95 -12.75 -12.36
N ASP C 161 -3.52 -11.51 -12.12
CA ASP C 161 -3.85 -10.41 -13.00
C ASP C 161 -2.58 -9.88 -13.67
N PRO C 162 -2.35 -10.17 -14.95
CA PRO C 162 -1.14 -9.70 -15.62
C PRO C 162 -1.17 -8.23 -15.95
N GLN C 163 -2.31 -7.56 -15.81
CA GLN C 163 -2.42 -6.14 -16.13
C GLN C 163 -1.92 -5.23 -15.02
N LYS C 164 -1.70 -5.75 -13.82
CA LYS C 164 -1.12 -4.92 -12.77
C LYS C 164 0.40 -4.86 -12.85
N LEU C 165 1.02 -5.63 -13.73
CA LEU C 165 2.46 -5.53 -13.93
C LEU C 165 2.78 -4.36 -14.86
N PRO C 166 3.84 -3.61 -14.58
CA PRO C 166 4.26 -2.56 -15.52
C PRO C 166 4.58 -3.18 -16.86
N VAL C 167 4.26 -2.46 -17.94
CA VAL C 167 4.25 -3.14 -19.21
C VAL C 167 5.68 -3.38 -19.73
N THR C 168 6.66 -2.70 -19.15
CA THR C 168 8.06 -3.00 -19.43
C THR C 168 8.38 -4.45 -19.11
N ILE C 169 7.93 -4.92 -17.95
CA ILE C 169 8.14 -6.32 -17.59
C ILE C 169 7.35 -7.23 -18.51
N LEU C 170 6.12 -6.85 -18.86
CA LEU C 170 5.37 -7.63 -19.83
C LEU C 170 6.10 -7.73 -21.15
N SER C 171 6.97 -6.76 -21.47
CA SER C 171 7.84 -6.91 -22.62
C SER C 171 8.98 -7.89 -22.34
N ARG C 172 9.57 -7.82 -21.14
CA ARG C 172 10.77 -8.61 -20.85
C ARG C 172 10.49 -10.11 -20.87
N CYS C 173 9.35 -10.52 -20.32
CA CYS C 173 9.06 -11.94 -20.09
C CYS C 173 8.01 -12.45 -21.06
N LEU C 174 8.08 -13.75 -21.39
CA LEU C 174 7.03 -14.33 -22.20
C LEU C 174 5.75 -14.43 -21.39
N GLN C 175 4.62 -14.52 -22.09
CA GLN C 175 3.32 -14.53 -21.44
C GLN C 175 2.55 -15.77 -21.88
N PHE C 176 2.13 -16.58 -20.91
CA PHE C 176 1.29 -17.74 -21.16
C PHE C 176 0.05 -17.60 -20.30
N HIS C 177 -1.12 -17.51 -20.92
CA HIS C 177 -2.37 -17.33 -20.19
C HIS C 177 -3.11 -18.67 -20.09
N LEU C 178 -3.26 -19.13 -18.87
CA LEU C 178 -3.95 -20.38 -18.58
C LEU C 178 -5.42 -20.07 -18.34
N LYS C 179 -6.28 -20.55 -19.23
CA LYS C 179 -7.71 -20.29 -19.14
C LYS C 179 -8.38 -21.29 -18.20
N ALA C 180 -9.60 -20.95 -17.80
CA ALA C 180 -10.36 -21.82 -16.92
C ALA C 180 -10.70 -23.12 -17.62
N LEU C 181 -11.19 -24.08 -16.84
CA LEU C 181 -11.37 -25.45 -17.31
C LEU C 181 -12.85 -25.74 -17.53
N ASP C 182 -13.15 -26.36 -18.67
CA ASP C 182 -14.52 -26.73 -18.98
C ASP C 182 -15.01 -27.77 -17.99
N VAL C 183 -16.34 -27.94 -17.94
CA VAL C 183 -16.95 -28.84 -16.98
C VAL C 183 -16.48 -30.28 -17.20
N GLU C 184 -16.31 -30.68 -18.46
CA GLU C 184 -15.94 -32.06 -18.76
C GLU C 184 -14.57 -32.40 -18.18
N GLN C 185 -13.60 -31.50 -18.31
CA GLN C 185 -12.27 -31.78 -17.78
C GLN C 185 -12.28 -31.90 -16.27
N ILE C 186 -12.99 -31.00 -15.59
CA ILE C 186 -13.09 -31.04 -14.14
C ILE C 186 -13.75 -32.33 -13.67
N ARG C 187 -14.86 -32.71 -14.31
CA ARG C 187 -15.55 -33.92 -13.91
C ARG C 187 -14.73 -35.17 -14.21
N HIS C 188 -13.99 -35.20 -15.32
CA HIS C 188 -13.14 -36.35 -15.58
C HIS C 188 -12.02 -36.44 -14.56
N GLN C 189 -11.46 -35.30 -14.15
CA GLN C 189 -10.44 -35.31 -13.11
C GLN C 189 -11.00 -35.83 -11.79
N LEU C 190 -12.22 -35.40 -11.43
CA LEU C 190 -12.84 -35.90 -10.21
C LEU C 190 -13.11 -37.40 -10.30
N GLU C 191 -13.59 -37.86 -11.46
CA GLU C 191 -13.75 -39.30 -11.69
C GLU C 191 -12.45 -40.04 -11.43
N HIS C 192 -11.37 -39.59 -12.06
CA HIS C 192 -10.09 -40.28 -11.94
C HIS C 192 -9.62 -40.30 -10.50
N ILE C 193 -9.72 -39.15 -9.82
CA ILE C 193 -9.26 -39.05 -8.44
C ILE C 193 -10.05 -40.01 -7.55
N LEU C 194 -11.37 -40.05 -7.69
CA LEU C 194 -12.15 -40.92 -6.82
C LEU C 194 -12.01 -42.39 -7.19
N ASN C 195 -11.65 -42.71 -8.43
CA ASN C 195 -11.23 -44.07 -8.73
C ASN C 195 -9.95 -44.42 -7.98
N GLU C 196 -8.98 -43.51 -7.97
CA GLU C 196 -7.73 -43.82 -7.28
C GLU C 196 -7.83 -43.74 -5.76
N GLU C 197 -8.91 -43.15 -5.23
CA GLU C 197 -9.08 -43.05 -3.78
C GLU C 197 -10.03 -44.11 -3.22
N HIS C 198 -10.52 -45.03 -4.07
CA HIS C 198 -11.43 -46.09 -3.64
C HIS C 198 -12.64 -45.53 -2.89
N ILE C 199 -13.29 -44.55 -3.52
CA ILE C 199 -14.50 -43.94 -2.98
C ILE C 199 -15.57 -44.05 -4.05
N ALA C 200 -16.64 -44.77 -3.73
CA ALA C 200 -17.74 -44.94 -4.68
C ALA C 200 -18.40 -43.61 -4.96
N HIS C 201 -18.66 -43.32 -6.23
CA HIS C 201 -19.22 -42.04 -6.64
C HIS C 201 -20.33 -42.28 -7.66
N GLU C 202 -21.22 -41.29 -7.75
CA GLU C 202 -22.37 -41.28 -8.64
C GLU C 202 -22.22 -40.22 -9.72
N PRO C 203 -22.83 -40.40 -10.89
CA PRO C 203 -22.60 -39.46 -12.00
C PRO C 203 -23.10 -38.05 -11.72
N ARG C 204 -24.36 -37.93 -11.32
CA ARG C 204 -24.94 -36.61 -11.11
C ARG C 204 -24.17 -35.83 -10.05
N ALA C 205 -23.62 -36.51 -9.06
CA ALA C 205 -22.83 -35.83 -8.04
C ALA C 205 -21.61 -35.16 -8.65
N LEU C 206 -20.89 -35.88 -9.51
CA LEU C 206 -19.70 -35.31 -10.12
C LEU C 206 -20.05 -34.22 -11.13
N GLN C 207 -21.17 -34.38 -11.84
CA GLN C 207 -21.60 -33.32 -12.76
C GLN C 207 -21.92 -32.03 -12.00
N LEU C 208 -22.64 -32.15 -10.87
CA LEU C 208 -22.95 -30.98 -10.07
C LEU C 208 -21.70 -30.36 -9.47
N LEU C 209 -20.76 -31.20 -9.00
CA LEU C 209 -19.51 -30.66 -8.47
C LEU C 209 -18.73 -29.90 -9.52
N ALA C 210 -18.65 -30.45 -10.74
CA ALA C 210 -17.93 -29.78 -11.81
C ALA C 210 -18.64 -28.51 -12.27
N ARG C 211 -19.98 -28.47 -12.18
CA ARG C 211 -20.68 -27.24 -12.51
C ARG C 211 -20.42 -26.16 -11.47
N ALA C 212 -20.40 -26.54 -10.19
CA ALA C 212 -20.24 -25.55 -9.12
C ALA C 212 -18.79 -25.20 -8.85
N ALA C 213 -17.83 -25.82 -9.55
CA ALA C 213 -16.42 -25.45 -9.38
C ALA C 213 -16.08 -24.14 -10.04
N GLU C 214 -16.86 -23.70 -11.03
CA GLU C 214 -16.65 -22.43 -11.73
C GLU C 214 -15.32 -22.41 -12.47
N GLY C 215 -15.08 -23.44 -13.27
CA GLY C 215 -13.98 -23.45 -14.21
C GLY C 215 -12.61 -23.65 -13.63
N SER C 216 -12.49 -23.77 -12.32
CA SER C 216 -11.20 -23.96 -11.66
C SER C 216 -11.20 -25.30 -10.95
N LEU C 217 -10.08 -26.02 -11.07
CA LEU C 217 -10.04 -27.39 -10.55
C LEU C 217 -9.69 -27.46 -9.08
N ARG C 218 -9.09 -26.41 -8.52
CA ARG C 218 -8.83 -26.41 -7.08
C ARG C 218 -10.11 -26.23 -6.29
N ASP C 219 -11.01 -25.38 -6.78
CA ASP C 219 -12.35 -25.31 -6.19
C ASP C 219 -13.06 -26.65 -6.29
N ALA C 220 -12.90 -27.33 -7.42
CA ALA C 220 -13.51 -28.65 -7.58
C ALA C 220 -12.95 -29.64 -6.58
N LEU C 221 -11.64 -29.59 -6.31
CA LEU C 221 -11.05 -30.53 -5.36
C LEU C 221 -11.44 -30.21 -3.92
N SER C 222 -11.50 -28.93 -3.56
CA SER C 222 -12.00 -28.58 -2.23
C SER C 222 -13.46 -28.98 -2.08
N LEU C 223 -14.27 -28.78 -3.11
CA LEU C 223 -15.67 -29.18 -3.05
C LEU C 223 -15.79 -30.70 -2.96
N THR C 224 -14.94 -31.44 -3.67
CA THR C 224 -14.97 -32.89 -3.57
C THR C 224 -14.59 -33.36 -2.17
N ASP C 225 -13.58 -32.73 -1.57
CA ASP C 225 -13.22 -33.08 -0.20
C ASP C 225 -14.37 -32.79 0.75
N GLN C 226 -15.03 -31.65 0.57
CA GLN C 226 -16.17 -31.31 1.42
C GLN C 226 -17.32 -32.28 1.24
N ALA C 227 -17.54 -32.75 0.01
CA ALA C 227 -18.60 -33.73 -0.23
C ALA C 227 -18.26 -35.09 0.37
N ILE C 228 -16.99 -35.49 0.29
CA ILE C 228 -16.56 -36.74 0.91
C ILE C 228 -16.71 -36.65 2.42
N ALA C 229 -16.44 -35.47 2.99
CA ALA C 229 -16.66 -35.28 4.42
C ALA C 229 -18.15 -35.24 4.76
N SER C 230 -18.98 -34.76 3.82
CA SER C 230 -20.42 -34.71 4.10
C SER C 230 -21.02 -36.12 4.13
N GLY C 231 -20.60 -36.99 3.22
CA GLY C 231 -20.97 -38.39 3.26
C GLY C 231 -20.02 -39.19 4.12
N ASP C 232 -20.24 -40.50 4.12
CA ASP C 232 -19.36 -41.41 4.86
C ASP C 232 -18.19 -41.87 3.99
N GLY C 233 -17.46 -40.90 3.44
CA GLY C 233 -16.46 -41.23 2.45
C GLY C 233 -17.07 -41.77 1.17
N GLN C 234 -18.15 -41.15 0.71
CA GLN C 234 -18.85 -41.57 -0.50
C GLN C 234 -19.48 -40.35 -1.14
N VAL C 235 -19.39 -40.29 -2.47
CA VAL C 235 -19.90 -39.15 -3.24
C VAL C 235 -21.23 -39.57 -3.87
N SER C 236 -22.30 -38.88 -3.52
CA SER C 236 -23.64 -39.22 -3.98
C SER C 236 -24.39 -37.94 -4.31
N THR C 237 -25.47 -38.10 -5.10
CA THR C 237 -26.24 -36.94 -5.54
C THR C 237 -26.87 -36.22 -4.35
N GLN C 238 -27.40 -36.97 -3.38
CA GLN C 238 -28.00 -36.35 -2.21
C GLN C 238 -26.98 -35.53 -1.44
N ALA C 239 -25.80 -36.10 -1.21
CA ALA C 239 -24.79 -35.41 -0.42
C ALA C 239 -24.31 -34.14 -1.10
N VAL C 240 -24.03 -34.21 -2.40
CA VAL C 240 -23.53 -33.03 -3.11
C VAL C 240 -24.63 -31.98 -3.24
N SER C 241 -25.87 -32.41 -3.45
CA SER C 241 -26.96 -31.45 -3.58
C SER C 241 -27.24 -30.75 -2.25
N ALA C 242 -27.09 -31.48 -1.14
CA ALA C 242 -27.26 -30.85 0.17
C ALA C 242 -26.08 -29.93 0.47
N MET C 243 -24.87 -30.29 0.05
CA MET C 243 -23.71 -29.46 0.32
C MET C 243 -23.76 -28.17 -0.48
N LEU C 244 -24.04 -28.28 -1.78
CA LEU C 244 -24.08 -27.11 -2.65
C LEU C 244 -25.30 -26.24 -2.36
N GLY C 245 -26.29 -26.75 -1.64
CA GLY C 245 -27.46 -25.98 -1.31
C GLY C 245 -28.29 -25.55 -2.50
N THR C 246 -28.33 -26.37 -3.54
CA THR C 246 -29.08 -26.07 -4.75
C THR C 246 -30.26 -27.04 -4.88
N LEU C 247 -30.97 -26.91 -5.99
CA LEU C 247 -32.13 -27.73 -6.28
C LEU C 247 -31.91 -28.49 -7.58
N ASP C 248 -32.50 -29.68 -7.66
CA ASP C 248 -32.58 -30.39 -8.93
C ASP C 248 -33.38 -29.55 -9.91
N ASP C 249 -32.89 -29.50 -11.16
CA ASP C 249 -33.50 -28.62 -12.16
C ASP C 249 -34.96 -28.94 -12.41
N ASP C 250 -35.40 -30.16 -12.12
CA ASP C 250 -36.80 -30.52 -12.34
C ASP C 250 -37.73 -29.72 -11.45
N GLN C 251 -37.39 -29.57 -10.17
CA GLN C 251 -38.25 -28.82 -9.25
C GLN C 251 -38.30 -27.34 -9.64
N ALA C 252 -37.15 -26.76 -9.95
CA ALA C 252 -37.10 -25.36 -10.34
C ALA C 252 -37.90 -25.12 -11.61
N LEU C 253 -37.76 -26.01 -12.59
CA LEU C 253 -38.51 -25.86 -13.83
C LEU C 253 -40.01 -26.08 -13.60
N SER C 254 -40.37 -26.97 -12.68
CA SER C 254 -41.78 -27.13 -12.35
C SER C 254 -42.35 -25.85 -11.77
N LEU C 255 -41.61 -25.19 -10.88
CA LEU C 255 -42.08 -23.93 -10.31
C LEU C 255 -42.14 -22.84 -11.37
N VAL C 256 -41.13 -22.77 -12.25
CA VAL C 256 -41.12 -21.77 -13.31
C VAL C 256 -42.29 -21.98 -14.25
N GLU C 257 -42.58 -23.23 -14.59
CA GLU C 257 -43.74 -23.53 -15.43
C GLU C 257 -45.03 -23.13 -14.74
N ALA C 258 -45.19 -23.51 -13.47
CA ALA C 258 -46.39 -23.13 -12.72
C ALA C 258 -46.58 -21.62 -12.73
N MET C 259 -45.47 -20.87 -12.71
CA MET C 259 -45.55 -19.42 -12.87
C MET C 259 -46.01 -19.05 -14.28
N VAL C 260 -45.42 -19.67 -15.30
CA VAL C 260 -45.69 -19.29 -16.69
C VAL C 260 -47.10 -19.72 -17.09
N GLU C 261 -47.47 -20.97 -16.82
CA GLU C 261 -48.77 -21.49 -17.19
C GLU C 261 -49.89 -21.04 -16.24
N ALA C 262 -49.64 -20.01 -15.43
CA ALA C 262 -50.66 -19.39 -14.59
C ALA C 262 -51.27 -20.34 -13.58
N ASN C 263 -50.57 -21.44 -13.26
CA ASN C 263 -51.05 -22.39 -12.26
C ASN C 263 -50.57 -21.95 -10.88
N GLY C 264 -51.25 -20.91 -10.37
CA GLY C 264 -50.86 -20.35 -9.08
C GLY C 264 -50.96 -21.33 -7.94
N GLU C 265 -51.96 -22.22 -7.97
CA GLU C 265 -52.06 -23.25 -6.95
C GLU C 265 -50.84 -24.16 -6.99
N ARG C 266 -50.37 -24.51 -8.19
CA ARG C 266 -49.15 -25.29 -8.29
C ARG C 266 -47.95 -24.52 -7.78
N VAL C 267 -47.92 -23.20 -8.00
CA VAL C 267 -46.85 -22.37 -7.45
C VAL C 267 -46.85 -22.48 -5.93
N MET C 268 -48.03 -22.35 -5.32
CA MET C 268 -48.12 -22.47 -3.87
C MET C 268 -47.68 -23.85 -3.39
N ALA C 269 -48.12 -24.89 -4.09
CA ALA C 269 -47.78 -26.26 -3.69
C ALA C 269 -46.27 -26.50 -3.74
N LEU C 270 -45.62 -26.07 -4.83
CA LEU C 270 -44.19 -26.27 -4.94
C LEU C 270 -43.41 -25.38 -3.98
N ILE C 271 -43.94 -24.20 -3.66
CA ILE C 271 -43.32 -23.38 -2.62
C ILE C 271 -43.38 -24.09 -1.28
N ASN C 272 -44.53 -24.68 -0.96
CA ASN C 272 -44.64 -25.43 0.30
C ASN C 272 -43.70 -26.62 0.30
N GLU C 273 -43.61 -27.33 -0.82
CA GLU C 273 -42.71 -28.47 -0.91
C GLU C 273 -41.26 -28.06 -0.71
N ALA C 274 -40.84 -26.96 -1.34
CA ALA C 274 -39.48 -26.48 -1.14
C ALA C 274 -39.25 -25.99 0.28
N ALA C 275 -40.30 -25.49 0.94
CA ALA C 275 -40.19 -25.17 2.35
C ALA C 275 -39.97 -26.42 3.18
N ALA C 276 -40.62 -27.53 2.80
CA ALA C 276 -40.45 -28.78 3.53
C ALA C 276 -39.00 -29.27 3.44
N ARG C 277 -38.38 -29.13 2.28
CA ARG C 277 -37.02 -29.63 2.09
C ARG C 277 -35.96 -28.76 2.76
N GLY C 278 -36.33 -27.62 3.32
CA GLY C 278 -35.38 -26.76 3.99
C GLY C 278 -34.32 -26.16 3.09
N ILE C 279 -34.74 -25.65 1.94
CA ILE C 279 -33.84 -25.01 0.98
C ILE C 279 -34.02 -23.50 1.07
N GLU C 280 -32.92 -22.78 0.95
CA GLU C 280 -32.95 -21.32 1.04
C GLU C 280 -33.87 -20.74 -0.02
N TRP C 281 -34.60 -19.69 0.35
CA TRP C 281 -35.55 -19.07 -0.56
C TRP C 281 -34.84 -18.26 -1.64
N GLU C 282 -33.81 -17.52 -1.26
CA GLU C 282 -33.01 -16.82 -2.26
C GLU C 282 -32.40 -17.80 -3.25
N ALA C 283 -32.06 -19.02 -2.79
CA ALA C 283 -31.61 -20.05 -3.71
C ALA C 283 -32.70 -20.41 -4.71
N LEU C 284 -33.94 -20.48 -4.25
CA LEU C 284 -35.05 -20.75 -5.15
C LEU C 284 -35.18 -19.65 -6.21
N LEU C 285 -35.11 -18.38 -5.78
CA LEU C 285 -35.20 -17.28 -6.73
C LEU C 285 -34.05 -17.31 -7.72
N VAL C 286 -32.84 -17.59 -7.24
CA VAL C 286 -31.68 -17.62 -8.13
C VAL C 286 -31.80 -18.75 -9.13
N GLU C 287 -32.34 -19.89 -8.70
CA GLU C 287 -32.47 -21.01 -9.63
C GLU C 287 -33.53 -20.74 -10.68
N MET C 288 -34.66 -20.14 -10.29
CA MET C 288 -35.65 -19.75 -11.29
C MET C 288 -35.09 -18.71 -12.24
N LEU C 289 -34.32 -17.76 -11.73
CA LEU C 289 -33.71 -16.74 -12.57
C LEU C 289 -32.72 -17.36 -13.56
N GLY C 290 -31.93 -18.32 -13.09
CA GLY C 290 -31.01 -19.01 -13.98
C GLY C 290 -31.73 -19.78 -15.07
N LEU C 291 -32.83 -20.44 -14.71
CA LEU C 291 -33.60 -21.16 -15.72
C LEU C 291 -34.23 -20.21 -16.74
N LEU C 292 -34.73 -19.06 -16.27
CA LEU C 292 -35.28 -18.07 -17.20
C LEU C 292 -34.21 -17.53 -18.14
N HIS C 293 -33.02 -17.26 -17.61
CA HIS C 293 -31.94 -16.81 -18.47
C HIS C 293 -31.55 -17.88 -19.47
N ARG C 294 -31.57 -19.15 -19.05
CA ARG C 294 -31.28 -20.23 -19.99
C ARG C 294 -32.33 -20.33 -21.08
N ILE C 295 -33.60 -20.12 -20.74
CA ILE C 295 -34.65 -20.10 -21.75
C ILE C 295 -34.41 -18.95 -22.73
N ALA C 296 -34.05 -17.78 -22.22
CA ALA C 296 -33.77 -16.64 -23.10
C ALA C 296 -32.59 -16.94 -24.03
N MET C 297 -31.54 -17.56 -23.48
CA MET C 297 -30.38 -17.90 -24.30
C MET C 297 -30.72 -18.93 -25.36
N VAL C 298 -31.57 -19.90 -25.02
CA VAL C 298 -32.06 -20.86 -26.01
C VAL C 298 -32.84 -20.12 -27.10
N GLN C 299 -33.62 -19.11 -26.71
CA GLN C 299 -34.32 -18.29 -27.69
C GLN C 299 -33.34 -17.59 -28.63
N LEU C 300 -32.21 -17.13 -28.10
CA LEU C 300 -31.17 -16.59 -28.97
C LEU C 300 -30.63 -17.65 -29.92
N SER C 301 -30.22 -18.81 -29.38
CA SER C 301 -29.62 -19.85 -30.19
C SER C 301 -29.84 -21.21 -29.55
N PRO C 302 -30.07 -22.25 -30.34
CA PRO C 302 -30.29 -23.59 -29.76
C PRO C 302 -29.10 -24.11 -28.97
N ALA C 303 -27.88 -23.73 -29.33
CA ALA C 303 -26.68 -24.26 -28.70
C ALA C 303 -26.44 -23.71 -27.30
N ALA C 304 -27.38 -22.96 -26.73
CA ALA C 304 -27.16 -22.38 -25.41
C ALA C 304 -27.11 -23.45 -24.33
N LEU C 305 -27.97 -24.46 -24.43
CA LEU C 305 -28.09 -25.45 -23.37
C LEU C 305 -26.84 -26.30 -23.27
N GLY C 306 -26.32 -26.44 -22.05
CA GLY C 306 -25.22 -27.36 -21.80
C GLY C 306 -25.71 -28.76 -21.47
N ASN C 307 -24.80 -29.72 -21.62
CA ASN C 307 -25.16 -31.11 -21.37
C ASN C 307 -25.47 -31.38 -19.90
N ASP C 308 -24.98 -30.53 -19.00
CA ASP C 308 -25.12 -30.80 -17.57
C ASP C 308 -26.59 -30.91 -17.16
N MET C 309 -27.46 -30.10 -17.76
CA MET C 309 -28.89 -30.14 -17.46
C MET C 309 -29.69 -30.83 -18.56
N ALA C 310 -29.03 -31.67 -19.35
CA ALA C 310 -29.68 -32.37 -20.47
C ALA C 310 -30.99 -33.02 -20.08
N ALA C 311 -31.17 -33.39 -18.82
CA ALA C 311 -32.39 -34.07 -18.39
C ALA C 311 -33.64 -33.24 -18.71
N ILE C 312 -33.55 -31.93 -18.55
CA ILE C 312 -34.71 -31.06 -18.80
C ILE C 312 -34.63 -30.42 -20.18
N GLU C 313 -33.65 -30.81 -21.01
CA GLU C 313 -33.44 -30.14 -22.28
C GLU C 313 -34.73 -30.05 -23.07
N LEU C 314 -35.44 -31.17 -23.23
CA LEU C 314 -36.68 -31.17 -23.99
C LEU C 314 -37.63 -30.09 -23.47
N ARG C 315 -37.89 -30.09 -22.16
CA ARG C 315 -38.82 -29.12 -21.60
C ARG C 315 -38.33 -27.70 -21.87
N MET C 316 -37.03 -27.46 -21.68
CA MET C 316 -36.45 -26.16 -22.05
C MET C 316 -36.90 -25.76 -23.44
N ARG C 317 -36.62 -26.61 -24.43
CA ARG C 317 -37.00 -26.30 -25.80
C ARG C 317 -38.47 -25.93 -25.87
N GLU C 318 -39.33 -26.77 -25.27
CA GLU C 318 -40.76 -26.49 -25.33
C GLU C 318 -41.05 -25.10 -24.75
N LEU C 319 -40.54 -24.83 -23.54
CA LEU C 319 -40.84 -23.56 -22.91
C LEU C 319 -40.19 -22.41 -23.66
N ALA C 320 -39.13 -22.69 -24.42
CA ALA C 320 -38.53 -21.65 -25.25
C ALA C 320 -39.40 -21.36 -26.46
N ARG C 321 -40.04 -22.40 -27.01
CA ARG C 321 -40.84 -22.22 -28.21
C ARG C 321 -42.22 -21.68 -27.88
N THR C 322 -42.72 -21.94 -26.68
CA THR C 322 -44.06 -21.51 -26.30
C THR C 322 -44.11 -20.02 -25.95
N ILE C 323 -43.05 -19.51 -25.33
CA ILE C 323 -43.05 -18.17 -24.73
C ILE C 323 -42.22 -17.24 -25.61
N PRO C 324 -42.79 -16.17 -26.14
CA PRO C 324 -42.00 -15.19 -26.90
C PRO C 324 -41.07 -14.42 -25.98
N PRO C 325 -40.00 -13.82 -26.53
CA PRO C 325 -38.94 -13.28 -25.67
C PRO C 325 -39.39 -12.18 -24.73
N THR C 326 -40.42 -11.40 -25.08
CA THR C 326 -40.83 -10.30 -24.23
C THR C 326 -41.35 -10.80 -22.88
N ASP C 327 -42.08 -11.91 -22.89
CA ASP C 327 -42.57 -12.46 -21.63
C ASP C 327 -41.43 -13.03 -20.79
N ILE C 328 -40.44 -13.64 -21.43
CA ILE C 328 -39.27 -14.12 -20.71
C ILE C 328 -38.53 -12.96 -20.06
N GLN C 329 -38.38 -11.86 -20.80
CA GLN C 329 -37.75 -10.66 -20.23
C GLN C 329 -38.55 -10.13 -19.06
N LEU C 330 -39.88 -10.09 -19.19
CA LEU C 330 -40.73 -9.60 -18.11
C LEU C 330 -40.59 -10.47 -16.86
N TYR C 331 -40.61 -11.79 -17.04
CA TYR C 331 -40.46 -12.70 -15.90
C TYR C 331 -39.09 -12.53 -15.26
N TYR C 332 -38.04 -12.45 -16.08
CA TYR C 332 -36.70 -12.32 -15.53
C TYR C 332 -36.56 -11.01 -14.75
N GLN C 333 -37.11 -9.92 -15.29
CA GLN C 333 -37.05 -8.65 -14.58
C GLN C 333 -37.86 -8.69 -13.28
N THR C 334 -39.03 -9.31 -13.31
CA THR C 334 -39.84 -9.39 -12.11
C THR C 334 -39.13 -10.19 -11.02
N LEU C 335 -38.56 -11.34 -11.38
CA LEU C 335 -37.85 -12.15 -10.40
C LEU C 335 -36.55 -11.47 -9.94
N LEU C 336 -35.89 -10.73 -10.84
CA LEU C 336 -34.70 -9.99 -10.43
C LEU C 336 -35.05 -8.91 -9.42
N ILE C 337 -36.13 -8.17 -9.65
CA ILE C 337 -36.56 -7.16 -8.71
C ILE C 337 -37.00 -7.80 -7.40
N GLY C 338 -37.64 -8.97 -7.49
CA GLY C 338 -38.00 -9.69 -6.28
C GLY C 338 -36.81 -10.11 -5.46
N ARG C 339 -35.77 -10.63 -6.12
CA ARG C 339 -34.55 -11.00 -5.40
C ARG C 339 -33.85 -9.78 -4.82
N LYS C 340 -33.85 -8.67 -5.56
CA LYS C 340 -33.23 -7.45 -5.08
C LYS C 340 -33.98 -6.88 -3.87
N GLU C 341 -35.29 -7.07 -3.82
CA GLU C 341 -36.10 -6.59 -2.71
C GLU C 341 -36.28 -7.62 -1.60
N LEU C 342 -35.80 -8.85 -1.81
CA LEU C 342 -35.96 -9.90 -0.81
C LEU C 342 -35.40 -9.55 0.56
N PRO C 343 -34.22 -8.94 0.71
CA PRO C 343 -33.73 -8.65 2.07
C PRO C 343 -34.67 -7.78 2.89
N TYR C 344 -35.44 -6.91 2.25
CA TYR C 344 -36.35 -6.03 2.95
C TYR C 344 -37.77 -6.58 3.03
N ALA C 345 -38.02 -7.78 2.51
CA ALA C 345 -39.31 -8.40 2.66
C ALA C 345 -39.52 -8.81 4.12
N PRO C 346 -40.77 -8.87 4.58
CA PRO C 346 -41.00 -9.24 5.99
C PRO C 346 -40.43 -10.60 6.35
N ASP C 347 -40.66 -11.61 5.51
CA ASP C 347 -40.02 -12.91 5.62
C ASP C 347 -39.55 -13.33 4.24
N ARG C 348 -38.42 -14.06 4.21
CA ARG C 348 -37.88 -14.50 2.94
C ARG C 348 -38.88 -15.40 2.21
N ARG C 349 -39.56 -16.27 2.94
CA ARG C 349 -40.57 -17.13 2.33
C ARG C 349 -41.67 -16.30 1.67
N MET C 350 -42.27 -15.37 2.41
CA MET C 350 -43.32 -14.56 1.82
C MET C 350 -42.77 -13.51 0.86
N GLY C 351 -41.48 -13.17 0.97
CA GLY C 351 -40.87 -12.35 -0.06
C GLY C 351 -40.85 -13.05 -1.41
N VAL C 352 -40.40 -14.30 -1.43
CA VAL C 352 -40.42 -15.07 -2.67
C VAL C 352 -41.85 -15.32 -3.12
N GLU C 353 -42.75 -15.54 -2.17
CA GLU C 353 -44.14 -15.79 -2.50
C GLU C 353 -44.77 -14.57 -3.18
N MET C 354 -44.50 -13.37 -2.67
CA MET C 354 -45.05 -12.17 -3.29
C MET C 354 -44.34 -11.84 -4.58
N THR C 355 -43.06 -12.20 -4.72
CA THR C 355 -42.41 -12.07 -6.03
C THR C 355 -43.12 -12.92 -7.07
N LEU C 356 -43.41 -14.18 -6.72
CA LEU C 356 -44.14 -15.05 -7.63
C LEU C 356 -45.53 -14.53 -7.91
N LEU C 357 -46.22 -14.03 -6.88
CA LEU C 357 -47.56 -13.50 -7.05
C LEU C 357 -47.56 -12.27 -7.97
N ARG C 358 -46.54 -11.43 -7.87
CA ARG C 358 -46.42 -10.29 -8.76
C ARG C 358 -46.13 -10.73 -10.19
N ALA C 359 -45.26 -11.73 -10.36
CA ALA C 359 -45.00 -12.26 -11.69
C ALA C 359 -46.25 -12.90 -12.28
N LEU C 360 -47.16 -13.36 -11.42
CA LEU C 360 -48.42 -13.94 -11.90
C LEU C 360 -49.49 -12.91 -12.17
N ALA C 361 -49.51 -11.81 -11.39
CA ALA C 361 -50.53 -10.78 -11.58
C ALA C 361 -50.27 -9.97 -12.85
N PHE C 362 -49.02 -9.62 -13.10
CA PHE C 362 -48.64 -8.88 -14.30
C PHE C 362 -48.50 -9.77 -15.51
N HIS C 363 -49.08 -10.96 -15.46
CA HIS C 363 -49.00 -11.92 -16.56
C HIS C 363 -49.75 -11.40 -17.77
N PRO C 364 -49.09 -11.21 -18.91
CA PRO C 364 -49.80 -10.61 -20.06
C PRO C 364 -50.79 -11.56 -20.74
N ARG C 365 -50.40 -12.81 -20.97
CA ARG C 365 -51.27 -13.74 -21.68
C ARG C 365 -52.37 -14.32 -20.79
N MET C 366 -52.21 -14.25 -19.47
CA MET C 366 -53.22 -14.74 -18.53
C MET C 366 -53.07 -14.01 -17.21
N PRO C 367 -53.52 -12.76 -17.13
CA PRO C 367 -53.42 -12.02 -15.87
C PRO C 367 -54.35 -12.58 -14.81
N LEU C 368 -53.99 -12.35 -13.56
CA LEU C 368 -54.86 -12.73 -12.46
C LEU C 368 -56.17 -11.95 -12.56
N PRO C 369 -57.30 -12.60 -12.30
CA PRO C 369 -58.60 -11.92 -12.47
C PRO C 369 -58.70 -10.67 -11.59
N GLU C 370 -59.31 -9.62 -12.15
CA GLU C 370 -59.45 -8.35 -11.45
C GLU C 370 -60.73 -8.32 -10.62
N GLY D 1 -20.77 -20.31 40.83
CA GLY D 1 -19.75 -19.30 40.99
C GLY D 1 -19.04 -18.95 39.70
N PRO D 2 -19.53 -17.92 39.00
CA PRO D 2 -18.87 -17.49 37.76
C PRO D 2 -17.40 -17.16 37.99
N HIS D 3 -16.58 -17.27 36.94
CA HIS D 3 -15.13 -17.10 37.06
C HIS D 3 -14.80 -15.80 37.78
N MET D 4 -15.44 -14.71 37.39
CA MET D 4 -15.39 -13.48 38.16
C MET D 4 -16.80 -12.93 38.35
N SER D 5 -17.66 -13.12 37.36
CA SER D 5 -19.00 -12.56 37.34
C SER D 5 -19.75 -13.13 36.14
N TYR D 6 -21.07 -13.01 36.18
CA TYR D 6 -21.93 -13.47 35.10
C TYR D 6 -21.53 -12.82 33.78
N GLN D 7 -21.18 -13.65 32.80
CA GLN D 7 -20.55 -13.19 31.58
C GLN D 7 -21.51 -13.20 30.39
N VAL D 8 -22.77 -12.79 30.61
CA VAL D 8 -23.74 -12.55 29.53
C VAL D 8 -24.22 -13.88 28.98
N LEU D 9 -25.49 -13.91 28.53
CA LEU D 9 -26.06 -15.14 28.00
C LEU D 9 -25.32 -15.60 26.75
N ALA D 10 -24.90 -14.66 25.89
CA ALA D 10 -24.27 -15.03 24.64
C ALA D 10 -22.89 -15.63 24.86
N ARG D 11 -22.12 -15.08 25.81
CA ARG D 11 -20.76 -15.59 26.02
C ARG D 11 -20.76 -16.89 26.82
N LYS D 12 -21.71 -17.05 27.75
CA LYS D 12 -21.71 -18.25 28.57
C LYS D 12 -22.18 -19.46 27.78
N TRP D 13 -23.17 -19.29 26.90
CA TRP D 13 -23.83 -20.39 26.24
C TRP D 13 -23.26 -20.69 24.85
N ARG D 14 -21.97 -20.47 24.65
CA ARG D 14 -21.34 -20.97 23.44
C ARG D 14 -21.32 -22.50 23.48
N PRO D 15 -21.46 -23.14 22.32
CA PRO D 15 -21.40 -24.61 22.30
C PRO D 15 -20.08 -25.12 22.86
N GLN D 16 -20.15 -25.79 24.01
CA GLN D 16 -18.92 -26.27 24.64
C GLN D 16 -18.37 -27.52 23.96
N THR D 17 -19.25 -28.38 23.45
CA THR D 17 -18.86 -29.56 22.69
C THR D 17 -19.78 -29.72 21.51
N PHE D 18 -19.56 -30.78 20.74
CA PHE D 18 -20.49 -31.16 19.70
C PHE D 18 -21.77 -31.70 20.33
N ALA D 19 -22.84 -31.71 19.53
CA ALA D 19 -24.20 -32.03 19.93
C ALA D 19 -24.80 -30.96 20.84
N ASP D 20 -24.02 -29.96 21.22
CA ASP D 20 -24.55 -28.75 21.85
C ASP D 20 -24.88 -27.69 20.81
N VAL D 21 -24.36 -27.83 19.59
CA VAL D 21 -24.57 -26.84 18.55
C VAL D 21 -26.02 -26.87 18.08
N VAL D 22 -26.62 -25.70 17.91
CA VAL D 22 -27.99 -25.59 17.43
C VAL D 22 -27.97 -25.56 15.91
N GLY D 23 -28.63 -26.54 15.29
CA GLY D 23 -28.67 -26.56 13.86
C GLY D 23 -27.29 -26.79 13.27
N GLN D 24 -27.10 -26.26 12.07
CA GLN D 24 -25.83 -26.36 11.34
C GLN D 24 -25.41 -27.81 11.13
N GLU D 25 -26.39 -28.72 11.03
CA GLU D 25 -26.07 -30.14 10.94
C GLU D 25 -25.23 -30.47 9.71
N HIS D 26 -25.33 -29.66 8.66
CA HIS D 26 -24.47 -29.87 7.49
C HIS D 26 -23.01 -29.84 7.90
N VAL D 27 -22.55 -28.69 8.42
CA VAL D 27 -21.15 -28.55 8.80
C VAL D 27 -20.80 -29.45 9.99
N LEU D 28 -21.73 -29.65 10.93
CA LEU D 28 -21.44 -30.48 12.09
C LEU D 28 -21.16 -31.91 11.67
N THR D 29 -22.04 -32.50 10.86
CA THR D 29 -21.81 -33.87 10.40
C THR D 29 -20.61 -33.95 9.47
N ALA D 30 -20.39 -32.93 8.63
CA ALA D 30 -19.24 -32.96 7.75
C ALA D 30 -17.93 -32.96 8.54
N LEU D 31 -17.84 -32.10 9.56
CA LEU D 31 -16.64 -32.08 10.39
C LEU D 31 -16.49 -33.38 11.18
N ALA D 32 -17.60 -33.92 11.68
CA ALA D 32 -17.52 -35.18 12.41
C ALA D 32 -16.99 -36.30 11.53
N ASN D 33 -17.50 -36.39 10.30
CA ASN D 33 -17.03 -37.43 9.39
C ASN D 33 -15.59 -37.20 8.96
N GLY D 34 -15.19 -35.94 8.78
CA GLY D 34 -13.81 -35.66 8.48
C GLY D 34 -12.87 -36.06 9.60
N LEU D 35 -13.26 -35.76 10.84
CA LEU D 35 -12.45 -36.13 12.00
C LEU D 35 -12.37 -37.64 12.16
N SER D 36 -13.49 -38.34 11.98
CA SER D 36 -13.50 -39.77 12.22
C SER D 36 -12.81 -40.55 11.09
N LEU D 37 -12.97 -40.11 9.85
CA LEU D 37 -12.42 -40.83 8.71
C LEU D 37 -10.96 -40.51 8.45
N GLY D 38 -10.39 -39.51 9.10
CA GLY D 38 -9.04 -39.07 8.79
C GLY D 38 -8.96 -38.06 7.68
N ARG D 39 -10.08 -37.74 7.03
CA ARG D 39 -10.13 -36.71 5.99
C ARG D 39 -10.13 -35.36 6.70
N ILE D 40 -8.94 -34.85 7.00
CA ILE D 40 -8.78 -33.56 7.64
C ILE D 40 -8.08 -32.62 6.66
N HIS D 41 -8.72 -31.50 6.37
CA HIS D 41 -8.15 -30.44 5.55
C HIS D 41 -7.37 -29.47 6.43
N HIS D 42 -6.53 -28.66 5.78
CA HIS D 42 -5.72 -27.70 6.49
C HIS D 42 -6.39 -26.33 6.61
N ALA D 43 -7.43 -26.06 5.83
CA ALA D 43 -8.06 -24.75 5.81
C ALA D 43 -9.57 -24.91 5.72
N TYR D 44 -10.26 -24.59 6.81
CA TYR D 44 -11.72 -24.57 6.86
C TYR D 44 -12.18 -23.13 6.99
N LEU D 45 -13.11 -22.72 6.13
CA LEU D 45 -13.64 -21.35 6.11
C LEU D 45 -15.11 -21.41 6.47
N PHE D 46 -15.44 -21.01 7.70
CA PHE D 46 -16.81 -21.03 8.17
C PHE D 46 -17.43 -19.67 7.86
N SER D 47 -18.24 -19.61 6.81
CA SER D 47 -18.82 -18.36 6.34
C SER D 47 -20.32 -18.38 6.52
N GLY D 48 -20.87 -17.32 7.09
CA GLY D 48 -22.30 -17.25 7.30
C GLY D 48 -22.68 -15.93 7.93
N THR D 49 -23.98 -15.76 8.13
CA THR D 49 -24.49 -14.53 8.71
C THR D 49 -24.06 -14.41 10.17
N ARG D 50 -24.45 -13.30 10.79
CA ARG D 50 -24.05 -13.03 12.16
C ARG D 50 -24.73 -13.99 13.12
N GLY D 51 -23.99 -14.39 14.16
CA GLY D 51 -24.59 -15.08 15.29
C GLY D 51 -25.26 -16.40 14.98
N VAL D 52 -24.76 -17.14 14.00
CA VAL D 52 -25.22 -18.50 13.74
C VAL D 52 -24.17 -19.53 14.08
N GLY D 53 -22.99 -19.10 14.50
CA GLY D 53 -21.94 -19.98 14.94
C GLY D 53 -20.89 -20.18 13.87
N LYS D 54 -19.85 -19.38 13.92
CA LYS D 54 -18.68 -19.55 13.06
C LYS D 54 -17.40 -19.58 13.88
N THR D 55 -17.31 -18.77 14.93
CA THR D 55 -16.21 -18.87 15.87
C THR D 55 -16.39 -20.05 16.80
N SER D 56 -17.61 -20.31 17.25
CA SER D 56 -17.86 -21.44 18.13
C SER D 56 -17.58 -22.76 17.43
N ILE D 57 -18.03 -22.91 16.19
CA ILE D 57 -17.77 -24.13 15.44
C ILE D 57 -16.27 -24.32 15.23
N ALA D 58 -15.57 -23.23 14.92
CA ALA D 58 -14.12 -23.33 14.71
C ALA D 58 -13.40 -23.69 16.00
N ARG D 59 -13.82 -23.14 17.13
CA ARG D 59 -13.20 -23.49 18.40
C ARG D 59 -13.47 -24.96 18.75
N LEU D 60 -14.67 -25.44 18.46
CA LEU D 60 -14.96 -26.86 18.68
C LEU D 60 -14.08 -27.74 17.79
N LEU D 61 -13.88 -27.34 16.53
CA LEU D 61 -13.01 -28.09 15.65
C LEU D 61 -11.57 -28.09 16.16
N ALA D 62 -11.12 -26.94 16.66
CA ALA D 62 -9.78 -26.88 17.24
C ALA D 62 -9.66 -27.78 18.46
N LYS D 63 -10.69 -27.81 19.30
CA LYS D 63 -10.68 -28.72 20.45
C LYS D 63 -10.59 -30.15 20.01
N GLY D 64 -11.39 -30.54 19.01
CA GLY D 64 -11.39 -31.91 18.56
C GLY D 64 -10.09 -32.33 17.92
N LEU D 65 -9.46 -31.42 17.17
CA LEU D 65 -8.28 -31.79 16.39
C LEU D 65 -7.13 -32.22 17.30
N ASN D 66 -6.82 -31.42 18.32
CA ASN D 66 -5.65 -31.66 19.16
C ASN D 66 -6.05 -31.98 20.60
N CYS D 67 -7.06 -32.82 20.76
CA CYS D 67 -7.44 -33.32 22.08
C CYS D 67 -6.52 -34.46 22.49
N GLU D 68 -6.34 -34.61 23.80
CA GLU D 68 -5.44 -35.64 24.31
C GLU D 68 -5.92 -37.04 23.99
N THR D 69 -7.22 -37.24 23.82
CA THR D 69 -7.73 -38.56 23.45
C THR D 69 -7.26 -38.98 22.06
N GLY D 70 -7.26 -38.04 21.13
CA GLY D 70 -6.89 -38.33 19.76
C GLY D 70 -7.65 -37.42 18.82
N ILE D 71 -7.65 -37.77 17.54
CA ILE D 71 -8.42 -37.02 16.55
C ILE D 71 -9.87 -37.46 16.69
N THR D 72 -10.63 -36.78 17.53
CA THR D 72 -11.95 -37.25 17.94
C THR D 72 -13.03 -36.33 17.40
N ALA D 73 -14.14 -36.94 16.96
CA ALA D 73 -15.28 -36.15 16.49
C ALA D 73 -15.94 -35.42 17.65
N THR D 74 -16.00 -36.04 18.82
CA THR D 74 -16.59 -35.42 20.01
C THR D 74 -15.52 -35.14 21.07
N PRO D 75 -15.03 -33.92 21.17
CA PRO D 75 -14.04 -33.61 22.20
C PRO D 75 -14.65 -33.70 23.59
N CYS D 76 -13.82 -34.12 24.55
CA CYS D 76 -14.23 -34.21 25.94
C CYS D 76 -13.93 -32.88 26.62
N GLY D 77 -13.98 -32.85 27.95
CA GLY D 77 -13.43 -31.75 28.70
C GLY D 77 -12.27 -32.27 29.54
N VAL D 78 -12.31 -31.99 30.84
CA VAL D 78 -11.48 -32.61 31.87
C VAL D 78 -9.98 -32.59 31.54
N CYS D 79 -9.59 -33.07 30.35
CA CYS D 79 -8.18 -33.17 30.07
C CYS D 79 -7.62 -31.80 29.68
N ASP D 80 -6.30 -31.76 29.52
CA ASP D 80 -5.59 -30.48 29.53
C ASP D 80 -5.94 -29.62 28.31
N ASN D 81 -5.85 -30.21 27.11
CA ASN D 81 -5.87 -29.39 25.89
C ASN D 81 -7.22 -28.72 25.69
N CYS D 82 -8.31 -29.49 25.76
CA CYS D 82 -9.62 -28.88 25.55
C CYS D 82 -10.08 -28.07 26.75
N ARG D 83 -9.45 -28.24 27.91
CA ARG D 83 -9.70 -27.34 29.02
C ARG D 83 -9.04 -25.98 28.79
N GLU D 84 -7.81 -25.99 28.25
CA GLU D 84 -7.10 -24.74 27.98
C GLU D 84 -7.70 -24.00 26.80
N ILE D 85 -8.17 -24.72 25.78
CA ILE D 85 -8.68 -24.05 24.58
C ILE D 85 -9.89 -23.20 24.92
N GLU D 86 -10.80 -23.71 25.75
CA GLU D 86 -11.98 -22.95 26.15
C GLU D 86 -11.66 -21.83 27.14
N GLN D 87 -10.50 -21.88 27.78
CA GLN D 87 -10.08 -20.84 28.71
C GLN D 87 -9.23 -19.76 28.06
N GLY D 88 -9.00 -19.86 26.75
CA GLY D 88 -8.15 -18.89 26.08
C GLY D 88 -6.71 -18.91 26.53
N ARG D 89 -6.18 -20.08 26.85
CA ARG D 89 -4.81 -20.24 27.31
C ARG D 89 -3.96 -21.10 26.40
N PHE D 90 -4.56 -22.01 25.65
CA PHE D 90 -3.80 -22.98 24.88
C PHE D 90 -2.92 -22.29 23.86
N VAL D 91 -1.63 -22.65 23.85
CA VAL D 91 -0.66 -21.96 23.03
C VAL D 91 -0.88 -22.27 21.55
N ASP D 92 -1.15 -23.53 21.23
CA ASP D 92 -1.21 -23.95 19.84
C ASP D 92 -2.43 -23.43 19.09
N LEU D 93 -3.44 -22.91 19.79
CA LEU D 93 -4.56 -22.24 19.13
C LEU D 93 -4.26 -20.75 19.11
N ILE D 94 -3.94 -20.23 17.92
CA ILE D 94 -3.60 -18.83 17.74
C ILE D 94 -4.80 -18.13 17.14
N GLU D 95 -5.46 -17.29 17.94
CA GLU D 95 -6.68 -16.62 17.53
C GLU D 95 -6.34 -15.23 17.03
N ILE D 96 -6.65 -14.96 15.76
CA ILE D 96 -6.31 -13.72 15.09
C ILE D 96 -7.59 -12.91 14.87
N ASP D 97 -7.58 -11.67 15.33
CA ASP D 97 -8.62 -10.70 15.00
C ASP D 97 -8.17 -10.02 13.73
N ALA D 98 -8.56 -10.59 12.58
CA ALA D 98 -8.11 -10.08 11.30
C ALA D 98 -8.59 -8.66 11.05
N ALA D 99 -9.59 -8.19 11.78
CA ALA D 99 -10.03 -6.81 11.67
C ALA D 99 -9.09 -5.83 12.38
N SER D 100 -8.24 -6.33 13.28
CA SER D 100 -7.22 -5.52 13.93
C SER D 100 -5.82 -5.76 13.37
N ARG D 101 -5.51 -7.00 13.00
CA ARG D 101 -4.24 -7.29 12.33
C ARG D 101 -4.43 -7.33 10.81
N THR D 102 -4.94 -6.23 10.28
CA THR D 102 -5.09 -6.10 8.84
C THR D 102 -3.76 -5.88 8.14
N LYS D 103 -2.76 -5.38 8.84
CA LYS D 103 -1.50 -5.00 8.24
C LYS D 103 -0.78 -6.23 7.67
N VAL D 104 0.15 -5.97 6.75
CA VAL D 104 0.89 -7.06 6.12
C VAL D 104 2.13 -7.43 6.93
N GLU D 105 2.68 -6.50 7.71
CA GLU D 105 3.75 -6.86 8.62
C GLU D 105 3.26 -7.94 9.60
N ASP D 106 2.03 -7.79 10.07
CA ASP D 106 1.46 -8.76 11.01
C ASP D 106 1.25 -10.11 10.35
N THR D 107 0.69 -10.13 9.13
CA THR D 107 0.52 -11.40 8.45
C THR D 107 1.86 -12.06 8.15
N ARG D 108 2.86 -11.26 7.76
CA ARG D 108 4.15 -11.83 7.41
C ARG D 108 4.87 -12.38 8.63
N ASP D 109 4.84 -11.68 9.76
CA ASP D 109 5.49 -12.24 10.94
C ASP D 109 4.64 -13.30 11.62
N LEU D 110 3.36 -13.43 11.25
CA LEU D 110 2.61 -14.63 11.58
C LEU D 110 3.08 -15.82 10.76
N LEU D 111 3.23 -15.64 9.46
CA LEU D 111 3.71 -16.71 8.59
C LEU D 111 5.16 -17.06 8.88
N ASP D 112 5.90 -16.15 9.51
CA ASP D 112 7.28 -16.43 9.87
C ASP D 112 7.37 -17.62 10.82
N ASN D 113 6.46 -17.71 11.78
CA ASN D 113 6.56 -18.69 12.85
C ASN D 113 5.85 -20.00 12.54
N VAL D 114 5.25 -20.13 11.35
CA VAL D 114 4.44 -21.32 11.06
C VAL D 114 5.29 -22.58 11.00
N GLN D 115 6.58 -22.46 10.69
CA GLN D 115 7.42 -23.64 10.49
C GLN D 115 7.74 -24.37 11.79
N TYR D 116 7.71 -23.68 12.92
CA TYR D 116 8.14 -24.29 14.17
C TYR D 116 7.15 -25.35 14.63
N ALA D 117 7.66 -26.33 15.35
CA ALA D 117 6.82 -27.40 15.86
C ALA D 117 5.84 -26.83 16.89
N PRO D 118 4.68 -27.45 17.04
CA PRO D 118 3.72 -26.98 18.05
C PRO D 118 4.24 -27.21 19.45
N ALA D 119 3.76 -26.38 20.38
CA ALA D 119 4.21 -26.47 21.76
C ALA D 119 3.90 -27.84 22.36
N ARG D 120 2.62 -28.18 22.49
CA ARG D 120 2.25 -29.46 23.07
C ARG D 120 1.24 -30.22 22.22
N GLY D 121 0.36 -29.51 21.52
CA GLY D 121 -0.67 -30.15 20.75
C GLY D 121 -0.14 -30.74 19.45
N ARG D 122 -0.98 -31.55 18.81
CA ARG D 122 -0.60 -32.12 17.52
C ARG D 122 -0.63 -31.06 16.42
N PHE D 123 -1.66 -30.24 16.39
CA PHE D 123 -1.85 -29.24 15.35
C PHE D 123 -1.73 -27.84 15.91
N LYS D 124 -0.99 -26.99 15.21
CA LYS D 124 -0.85 -25.58 15.55
C LYS D 124 -1.95 -24.83 14.80
N VAL D 125 -3.13 -24.79 15.40
CA VAL D 125 -4.32 -24.25 14.73
C VAL D 125 -4.23 -22.73 14.69
N TYR D 126 -4.50 -22.16 13.52
CA TYR D 126 -4.57 -20.71 13.32
C TYR D 126 -6.01 -20.37 13.00
N LEU D 127 -6.69 -19.70 13.94
CA LEU D 127 -8.10 -19.36 13.80
C LEU D 127 -8.18 -17.87 13.49
N ILE D 128 -8.33 -17.53 12.22
CA ILE D 128 -8.44 -16.14 11.78
C ILE D 128 -9.91 -15.79 11.68
N ASP D 129 -10.35 -14.81 12.46
CA ASP D 129 -11.74 -14.42 12.52
C ASP D 129 -11.89 -13.01 11.94
N GLU D 130 -13.05 -12.77 11.33
CA GLU D 130 -13.30 -11.54 10.57
C GLU D 130 -12.26 -11.39 9.46
N VAL D 131 -12.10 -12.47 8.68
CA VAL D 131 -11.03 -12.54 7.70
C VAL D 131 -11.18 -11.48 6.63
N HIS D 132 -12.41 -11.10 6.30
CA HIS D 132 -12.64 -10.22 5.16
C HIS D 132 -12.01 -8.85 5.36
N MET D 133 -11.62 -8.50 6.58
CA MET D 133 -11.02 -7.21 6.84
C MET D 133 -9.51 -7.20 6.63
N LEU D 134 -8.91 -8.34 6.29
CA LEU D 134 -7.50 -8.36 5.95
C LEU D 134 -7.27 -7.56 4.67
N SER D 135 -6.13 -6.88 4.62
CA SER D 135 -5.78 -6.11 3.44
C SER D 135 -5.48 -7.04 2.26
N ARG D 136 -5.42 -6.45 1.06
CA ARG D 136 -5.19 -7.24 -0.14
C ARG D 136 -3.86 -7.96 -0.08
N HIS D 137 -2.80 -7.25 0.30
CA HIS D 137 -1.49 -7.87 0.41
C HIS D 137 -1.47 -8.92 1.51
N SER D 138 -2.31 -8.76 2.53
CA SER D 138 -2.38 -9.75 3.60
C SER D 138 -2.97 -11.07 3.09
N PHE D 139 -4.08 -10.99 2.35
CA PHE D 139 -4.63 -12.18 1.71
C PHE D 139 -3.59 -12.83 0.81
N ASN D 140 -2.91 -12.03 0.00
CA ASN D 140 -1.96 -12.61 -0.94
C ASN D 140 -0.75 -13.18 -0.22
N ALA D 141 -0.41 -12.67 0.95
CA ALA D 141 0.62 -13.30 1.78
C ALA D 141 0.16 -14.65 2.29
N LEU D 142 -1.08 -14.72 2.79
CA LEU D 142 -1.60 -15.99 3.30
C LEU D 142 -1.80 -17.03 2.21
N LEU D 143 -1.84 -16.61 0.94
CA LEU D 143 -2.10 -17.55 -0.16
C LEU D 143 -1.22 -18.79 -0.09
N LYS D 144 0.10 -18.61 -0.22
CA LYS D 144 0.99 -19.75 -0.42
C LYS D 144 1.19 -20.57 0.84
N THR D 145 0.76 -20.09 2.00
CA THR D 145 0.81 -20.92 3.21
C THR D 145 -0.51 -21.63 3.48
N LEU D 146 -1.65 -21.05 3.09
CA LEU D 146 -2.88 -21.83 3.11
C LEU D 146 -2.83 -22.94 2.08
N GLU D 147 -2.11 -22.72 0.99
CA GLU D 147 -1.98 -23.74 -0.04
C GLU D 147 -1.20 -24.96 0.46
N GLU D 148 -0.02 -24.73 1.03
CA GLU D 148 0.88 -25.80 1.45
C GLU D 148 1.42 -25.51 2.84
N PRO D 149 0.60 -25.63 3.88
CA PRO D 149 1.10 -25.47 5.24
C PRO D 149 1.83 -26.72 5.69
N PRO D 150 2.65 -26.62 6.74
CA PRO D 150 3.32 -27.82 7.26
C PRO D 150 2.31 -28.83 7.79
N GLU D 151 2.82 -30.02 8.10
CA GLU D 151 1.93 -31.12 8.49
C GLU D 151 1.23 -30.88 9.82
N HIS D 152 1.70 -29.93 10.62
CA HIS D 152 1.18 -29.73 11.95
C HIS D 152 0.38 -28.44 12.09
N VAL D 153 -0.02 -27.83 10.98
CA VAL D 153 -0.68 -26.54 11.00
C VAL D 153 -2.06 -26.66 10.36
N LYS D 154 -3.08 -26.18 11.06
CA LYS D 154 -4.43 -26.11 10.55
C LYS D 154 -4.89 -24.65 10.59
N PHE D 155 -5.57 -24.22 9.53
CA PHE D 155 -6.09 -22.87 9.44
C PHE D 155 -7.61 -22.90 9.50
N LEU D 156 -8.18 -22.05 10.35
CA LEU D 156 -9.63 -21.97 10.51
C LEU D 156 -10.04 -20.53 10.27
N LEU D 157 -10.55 -20.24 9.08
CA LEU D 157 -11.05 -18.91 8.76
C LEU D 157 -12.54 -18.83 9.06
N ALA D 158 -12.98 -17.64 9.47
CA ALA D 158 -14.38 -17.37 9.72
C ALA D 158 -14.72 -16.02 9.11
N THR D 159 -15.83 -15.95 8.37
CA THR D 159 -16.14 -14.76 7.62
C THR D 159 -17.65 -14.53 7.61
N THR D 160 -18.06 -13.27 7.74
CA THR D 160 -19.45 -12.90 7.54
C THR D 160 -19.75 -12.54 6.10
N ASP D 161 -18.74 -12.08 5.36
CA ASP D 161 -18.88 -11.66 3.97
C ASP D 161 -17.87 -12.45 3.14
N PRO D 162 -18.18 -13.72 2.83
CA PRO D 162 -17.24 -14.52 2.05
C PRO D 162 -16.97 -13.97 0.66
N GLN D 163 -17.86 -13.13 0.13
CA GLN D 163 -17.63 -12.56 -1.19
C GLN D 163 -16.45 -11.60 -1.20
N LYS D 164 -16.18 -10.93 -0.07
CA LYS D 164 -15.10 -9.95 -0.01
C LYS D 164 -13.73 -10.61 -0.05
N LEU D 165 -13.62 -11.89 0.30
CA LEU D 165 -12.35 -12.56 0.19
C LEU D 165 -11.97 -12.70 -1.28
N PRO D 166 -10.68 -12.68 -1.59
CA PRO D 166 -10.25 -12.96 -2.97
C PRO D 166 -10.67 -14.36 -3.36
N VAL D 167 -10.93 -14.54 -4.66
CA VAL D 167 -11.35 -15.85 -5.14
C VAL D 167 -10.29 -16.90 -4.84
N THR D 168 -9.03 -16.50 -4.83
CA THR D 168 -7.95 -17.42 -4.51
C THR D 168 -8.04 -17.91 -3.07
N ILE D 169 -8.36 -17.01 -2.14
CA ILE D 169 -8.50 -17.41 -0.73
C ILE D 169 -9.66 -18.37 -0.57
N LEU D 170 -10.79 -18.09 -1.21
CA LEU D 170 -11.92 -19.02 -1.17
C LEU D 170 -11.56 -20.35 -1.81
N SER D 171 -10.63 -20.35 -2.77
CA SER D 171 -10.33 -21.55 -3.52
C SER D 171 -9.52 -22.56 -2.71
N ARG D 172 -8.78 -22.10 -1.71
CA ARG D 172 -7.87 -22.94 -0.95
C ARG D 172 -8.49 -23.47 0.34
N CYS D 173 -9.80 -23.37 0.51
CA CYS D 173 -10.45 -23.71 1.77
C CYS D 173 -11.68 -24.57 1.49
N LEU D 174 -12.13 -25.26 2.55
CA LEU D 174 -13.48 -25.82 2.56
C LEU D 174 -14.45 -24.75 3.04
N GLN D 175 -15.27 -24.24 2.12
CA GLN D 175 -16.15 -23.11 2.42
C GLN D 175 -17.46 -23.65 2.99
N PHE D 176 -17.45 -23.84 4.31
CA PHE D 176 -18.62 -24.33 5.03
C PHE D 176 -19.58 -23.17 5.24
N HIS D 177 -20.75 -23.24 4.62
CA HIS D 177 -21.75 -22.19 4.71
C HIS D 177 -22.66 -22.46 5.90
N LEU D 178 -22.63 -21.56 6.88
CA LEU D 178 -23.39 -21.71 8.12
C LEU D 178 -24.78 -21.15 7.88
N LYS D 179 -25.75 -22.03 7.66
CA LYS D 179 -27.11 -21.60 7.40
C LYS D 179 -27.72 -20.95 8.63
N ALA D 180 -28.56 -19.95 8.40
CA ALA D 180 -29.22 -19.27 9.49
C ALA D 180 -30.22 -20.21 10.17
N LEU D 181 -30.62 -19.84 11.38
CA LEU D 181 -31.48 -20.66 12.22
C LEU D 181 -32.92 -20.22 12.05
N ASP D 182 -33.78 -21.16 11.65
CA ASP D 182 -35.19 -20.85 11.49
C ASP D 182 -35.85 -20.65 12.85
N VAL D 183 -37.11 -20.20 12.81
CA VAL D 183 -37.79 -19.74 14.03
C VAL D 183 -37.90 -20.87 15.05
N GLU D 184 -38.27 -22.07 14.60
CA GLU D 184 -38.55 -23.15 15.54
C GLU D 184 -37.31 -23.54 16.33
N GLN D 185 -36.18 -23.69 15.65
CA GLN D 185 -34.99 -24.20 16.34
C GLN D 185 -34.33 -23.14 17.22
N ILE D 186 -34.33 -21.89 16.77
CA ILE D 186 -33.83 -20.81 17.62
C ILE D 186 -34.72 -20.64 18.84
N ARG D 187 -36.03 -20.83 18.67
CA ARG D 187 -36.95 -20.82 19.79
C ARG D 187 -36.67 -21.96 20.76
N HIS D 188 -36.39 -23.15 20.23
CA HIS D 188 -36.07 -24.28 21.09
C HIS D 188 -34.79 -24.04 21.88
N GLN D 189 -33.78 -23.46 21.24
CA GLN D 189 -32.56 -23.14 21.96
C GLN D 189 -32.80 -22.12 23.05
N LEU D 190 -33.62 -21.09 22.76
CA LEU D 190 -33.95 -20.12 23.79
C LEU D 190 -34.69 -20.76 24.95
N GLU D 191 -35.62 -21.68 24.64
CA GLU D 191 -36.33 -22.41 25.68
C GLU D 191 -35.38 -23.23 26.54
N HIS D 192 -34.44 -23.94 25.90
CA HIS D 192 -33.50 -24.75 26.66
C HIS D 192 -32.59 -23.89 27.53
N ILE D 193 -32.15 -22.75 27.01
CA ILE D 193 -31.30 -21.86 27.79
C ILE D 193 -32.06 -21.33 29.00
N LEU D 194 -33.30 -20.89 28.79
CA LEU D 194 -34.04 -20.30 29.90
C LEU D 194 -34.49 -21.36 30.91
N ASN D 195 -34.66 -22.61 30.48
CA ASN D 195 -34.98 -23.67 31.43
C ASN D 195 -33.74 -24.07 32.23
N GLU D 196 -32.59 -24.18 31.56
CA GLU D 196 -31.38 -24.56 32.28
C GLU D 196 -30.92 -23.45 33.21
N GLU D 197 -31.23 -22.21 32.89
CA GLU D 197 -30.89 -21.08 33.74
C GLU D 197 -31.99 -20.72 34.72
N HIS D 198 -33.08 -21.48 34.75
CA HIS D 198 -34.16 -21.32 35.74
C HIS D 198 -34.73 -19.90 35.71
N ILE D 199 -35.12 -19.47 34.51
CA ILE D 199 -35.76 -18.19 34.31
C ILE D 199 -37.15 -18.45 33.74
N ALA D 200 -38.18 -18.04 34.46
CA ALA D 200 -39.54 -18.23 33.98
C ALA D 200 -39.80 -17.35 32.77
N HIS D 201 -40.72 -17.80 31.91
CA HIS D 201 -41.00 -17.11 30.67
C HIS D 201 -42.36 -17.57 30.14
N GLU D 202 -42.74 -17.01 28.99
CA GLU D 202 -43.94 -17.37 28.26
C GLU D 202 -43.56 -17.77 26.84
N PRO D 203 -44.29 -18.70 26.23
CA PRO D 203 -43.95 -19.11 24.86
C PRO D 203 -44.07 -18.01 23.81
N ARG D 204 -45.06 -17.13 23.94
CA ARG D 204 -45.29 -16.12 22.91
C ARG D 204 -44.12 -15.14 22.82
N ALA D 205 -43.58 -14.71 23.96
CA ALA D 205 -42.34 -13.95 23.96
C ALA D 205 -41.22 -14.73 23.29
N LEU D 206 -41.21 -16.06 23.45
CA LEU D 206 -40.17 -16.86 22.81
C LEU D 206 -40.25 -16.78 21.30
N GLN D 207 -41.44 -16.98 20.72
CA GLN D 207 -41.42 -16.91 19.26
C GLN D 207 -41.35 -15.47 18.76
N LEU D 208 -41.73 -14.48 19.57
CA LEU D 208 -41.49 -13.09 19.20
C LEU D 208 -40.00 -12.82 19.07
N LEU D 209 -39.22 -13.26 20.07
CA LEU D 209 -37.77 -13.12 19.99
C LEU D 209 -37.21 -13.93 18.83
N ALA D 210 -37.75 -15.13 18.60
CA ALA D 210 -37.25 -15.98 17.53
C ALA D 210 -37.46 -15.35 16.17
N ARG D 211 -38.63 -14.76 15.93
CA ARG D 211 -38.92 -14.16 14.63
C ARG D 211 -38.36 -12.75 14.50
N ALA D 212 -37.99 -12.11 15.60
CA ALA D 212 -37.35 -10.81 15.52
C ALA D 212 -35.83 -10.88 15.58
N ALA D 213 -35.26 -12.07 15.71
CA ALA D 213 -33.80 -12.22 15.66
C ALA D 213 -33.28 -12.34 14.24
N GLU D 214 -34.16 -12.36 13.25
CA GLU D 214 -33.78 -12.47 11.83
C GLU D 214 -32.87 -13.67 11.59
N GLY D 215 -33.18 -14.77 12.27
CA GLY D 215 -32.45 -16.00 12.04
C GLY D 215 -31.05 -16.02 12.61
N SER D 216 -30.77 -15.21 13.62
CA SER D 216 -29.46 -15.17 14.25
C SER D 216 -29.62 -15.41 15.74
N LEU D 217 -28.89 -16.39 16.26
CA LEU D 217 -29.05 -16.76 17.66
C LEU D 217 -28.37 -15.79 18.60
N ARG D 218 -27.27 -15.16 18.18
CA ARG D 218 -26.64 -14.13 19.02
C ARG D 218 -27.58 -12.96 19.23
N ASP D 219 -28.30 -12.55 18.19
CA ASP D 219 -29.30 -11.51 18.36
C ASP D 219 -30.44 -11.97 19.25
N ALA D 220 -30.81 -13.25 19.17
CA ALA D 220 -31.83 -13.76 20.07
C ALA D 220 -31.39 -13.68 21.52
N LEU D 221 -30.13 -14.01 21.79
CA LEU D 221 -29.64 -13.93 23.17
C LEU D 221 -29.49 -12.48 23.61
N SER D 222 -29.11 -11.59 22.71
CA SER D 222 -29.04 -10.17 23.05
C SER D 222 -30.41 -9.62 23.40
N LEU D 223 -31.41 -9.95 22.58
CA LEU D 223 -32.78 -9.52 22.85
C LEU D 223 -33.31 -10.16 24.13
N THR D 224 -32.91 -11.41 24.39
CA THR D 224 -33.33 -12.07 25.62
C THR D 224 -32.75 -11.37 26.84
N ASP D 225 -31.48 -10.97 26.77
CA ASP D 225 -30.89 -10.24 27.89
C ASP D 225 -31.53 -8.87 28.06
N GLN D 226 -31.87 -8.22 26.95
CA GLN D 226 -32.56 -6.93 27.03
C GLN D 226 -33.94 -7.10 27.68
N ALA D 227 -34.65 -8.16 27.33
CA ALA D 227 -35.95 -8.42 27.95
C ALA D 227 -35.80 -8.80 29.42
N ILE D 228 -34.74 -9.51 29.77
CA ILE D 228 -34.48 -9.85 31.16
C ILE D 228 -34.26 -8.59 31.98
N ALA D 229 -33.45 -7.66 31.45
CA ALA D 229 -33.27 -6.37 32.13
C ALA D 229 -34.59 -5.60 32.19
N SER D 230 -35.37 -5.63 31.12
CA SER D 230 -36.64 -4.90 31.10
C SER D 230 -37.68 -5.57 31.98
N GLY D 231 -37.81 -6.88 31.90
CA GLY D 231 -38.84 -7.62 32.59
C GLY D 231 -38.48 -8.13 33.97
N ASP D 232 -37.39 -7.63 34.55
CA ASP D 232 -36.96 -8.03 35.89
C ASP D 232 -36.74 -9.54 35.98
N GLY D 233 -36.02 -10.08 35.00
CA GLY D 233 -35.67 -11.48 35.00
C GLY D 233 -36.71 -12.42 34.46
N GLN D 234 -37.81 -11.91 33.90
CA GLN D 234 -38.86 -12.74 33.31
C GLN D 234 -39.03 -12.36 31.85
N VAL D 235 -38.99 -13.36 30.97
CA VAL D 235 -39.20 -13.15 29.54
C VAL D 235 -40.70 -13.29 29.31
N SER D 236 -41.42 -12.18 29.46
CA SER D 236 -42.87 -12.17 29.35
C SER D 236 -43.30 -11.58 28.01
N THR D 237 -44.53 -11.91 27.61
CA THR D 237 -45.04 -11.43 26.33
C THR D 237 -45.18 -9.92 26.32
N GLN D 238 -45.74 -9.35 27.39
CA GLN D 238 -45.95 -7.91 27.44
C GLN D 238 -44.63 -7.16 27.42
N ALA D 239 -43.64 -7.63 28.19
CA ALA D 239 -42.36 -6.94 28.24
C ALA D 239 -41.66 -6.97 26.89
N VAL D 240 -41.69 -8.11 26.19
CA VAL D 240 -41.07 -8.20 24.88
C VAL D 240 -41.81 -7.33 23.88
N SER D 241 -43.15 -7.35 23.90
CA SER D 241 -43.92 -6.55 22.96
C SER D 241 -43.74 -5.06 23.19
N ALA D 242 -43.52 -4.65 24.44
CA ALA D 242 -43.22 -3.24 24.70
C ALA D 242 -41.79 -2.90 24.29
N MET D 243 -40.84 -3.78 24.60
CA MET D 243 -39.45 -3.55 24.22
C MET D 243 -39.29 -3.66 22.71
N LEU D 244 -39.62 -4.82 22.16
CA LEU D 244 -39.63 -5.03 20.72
C LEU D 244 -40.94 -4.51 20.15
N GLY D 245 -40.86 -3.49 19.31
CA GLY D 245 -42.06 -2.89 18.75
C GLY D 245 -42.91 -3.86 17.96
N THR D 246 -44.11 -4.14 18.46
CA THR D 246 -45.06 -5.03 17.79
C THR D 246 -46.42 -4.35 17.75
N LEU D 247 -47.20 -4.71 16.73
CA LEU D 247 -48.53 -4.15 16.52
C LEU D 247 -49.55 -5.21 16.90
N ASP D 248 -49.92 -5.24 18.17
CA ASP D 248 -50.91 -6.20 18.64
C ASP D 248 -52.28 -5.93 18.03
N ASP D 249 -52.67 -4.66 17.96
CA ASP D 249 -53.99 -4.29 17.47
C ASP D 249 -54.04 -4.44 15.95
N ASP D 250 -55.15 -3.99 15.35
CA ASP D 250 -55.33 -4.06 13.90
C ASP D 250 -55.07 -2.74 13.21
N GLN D 251 -54.36 -1.81 13.86
CA GLN D 251 -54.10 -0.52 13.25
C GLN D 251 -53.27 -0.64 11.99
N ALA D 252 -52.44 -1.67 11.90
CA ALA D 252 -51.73 -1.92 10.65
C ALA D 252 -52.69 -2.28 9.53
N LEU D 253 -53.83 -2.88 9.87
CA LEU D 253 -54.87 -3.13 8.87
C LEU D 253 -55.66 -1.86 8.59
N SER D 254 -55.92 -1.06 9.64
CA SER D 254 -56.71 0.16 9.46
C SER D 254 -55.99 1.15 8.55
N LEU D 255 -54.69 1.35 8.76
CA LEU D 255 -53.95 2.29 7.93
C LEU D 255 -53.84 1.78 6.51
N VAL D 256 -53.65 0.46 6.34
CA VAL D 256 -53.63 -0.13 5.00
C VAL D 256 -54.96 0.10 4.30
N GLU D 257 -56.06 -0.08 5.04
CA GLU D 257 -57.39 0.10 4.45
C GLU D 257 -57.60 1.55 4.03
N ALA D 258 -57.20 2.50 4.88
CA ALA D 258 -57.34 3.90 4.53
C ALA D 258 -56.46 4.27 3.35
N MET D 259 -55.27 3.67 3.24
CA MET D 259 -54.36 3.92 2.14
C MET D 259 -54.80 3.25 0.84
N VAL D 260 -55.58 2.18 0.94
CA VAL D 260 -56.12 1.51 -0.25
C VAL D 260 -57.17 2.38 -0.92
N GLU D 261 -58.04 3.00 -0.12
CA GLU D 261 -59.07 3.89 -0.64
C GLU D 261 -58.52 5.24 -1.06
N ALA D 262 -57.19 5.41 -1.03
CA ALA D 262 -56.55 6.68 -1.37
C ALA D 262 -57.07 7.82 -0.50
N ASN D 263 -57.40 7.51 0.76
CA ASN D 263 -57.90 8.50 1.70
C ASN D 263 -56.71 9.11 2.44
N GLY D 264 -56.50 10.41 2.24
CA GLY D 264 -55.31 11.07 2.78
C GLY D 264 -55.41 11.49 4.23
N GLU D 265 -56.50 12.18 4.56
CA GLU D 265 -56.64 12.70 5.92
C GLU D 265 -56.68 11.58 6.94
N ARG D 266 -57.40 10.49 6.62
CA ARG D 266 -57.44 9.35 7.54
C ARG D 266 -56.07 8.71 7.71
N VAL D 267 -55.32 8.57 6.61
CA VAL D 267 -53.99 7.96 6.70
C VAL D 267 -53.08 8.81 7.58
N MET D 268 -53.08 10.12 7.37
CA MET D 268 -52.22 10.98 8.17
C MET D 268 -52.65 11.00 9.63
N ALA D 269 -53.97 11.01 9.89
CA ALA D 269 -54.45 10.97 11.25
C ALA D 269 -54.01 9.70 11.96
N LEU D 270 -54.11 8.56 11.28
CA LEU D 270 -53.68 7.31 11.89
C LEU D 270 -52.17 7.25 12.09
N ILE D 271 -51.40 7.82 11.16
CA ILE D 271 -49.95 7.89 11.36
C ILE D 271 -49.63 8.74 12.59
N ASN D 272 -50.32 9.87 12.76
CA ASN D 272 -50.10 10.70 13.92
C ASN D 272 -50.48 9.96 15.20
N GLU D 273 -51.58 9.21 15.17
CA GLU D 273 -51.96 8.40 16.32
C GLU D 273 -50.90 7.37 16.65
N ALA D 274 -50.36 6.70 15.62
CA ALA D 274 -49.32 5.71 15.83
C ALA D 274 -48.07 6.35 16.41
N ALA D 275 -47.72 7.55 15.94
CA ALA D 275 -46.58 8.26 16.50
C ALA D 275 -46.81 8.59 17.97
N ALA D 276 -48.04 8.97 18.32
CA ALA D 276 -48.37 9.18 19.72
C ALA D 276 -48.23 7.89 20.52
N ARG D 277 -48.58 6.76 19.92
CA ARG D 277 -48.42 5.47 20.57
C ARG D 277 -46.96 5.04 20.70
N GLY D 278 -46.04 5.76 20.08
CA GLY D 278 -44.65 5.32 20.06
C GLY D 278 -44.44 4.05 19.26
N ILE D 279 -45.04 3.96 18.08
CA ILE D 279 -44.95 2.75 17.27
C ILE D 279 -43.55 2.64 16.65
N GLU D 280 -43.18 1.42 16.30
CA GLU D 280 -41.94 1.17 15.57
C GLU D 280 -42.25 1.18 14.08
N TRP D 281 -41.67 2.15 13.37
CA TRP D 281 -42.01 2.35 11.97
C TRP D 281 -41.58 1.15 11.12
N GLU D 282 -40.42 0.57 11.42
CA GLU D 282 -40.00 -0.64 10.72
C GLU D 282 -41.00 -1.77 10.95
N ALA D 283 -41.47 -1.93 12.19
CA ALA D 283 -42.46 -2.96 12.49
C ALA D 283 -43.77 -2.68 11.77
N LEU D 284 -44.19 -1.41 11.73
CA LEU D 284 -45.42 -1.07 11.03
C LEU D 284 -45.31 -1.41 9.55
N LEU D 285 -44.16 -1.10 8.93
CA LEU D 285 -44.00 -1.37 7.51
C LEU D 285 -43.90 -2.87 7.23
N VAL D 286 -43.23 -3.64 8.09
CA VAL D 286 -43.17 -5.08 7.85
C VAL D 286 -44.55 -5.71 8.04
N GLU D 287 -45.33 -5.20 8.99
CA GLU D 287 -46.69 -5.70 9.15
C GLU D 287 -47.55 -5.37 7.93
N MET D 288 -47.39 -4.16 7.38
CA MET D 288 -48.10 -3.82 6.14
C MET D 288 -47.69 -4.73 5.00
N LEU D 289 -46.40 -5.01 4.87
CA LEU D 289 -45.94 -5.90 3.81
C LEU D 289 -46.52 -7.30 3.96
N GLY D 290 -46.51 -7.83 5.18
CA GLY D 290 -47.10 -9.14 5.40
C GLY D 290 -48.59 -9.17 5.15
N LEU D 291 -49.27 -8.08 5.52
CA LEU D 291 -50.72 -8.01 5.32
C LEU D 291 -51.06 -7.96 3.83
N LEU D 292 -50.33 -7.16 3.05
CA LEU D 292 -50.53 -7.15 1.61
C LEU D 292 -50.15 -8.49 0.99
N HIS D 293 -49.14 -9.16 1.55
CA HIS D 293 -48.78 -10.49 1.09
C HIS D 293 -49.93 -11.48 1.27
N ARG D 294 -50.58 -11.43 2.43
CA ARG D 294 -51.70 -12.34 2.65
C ARG D 294 -52.92 -11.94 1.83
N ILE D 295 -53.09 -10.64 1.56
CA ILE D 295 -54.14 -10.22 0.63
C ILE D 295 -53.90 -10.86 -0.74
N ALA D 296 -52.65 -10.81 -1.22
CA ALA D 296 -52.35 -11.42 -2.51
C ALA D 296 -52.57 -12.93 -2.46
N MET D 297 -52.19 -13.57 -1.35
CA MET D 297 -52.41 -15.01 -1.21
C MET D 297 -53.88 -15.35 -1.34
N VAL D 298 -54.75 -14.67 -0.58
CA VAL D 298 -56.17 -14.97 -0.64
C VAL D 298 -56.79 -14.51 -1.95
N GLN D 299 -56.11 -13.61 -2.68
CA GLN D 299 -56.56 -13.30 -4.03
C GLN D 299 -56.28 -14.46 -4.99
N LEU D 300 -55.10 -15.07 -4.87
CA LEU D 300 -54.78 -16.20 -5.74
C LEU D 300 -55.62 -17.42 -5.40
N SER D 301 -55.48 -17.92 -4.17
CA SER D 301 -56.23 -19.09 -3.71
C SER D 301 -57.10 -18.70 -2.54
N PRO D 302 -58.43 -18.74 -2.67
CA PRO D 302 -59.30 -18.40 -1.54
C PRO D 302 -59.12 -19.38 -0.38
N ALA D 303 -59.48 -18.91 0.81
CA ALA D 303 -59.36 -19.65 2.06
C ALA D 303 -57.91 -19.94 2.44
N ALA D 304 -56.97 -19.17 1.89
CA ALA D 304 -55.57 -19.27 2.29
C ALA D 304 -55.25 -18.36 3.48
N LEU D 305 -56.22 -17.60 3.96
CA LEU D 305 -56.00 -16.75 5.14
C LEU D 305 -55.75 -17.62 6.35
N GLY D 306 -54.67 -17.33 7.07
CA GLY D 306 -54.33 -18.06 8.27
C GLY D 306 -55.43 -17.99 9.31
N ASN D 307 -55.70 -19.11 9.98
CA ASN D 307 -56.77 -19.17 10.97
C ASN D 307 -56.50 -18.18 12.09
N ASP D 308 -55.22 -17.88 12.33
CA ASP D 308 -54.80 -16.96 13.38
C ASP D 308 -55.54 -15.63 13.30
N MET D 309 -55.60 -15.06 12.10
CA MET D 309 -56.27 -13.78 11.87
C MET D 309 -57.72 -13.93 11.45
N ALA D 310 -58.36 -15.06 11.79
CA ALA D 310 -59.76 -15.25 11.44
C ALA D 310 -60.60 -14.10 11.96
N ALA D 311 -60.18 -13.52 13.10
CA ALA D 311 -60.86 -12.37 13.67
C ALA D 311 -61.07 -11.25 12.66
N ILE D 312 -60.03 -10.91 11.90
CA ILE D 312 -60.16 -9.90 10.86
C ILE D 312 -60.33 -10.51 9.47
N GLU D 313 -60.46 -11.84 9.39
CA GLU D 313 -60.43 -12.56 8.13
C GLU D 313 -61.25 -11.88 7.04
N LEU D 314 -62.54 -11.72 7.30
CA LEU D 314 -63.46 -11.23 6.27
C LEU D 314 -62.94 -9.95 5.64
N ARG D 315 -62.39 -9.04 6.44
CA ARG D 315 -61.92 -7.76 5.90
C ARG D 315 -60.95 -7.98 4.76
N MET D 316 -59.92 -8.78 4.99
CA MET D 316 -58.94 -9.02 3.94
C MET D 316 -59.59 -9.72 2.76
N ARG D 317 -60.50 -10.67 3.02
CA ARG D 317 -61.21 -11.30 1.91
C ARG D 317 -61.98 -10.26 1.12
N GLU D 318 -62.61 -9.31 1.81
CA GLU D 318 -63.28 -8.21 1.11
C GLU D 318 -62.30 -7.49 0.21
N LEU D 319 -61.11 -7.18 0.74
CA LEU D 319 -60.09 -6.55 -0.08
C LEU D 319 -59.72 -7.44 -1.25
N ALA D 320 -59.61 -8.75 -1.01
CA ALA D 320 -59.31 -9.67 -2.10
C ALA D 320 -60.37 -9.61 -3.18
N ARG D 321 -61.62 -9.35 -2.80
CA ARG D 321 -62.67 -9.21 -3.79
C ARG D 321 -62.65 -7.88 -4.50
N THR D 322 -62.11 -6.83 -3.86
CA THR D 322 -62.25 -5.47 -4.34
C THR D 322 -61.04 -4.99 -5.14
N ILE D 323 -59.86 -5.04 -4.55
CA ILE D 323 -58.69 -4.39 -5.14
C ILE D 323 -58.04 -5.36 -6.13
N PRO D 324 -57.78 -4.93 -7.37
CA PRO D 324 -57.13 -5.82 -8.33
C PRO D 324 -55.72 -6.14 -7.87
N PRO D 325 -55.18 -7.29 -8.29
CA PRO D 325 -53.85 -7.69 -7.81
C PRO D 325 -52.75 -6.69 -8.15
N THR D 326 -52.88 -5.97 -9.26
CA THR D 326 -51.84 -5.04 -9.67
C THR D 326 -51.67 -3.91 -8.66
N ASP D 327 -52.77 -3.37 -8.14
CA ASP D 327 -52.68 -2.31 -7.15
C ASP D 327 -52.07 -2.81 -5.86
N ILE D 328 -52.42 -4.02 -5.44
CA ILE D 328 -51.81 -4.59 -4.24
C ILE D 328 -50.31 -4.76 -4.43
N GLN D 329 -49.89 -5.24 -5.61
CA GLN D 329 -48.47 -5.36 -5.88
C GLN D 329 -47.78 -4.00 -5.85
N LEU D 330 -48.42 -2.97 -6.42
CA LEU D 330 -47.83 -1.64 -6.41
C LEU D 330 -47.68 -1.11 -4.98
N TYR D 331 -48.70 -1.31 -4.15
CA TYR D 331 -48.60 -0.88 -2.77
C TYR D 331 -47.49 -1.62 -2.04
N TYR D 332 -47.36 -2.92 -2.30
CA TYR D 332 -46.30 -3.71 -1.69
C TYR D 332 -44.93 -3.20 -2.09
N GLN D 333 -44.74 -2.92 -3.38
CA GLN D 333 -43.45 -2.42 -3.85
C GLN D 333 -43.13 -1.06 -3.23
N THR D 334 -44.11 -0.18 -3.16
CA THR D 334 -43.88 1.14 -2.58
C THR D 334 -43.51 1.04 -1.10
N LEU D 335 -44.25 0.21 -0.34
CA LEU D 335 -43.94 0.06 1.06
C LEU D 335 -42.59 -0.61 1.27
N LEU D 336 -42.21 -1.51 0.37
CA LEU D 336 -40.91 -2.18 0.50
C LEU D 336 -39.77 -1.20 0.21
N ILE D 337 -39.95 -0.34 -0.80
CA ILE D 337 -38.95 0.69 -1.05
C ILE D 337 -38.86 1.63 0.14
N GLY D 338 -39.99 1.92 0.77
CA GLY D 338 -39.95 2.70 2.00
C GLY D 338 -39.17 2.02 3.10
N ARG D 339 -39.33 0.69 3.22
CA ARG D 339 -38.54 -0.07 4.18
C ARG D 339 -37.05 0.03 3.87
N LYS D 340 -36.69 -0.10 2.60
CA LYS D 340 -35.28 -0.05 2.21
C LYS D 340 -34.69 1.32 2.48
N GLU D 341 -35.44 2.38 2.23
CA GLU D 341 -34.96 3.74 2.37
C GLU D 341 -35.35 4.39 3.70
N LEU D 342 -35.95 3.63 4.61
CA LEU D 342 -36.28 4.19 5.93
C LEU D 342 -35.06 4.64 6.71
N PRO D 343 -33.96 3.88 6.80
CA PRO D 343 -32.79 4.40 7.52
C PRO D 343 -32.22 5.67 6.91
N TYR D 344 -32.36 5.87 5.60
CA TYR D 344 -31.74 6.98 4.89
C TYR D 344 -32.68 8.16 4.74
N ALA D 345 -33.56 8.38 5.70
CA ALA D 345 -34.48 9.49 5.70
C ALA D 345 -34.14 10.48 6.80
N PRO D 346 -34.52 11.75 6.65
CA PRO D 346 -34.27 12.71 7.74
C PRO D 346 -34.85 12.27 9.06
N ASP D 347 -35.96 11.53 9.03
CA ASP D 347 -36.56 10.96 10.23
C ASP D 347 -37.25 9.66 9.84
N ARG D 348 -37.46 8.80 10.81
CA ARG D 348 -38.21 7.57 10.56
C ARG D 348 -39.66 7.88 10.21
N ARG D 349 -40.28 8.75 11.02
CA ARG D 349 -41.66 9.15 10.74
C ARG D 349 -41.75 9.84 9.38
N MET D 350 -40.77 10.68 9.06
CA MET D 350 -40.75 11.35 7.77
C MET D 350 -40.59 10.35 6.63
N GLY D 351 -39.75 9.32 6.83
CA GLY D 351 -39.61 8.30 5.81
C GLY D 351 -40.89 7.53 5.57
N VAL D 352 -41.59 7.17 6.66
CA VAL D 352 -42.86 6.48 6.53
C VAL D 352 -43.89 7.37 5.85
N GLU D 353 -43.91 8.66 6.21
CA GLU D 353 -44.86 9.58 5.60
C GLU D 353 -44.58 9.76 4.12
N MET D 354 -43.31 9.86 3.73
CA MET D 354 -42.97 9.93 2.31
C MET D 354 -43.39 8.66 1.58
N THR D 355 -43.19 7.50 2.21
CA THR D 355 -43.59 6.25 1.59
C THR D 355 -45.09 6.20 1.37
N LEU D 356 -45.86 6.63 2.36
CA LEU D 356 -47.31 6.60 2.23
C LEU D 356 -47.85 7.72 1.35
N LEU D 357 -47.07 8.79 1.15
CA LEU D 357 -47.44 9.79 0.14
C LEU D 357 -47.21 9.23 -1.26
N ARG D 358 -46.10 8.54 -1.48
CA ARG D 358 -45.89 7.87 -2.76
C ARG D 358 -46.94 6.78 -2.98
N ALA D 359 -47.37 6.13 -1.90
CA ALA D 359 -48.30 5.02 -2.01
C ALA D 359 -49.76 5.46 -2.03
N LEU D 360 -50.03 6.71 -1.67
CA LEU D 360 -51.41 7.15 -1.51
C LEU D 360 -52.01 7.69 -2.79
N ALA D 361 -51.19 8.27 -3.68
CA ALA D 361 -51.71 9.03 -4.82
C ALA D 361 -51.38 8.39 -6.15
N PHE D 362 -51.53 7.07 -6.29
CA PHE D 362 -51.40 6.45 -7.59
C PHE D 362 -52.57 6.83 -8.50
N HIS D 363 -53.78 6.50 -8.07
CA HIS D 363 -54.97 6.47 -8.90
C HIS D 363 -55.64 7.81 -9.19
N PRO D 364 -55.68 8.77 -8.24
CA PRO D 364 -56.71 9.81 -8.43
C PRO D 364 -56.43 10.77 -9.58
N MET E 4 -23.14 17.87 28.72
CA MET E 4 -23.36 16.73 29.59
C MET E 4 -24.53 16.95 30.53
N ARG E 5 -25.39 17.91 30.18
CA ARG E 5 -26.50 18.28 31.06
C ARG E 5 -27.50 17.13 31.19
N TRP E 6 -28.02 16.96 32.41
CA TRP E 6 -28.98 15.91 32.69
C TRP E 6 -30.36 16.35 32.24
N TYR E 7 -30.96 15.60 31.32
CA TYR E 7 -32.34 15.85 30.95
C TYR E 7 -33.27 15.00 31.80
N PRO E 8 -34.47 15.51 32.11
CA PRO E 8 -35.36 14.74 33.00
C PRO E 8 -35.75 13.38 32.47
N TRP E 9 -35.95 13.25 31.16
CA TRP E 9 -36.44 11.99 30.59
C TRP E 9 -35.42 10.87 30.68
N LEU E 10 -34.17 11.17 31.02
CA LEU E 10 -33.19 10.12 31.26
C LEU E 10 -33.40 9.45 32.61
N ARG E 11 -34.09 10.11 33.54
CA ARG E 11 -34.14 9.63 34.91
C ARG E 11 -34.73 8.24 35.05
N PRO E 12 -35.87 7.90 34.42
CA PRO E 12 -36.34 6.50 34.52
C PRO E 12 -35.42 5.52 33.80
N ASP E 13 -35.07 5.83 32.55
CA ASP E 13 -34.28 4.92 31.74
C ASP E 13 -32.93 4.64 32.40
N PHE E 14 -32.28 5.68 32.93
CA PHE E 14 -31.07 5.49 33.71
C PHE E 14 -31.22 4.35 34.70
N GLU E 15 -32.30 4.39 35.49
CA GLU E 15 -32.54 3.31 36.45
C GLU E 15 -32.52 1.96 35.76
N LYS E 16 -33.33 1.83 34.70
CA LYS E 16 -33.45 0.54 34.01
C LYS E 16 -32.09 0.05 33.52
N LEU E 17 -31.16 0.96 33.29
CA LEU E 17 -29.82 0.55 32.90
C LEU E 17 -28.92 0.31 34.11
N VAL E 18 -28.94 1.22 35.09
CA VAL E 18 -27.98 1.13 36.18
C VAL E 18 -28.28 -0.10 37.04
N ALA E 19 -29.55 -0.43 37.22
CA ALA E 19 -29.91 -1.64 37.94
C ALA E 19 -29.36 -2.87 37.25
N SER E 20 -29.22 -2.82 35.92
CA SER E 20 -28.65 -3.95 35.21
C SER E 20 -27.17 -4.11 35.52
N TYR E 21 -26.49 -3.02 35.86
CA TYR E 21 -25.07 -3.05 36.18
C TYR E 21 -24.80 -3.21 37.67
N GLN E 22 -25.83 -3.27 38.49
CA GLN E 22 -25.66 -3.45 39.93
C GLN E 22 -25.59 -4.91 40.33
N ALA E 23 -26.31 -5.78 39.63
CA ALA E 23 -26.31 -7.21 39.92
C ALA E 23 -25.24 -7.96 39.13
N GLY E 24 -24.41 -7.27 38.36
CA GLY E 24 -23.45 -7.91 37.51
C GLY E 24 -24.03 -8.54 36.27
N ARG E 25 -25.33 -8.39 36.04
CA ARG E 25 -26.00 -8.98 34.90
C ARG E 25 -25.92 -8.12 33.65
N GLY E 26 -25.29 -6.95 33.74
CA GLY E 26 -25.31 -6.02 32.62
C GLY E 26 -24.51 -6.54 31.44
N HIS E 27 -25.13 -6.50 30.26
CA HIS E 27 -24.40 -6.72 29.02
C HIS E 27 -23.28 -5.71 28.90
N HIS E 28 -22.09 -6.19 28.56
CA HIS E 28 -20.93 -5.29 28.49
C HIS E 28 -21.11 -4.22 27.43
N ALA E 29 -21.61 -4.59 26.25
CA ALA E 29 -21.75 -3.68 25.11
C ALA E 29 -23.19 -3.20 25.05
N LEU E 30 -23.43 -2.00 25.60
CA LEU E 30 -24.75 -1.39 25.58
C LEU E 30 -24.78 -0.32 24.50
N LEU E 31 -25.64 -0.49 23.52
CA LEU E 31 -25.77 0.43 22.40
C LEU E 31 -27.00 1.30 22.60
N ILE E 32 -26.80 2.60 22.72
CA ILE E 32 -27.90 3.53 22.97
C ILE E 32 -28.40 4.08 21.65
N GLN E 33 -29.70 3.94 21.41
CA GLN E 33 -30.36 4.53 20.26
C GLN E 33 -31.13 5.75 20.75
N ALA E 34 -30.65 6.93 20.39
CA ALA E 34 -31.26 8.16 20.88
C ALA E 34 -31.05 9.26 19.85
N LEU E 35 -32.04 10.13 19.74
CA LEU E 35 -31.91 11.27 18.85
C LEU E 35 -30.86 12.24 19.40
N PRO E 36 -30.21 13.00 18.53
CA PRO E 36 -29.25 14.00 19.02
C PRO E 36 -29.93 15.00 19.94
N GLY E 37 -29.30 15.29 21.07
CA GLY E 37 -29.86 16.15 22.08
C GLY E 37 -30.82 15.48 23.03
N MET E 38 -31.26 14.26 22.74
CA MET E 38 -32.14 13.54 23.66
C MET E 38 -31.47 13.28 25.00
N GLY E 39 -30.15 13.25 25.03
CA GLY E 39 -29.40 13.03 26.25
C GLY E 39 -28.66 11.71 26.35
N ASP E 40 -28.34 11.06 25.23
CA ASP E 40 -27.61 9.80 25.31
C ASP E 40 -26.22 9.99 25.91
N ASP E 41 -25.55 11.09 25.55
CA ASP E 41 -24.20 11.33 26.05
C ASP E 41 -24.20 11.50 27.57
N ALA E 42 -25.15 12.27 28.10
CA ALA E 42 -25.23 12.45 29.55
C ALA E 42 -25.52 11.14 30.26
N LEU E 43 -26.40 10.32 29.67
CA LEU E 43 -26.71 9.03 30.26
C LEU E 43 -25.48 8.13 30.31
N ILE E 44 -24.75 8.05 29.19
CA ILE E 44 -23.54 7.22 29.16
C ILE E 44 -22.50 7.75 30.14
N TYR E 45 -22.35 9.07 30.22
CA TYR E 45 -21.39 9.66 31.15
C TYR E 45 -21.75 9.33 32.59
N ALA E 46 -23.02 9.46 32.96
CA ALA E 46 -23.44 9.13 34.31
C ALA E 46 -23.23 7.66 34.62
N LEU E 47 -23.52 6.79 33.64
CA LEU E 47 -23.27 5.37 33.83
C LEU E 47 -21.79 5.10 34.06
N SER E 48 -20.93 5.77 33.30
CA SER E 48 -19.49 5.59 33.47
C SER E 48 -19.02 6.06 34.85
N ARG E 49 -19.52 7.21 35.30
CA ARG E 49 -19.16 7.69 36.64
C ARG E 49 -19.60 6.70 37.70
N TYR E 50 -20.80 6.12 37.55
CA TYR E 50 -21.24 5.09 38.49
C TYR E 50 -20.31 3.88 38.44
N LEU E 51 -19.93 3.45 37.24
CA LEU E 51 -19.19 2.20 37.10
C LEU E 51 -17.76 2.32 37.62
N LEU E 52 -17.09 3.43 37.33
CA LEU E 52 -15.67 3.56 37.62
C LEU E 52 -15.39 4.06 39.03
N CYS E 53 -16.42 4.41 39.80
CA CYS E 53 -16.20 4.79 41.19
C CYS E 53 -15.87 3.55 42.02
N GLN E 54 -14.81 3.65 42.83
CA GLN E 54 -14.38 2.52 43.63
C GLN E 54 -15.40 2.16 44.70
N GLN E 55 -16.13 3.14 45.22
CA GLN E 55 -17.18 2.92 46.21
C GLN E 55 -18.45 3.64 45.76
N PRO E 56 -19.16 3.08 44.80
CA PRO E 56 -20.43 3.69 44.38
C PRO E 56 -21.45 3.65 45.52
N GLN E 57 -22.27 4.69 45.59
CA GLN E 57 -23.35 4.77 46.58
C GLN E 57 -24.67 4.76 45.84
N GLY E 58 -25.53 3.80 46.18
CA GLY E 58 -26.84 3.69 45.55
C GLY E 58 -26.76 3.54 44.05
N HIS E 59 -27.16 4.59 43.33
CA HIS E 59 -27.15 4.59 41.87
C HIS E 59 -26.43 5.80 41.29
N LYS E 60 -25.72 6.58 42.12
CA LYS E 60 -25.04 7.78 41.69
C LYS E 60 -23.55 7.68 42.01
N SER E 61 -22.78 8.57 41.40
CA SER E 61 -21.35 8.66 41.73
C SER E 61 -21.18 9.19 43.14
N CYS E 62 -20.26 8.58 43.89
CA CYS E 62 -20.06 8.97 45.29
C CYS E 62 -19.49 10.37 45.39
N GLY E 63 -18.62 10.76 44.46
CA GLY E 63 -18.02 12.07 44.50
C GLY E 63 -16.85 12.22 45.45
N HIS E 64 -16.33 11.11 45.99
CA HIS E 64 -15.25 11.20 46.96
C HIS E 64 -14.07 10.32 46.60
N CYS E 65 -14.30 9.20 45.93
CA CYS E 65 -13.23 8.25 45.70
C CYS E 65 -12.25 8.78 44.65
N ARG E 66 -11.12 8.10 44.54
CA ARG E 66 -10.10 8.51 43.58
C ARG E 66 -10.61 8.40 42.14
N GLY E 67 -11.37 7.35 41.84
CA GLY E 67 -11.86 7.16 40.48
C GLY E 67 -12.76 8.29 40.03
N CYS E 68 -13.72 8.67 40.87
CA CYS E 68 -14.67 9.70 40.47
C CYS E 68 -14.02 11.08 40.44
N GLN E 69 -13.06 11.34 41.34
CA GLN E 69 -12.38 12.63 41.29
C GLN E 69 -11.43 12.73 40.09
N LEU E 70 -10.87 11.59 39.66
CA LEU E 70 -10.08 11.59 38.43
C LEU E 70 -10.98 11.75 37.21
N MET E 71 -12.17 11.13 37.24
CA MET E 71 -13.12 11.33 36.14
C MET E 71 -13.55 12.78 36.06
N GLN E 72 -13.79 13.42 37.20
CA GLN E 72 -14.12 14.84 37.21
C GLN E 72 -12.96 15.68 36.69
N ALA E 73 -11.72 15.22 36.91
CA ALA E 73 -10.55 15.94 36.44
C ALA E 73 -10.27 15.72 34.96
N GLY E 74 -11.03 14.85 34.30
CA GLY E 74 -10.83 14.60 32.89
C GLY E 74 -9.71 13.63 32.58
N THR E 75 -8.99 13.12 33.58
CA THR E 75 -7.91 12.18 33.39
C THR E 75 -8.22 10.92 34.20
N HIS E 76 -8.46 9.82 33.50
CA HIS E 76 -8.66 8.52 34.14
C HIS E 76 -8.12 7.43 33.23
N PRO E 77 -7.07 6.73 33.65
CA PRO E 77 -6.49 5.69 32.77
C PRO E 77 -7.46 4.58 32.42
N ASP E 78 -8.45 4.30 33.27
CA ASP E 78 -9.43 3.26 33.01
C ASP E 78 -10.63 3.77 32.22
N TYR E 79 -10.65 5.04 31.85
CA TYR E 79 -11.77 5.63 31.13
C TYR E 79 -11.30 6.02 29.74
N TYR E 80 -11.74 5.27 28.74
CA TYR E 80 -11.33 5.48 27.36
C TYR E 80 -12.49 6.05 26.57
N THR E 81 -12.23 7.07 25.76
CA THR E 81 -13.23 7.71 24.93
C THR E 81 -12.80 7.66 23.47
N LEU E 82 -13.76 7.41 22.60
CA LEU E 82 -13.55 7.34 21.16
C LEU E 82 -14.33 8.49 20.53
N ALA E 83 -13.62 9.53 20.11
CA ALA E 83 -14.24 10.68 19.48
C ALA E 83 -13.55 10.99 18.17
N PRO E 84 -14.26 11.55 17.20
CA PRO E 84 -13.62 11.92 15.94
C PRO E 84 -12.56 12.98 16.18
N GLU E 85 -11.48 12.90 15.40
CA GLU E 85 -10.40 13.86 15.53
C GLU E 85 -10.90 15.26 15.17
N LYS E 86 -10.37 16.26 15.87
CA LYS E 86 -10.83 17.63 15.67
C LYS E 86 -10.66 18.05 14.21
N GLY E 87 -11.72 18.62 13.64
CA GLY E 87 -11.74 18.99 12.25
C GLY E 87 -12.15 17.88 11.30
N LYS E 88 -12.45 16.68 11.80
CA LYS E 88 -12.86 15.56 10.99
C LYS E 88 -14.10 14.92 11.60
N ASN E 89 -15.09 14.64 10.77
CA ASN E 89 -16.31 13.98 11.23
C ASN E 89 -16.24 12.47 10.97
N THR E 90 -15.20 11.86 11.52
CA THR E 90 -14.94 10.44 11.30
C THR E 90 -14.11 9.91 12.45
N LEU E 91 -14.41 8.69 12.89
CA LEU E 91 -13.66 8.01 13.93
C LEU E 91 -12.82 6.93 13.26
N GLY E 92 -11.51 7.11 13.25
CA GLY E 92 -10.64 6.24 12.49
C GLY E 92 -10.46 4.88 13.12
N VAL E 93 -9.86 3.98 12.35
CA VAL E 93 -9.55 2.65 12.88
C VAL E 93 -8.40 2.69 13.87
N ASP E 94 -7.53 3.70 13.77
CA ASP E 94 -6.36 3.75 14.64
C ASP E 94 -6.75 3.94 16.09
N ALA E 95 -7.72 4.81 16.38
CA ALA E 95 -8.12 5.02 17.76
C ALA E 95 -8.75 3.78 18.36
N VAL E 96 -9.63 3.11 17.59
CA VAL E 96 -10.25 1.89 18.07
C VAL E 96 -9.18 0.84 18.33
N ARG E 97 -8.25 0.69 17.41
CA ARG E 97 -7.20 -0.32 17.56
C ARG E 97 -6.32 -0.01 18.77
N GLU E 98 -5.98 1.26 18.98
CA GLU E 98 -5.19 1.66 20.13
C GLU E 98 -5.90 1.32 21.44
N VAL E 99 -7.20 1.60 21.51
CA VAL E 99 -7.94 1.30 22.73
C VAL E 99 -8.04 -0.20 22.94
N THR E 100 -8.23 -0.97 21.86
CA THR E 100 -8.30 -2.42 22.01
C THR E 100 -6.98 -2.99 22.51
N GLU E 101 -5.85 -2.49 21.98
CA GLU E 101 -4.55 -2.96 22.49
C GLU E 101 -4.35 -2.55 23.93
N LYS E 102 -4.78 -1.35 24.31
CA LYS E 102 -4.66 -0.93 25.70
C LYS E 102 -5.55 -1.76 26.63
N LEU E 103 -6.62 -2.36 26.10
CA LEU E 103 -7.49 -3.18 26.94
C LEU E 103 -6.83 -4.47 27.38
N ASN E 104 -5.73 -4.89 26.74
CA ASN E 104 -5.03 -6.10 27.16
C ASN E 104 -4.43 -5.93 28.54
N GLU E 105 -3.90 -4.75 28.83
CA GLU E 105 -3.36 -4.47 30.15
C GLU E 105 -4.47 -4.45 31.19
N HIS E 106 -4.11 -4.76 32.43
CA HIS E 106 -5.07 -4.68 33.52
C HIS E 106 -5.49 -3.24 33.77
N ALA E 107 -6.59 -3.08 34.50
CA ALA E 107 -7.03 -1.76 34.90
C ALA E 107 -6.00 -1.12 35.83
N ARG E 108 -5.65 0.13 35.54
CA ARG E 108 -4.61 0.80 36.33
C ARG E 108 -5.04 1.00 37.78
N LEU E 109 -6.30 1.40 37.99
CA LEU E 109 -6.78 1.75 39.33
C LEU E 109 -7.46 0.60 40.05
N GLY E 110 -7.40 -0.61 39.50
CA GLY E 110 -7.96 -1.77 40.16
C GLY E 110 -9.47 -1.93 40.01
N GLY E 111 -10.13 -1.05 39.27
CA GLY E 111 -11.55 -1.13 39.04
C GLY E 111 -11.89 -1.71 37.69
N ALA E 112 -13.03 -1.29 37.15
CA ALA E 112 -13.47 -1.74 35.85
C ALA E 112 -12.76 -0.94 34.75
N LYS E 113 -13.01 -1.32 33.50
CA LYS E 113 -12.55 -0.57 32.34
C LYS E 113 -13.77 -0.14 31.55
N VAL E 114 -13.92 1.16 31.33
CA VAL E 114 -15.08 1.70 30.65
C VAL E 114 -14.63 2.36 29.36
N VAL E 115 -15.12 1.85 28.24
CA VAL E 115 -14.86 2.39 26.91
C VAL E 115 -16.16 2.99 26.40
N TRP E 116 -16.10 4.25 25.95
CA TRP E 116 -17.29 4.93 25.44
C TRP E 116 -17.00 5.44 24.04
N VAL E 117 -17.79 5.00 23.07
CA VAL E 117 -17.74 5.53 21.71
C VAL E 117 -18.77 6.64 21.60
N THR E 118 -18.31 7.83 21.22
CA THR E 118 -19.18 9.00 21.24
C THR E 118 -20.36 8.85 20.28
N ASP E 119 -20.11 8.34 19.07
CA ASP E 119 -21.18 8.17 18.10
C ASP E 119 -20.79 7.04 17.17
N ALA E 120 -21.51 5.92 17.26
CA ALA E 120 -21.19 4.76 16.44
C ALA E 120 -21.45 5.00 14.96
N ALA E 121 -22.28 5.98 14.62
CA ALA E 121 -22.58 6.23 13.21
C ALA E 121 -21.39 6.81 12.47
N LEU E 122 -20.51 7.53 13.19
CA LEU E 122 -19.33 8.11 12.56
C LEU E 122 -18.21 7.10 12.35
N LEU E 123 -18.32 5.91 12.93
CA LEU E 123 -17.27 4.91 12.80
C LEU E 123 -17.04 4.57 11.33
N THR E 124 -15.77 4.47 10.96
CA THR E 124 -15.42 3.90 9.68
C THR E 124 -15.78 2.42 9.67
N ASP E 125 -15.93 1.86 8.46
CA ASP E 125 -16.16 0.42 8.36
C ASP E 125 -15.02 -0.36 9.01
N ALA E 126 -13.78 0.04 8.74
CA ALA E 126 -12.63 -0.62 9.36
C ALA E 126 -12.63 -0.42 10.87
N ALA E 127 -12.95 0.79 11.33
CA ALA E 127 -12.98 1.05 12.77
C ALA E 127 -14.07 0.23 13.44
N ALA E 128 -15.23 0.13 12.80
CA ALA E 128 -16.32 -0.67 13.36
C ALA E 128 -15.94 -2.14 13.43
N ASN E 129 -15.30 -2.66 12.37
CA ASN E 129 -14.91 -4.07 12.37
C ASN E 129 -13.83 -4.35 13.41
N ALA E 130 -12.88 -3.42 13.59
CA ALA E 130 -11.87 -3.61 14.62
C ALA E 130 -12.47 -3.63 16.02
N LEU E 131 -13.66 -3.07 16.19
CA LEU E 131 -14.36 -3.11 17.47
C LEU E 131 -15.03 -4.45 17.73
N LEU E 132 -15.10 -5.32 16.72
CA LEU E 132 -15.62 -6.66 16.88
C LEU E 132 -14.53 -7.57 17.45
N LYS E 133 -14.95 -8.66 18.07
CA LYS E 133 -14.12 -9.58 18.85
C LYS E 133 -13.61 -8.92 20.12
N THR E 134 -13.88 -7.64 20.33
CA THR E 134 -13.68 -6.97 21.60
C THR E 134 -15.00 -6.64 22.28
N LEU E 135 -16.01 -6.23 21.52
CA LEU E 135 -17.37 -6.23 22.04
C LEU E 135 -17.84 -7.65 22.33
N GLU E 136 -17.49 -8.59 21.46
CA GLU E 136 -17.91 -9.98 21.62
C GLU E 136 -17.45 -10.54 22.94
N GLU E 137 -16.13 -10.63 23.14
CA GLU E 137 -15.54 -11.19 24.36
C GLU E 137 -14.51 -10.20 24.91
N PRO E 138 -14.96 -9.14 25.56
CA PRO E 138 -14.02 -8.24 26.23
C PRO E 138 -13.42 -8.90 27.46
N PRO E 139 -12.24 -8.46 27.88
CA PRO E 139 -11.67 -8.98 29.13
C PRO E 139 -12.59 -8.71 30.31
N ALA E 140 -12.25 -9.34 31.44
CA ALA E 140 -13.10 -9.25 32.62
C ALA E 140 -13.22 -7.81 33.09
N GLU E 141 -14.40 -7.48 33.63
CA GLU E 141 -14.67 -6.16 34.20
C GLU E 141 -14.43 -5.04 33.19
N THR E 142 -14.80 -5.29 31.93
CA THR E 142 -14.75 -4.28 30.89
C THR E 142 -16.18 -3.95 30.49
N TRP E 143 -16.52 -2.65 30.56
CA TRP E 143 -17.84 -2.18 30.20
C TRP E 143 -17.73 -1.28 28.98
N PHE E 144 -18.50 -1.59 27.95
CA PHE E 144 -18.52 -0.82 26.72
C PHE E 144 -19.78 0.03 26.64
N PHE E 145 -19.72 1.05 25.79
CA PHE E 145 -20.87 1.91 25.56
C PHE E 145 -20.79 2.46 24.15
N LEU E 146 -21.96 2.71 23.57
CA LEU E 146 -22.05 3.27 22.23
C LEU E 146 -23.30 4.13 22.13
N ALA E 147 -23.31 5.03 21.17
CA ALA E 147 -24.47 5.87 20.89
C ALA E 147 -24.69 5.90 19.38
N THR E 148 -25.95 6.08 19.00
CA THR E 148 -26.26 6.11 17.57
C THR E 148 -27.61 6.79 17.36
N ARG E 149 -27.73 7.50 16.25
CA ARG E 149 -29.02 8.07 15.88
C ARG E 149 -29.95 6.99 15.34
N GLU E 150 -29.42 6.06 14.53
CA GLU E 150 -30.30 5.06 13.95
C GLU E 150 -29.49 3.75 13.88
N PRO E 151 -29.85 2.73 14.66
CA PRO E 151 -29.00 1.52 14.75
C PRO E 151 -28.81 0.75 13.44
N GLU E 152 -29.81 0.76 12.58
CA GLU E 152 -29.70 0.05 11.30
C GLU E 152 -28.61 0.61 10.40
N ARG E 153 -28.16 1.85 10.65
CA ARG E 153 -27.07 2.38 9.87
C ARG E 153 -25.74 1.78 10.27
N LEU E 154 -25.64 1.20 11.47
CA LEU E 154 -24.39 0.59 11.88
C LEU E 154 -24.17 -0.74 11.17
N LEU E 155 -22.96 -1.26 11.30
CA LEU E 155 -22.65 -2.59 10.81
C LEU E 155 -23.57 -3.61 11.49
N ALA E 156 -24.06 -4.57 10.70
CA ALA E 156 -24.96 -5.57 11.26
C ALA E 156 -24.28 -6.36 12.36
N THR E 157 -23.04 -6.81 12.11
CA THR E 157 -22.28 -7.56 13.08
C THR E 157 -21.96 -6.73 14.32
N LEU E 158 -21.81 -5.42 14.15
CA LEU E 158 -21.47 -4.55 15.27
C LEU E 158 -22.61 -4.49 16.28
N ARG E 159 -23.84 -4.30 15.80
CA ARG E 159 -24.98 -4.24 16.69
C ARG E 159 -25.53 -5.61 17.04
N SER E 160 -25.07 -6.67 16.37
CA SER E 160 -25.45 -8.01 16.78
C SER E 160 -25.00 -8.31 18.20
N ARG E 161 -23.76 -7.95 18.53
CA ARG E 161 -23.21 -8.18 19.87
C ARG E 161 -23.39 -6.95 20.77
N CYS E 162 -24.60 -6.42 20.82
CA CYS E 162 -24.88 -5.27 21.67
C CYS E 162 -26.31 -5.34 22.17
N ARG E 163 -26.50 -5.11 23.46
CA ARG E 163 -27.84 -4.93 24.01
C ARG E 163 -28.27 -3.49 23.74
N LEU E 164 -29.40 -3.31 23.08
CA LEU E 164 -29.80 -2.01 22.57
C LEU E 164 -30.82 -1.40 23.51
N HIS E 165 -30.56 -0.17 23.96
CA HIS E 165 -31.51 0.59 24.75
C HIS E 165 -31.94 1.82 23.97
N TYR E 166 -33.26 1.98 23.80
CA TYR E 166 -33.82 3.06 23.01
C TYR E 166 -34.34 4.14 23.93
N LEU E 167 -33.89 5.38 23.73
CA LEU E 167 -34.33 6.52 24.51
C LEU E 167 -35.52 7.15 23.80
N ALA E 168 -36.71 6.95 24.34
CA ALA E 168 -37.91 7.47 23.70
C ALA E 168 -38.00 8.98 23.89
N PRO E 169 -38.25 9.74 22.84
CA PRO E 169 -38.51 11.17 23.02
C PRO E 169 -39.73 11.38 23.89
N PRO E 170 -39.74 12.41 24.72
CA PRO E 170 -40.84 12.61 25.66
C PRO E 170 -42.14 12.93 24.94
N PRO E 171 -43.27 12.85 25.62
CA PRO E 171 -44.54 13.22 24.99
C PRO E 171 -44.51 14.66 24.51
N GLU E 172 -45.25 14.92 23.43
CA GLU E 172 -45.18 16.21 22.76
C GLU E 172 -45.57 17.34 23.71
N GLN E 173 -46.63 17.16 24.49
CA GLN E 173 -47.03 18.18 25.44
C GLN E 173 -45.95 18.41 26.49
N TYR E 174 -45.37 17.33 27.01
CA TYR E 174 -44.30 17.48 28.01
C TYR E 174 -43.05 18.11 27.40
N ALA E 175 -42.73 17.75 26.15
CA ALA E 175 -41.59 18.36 25.49
C ALA E 175 -41.81 19.86 25.27
N VAL E 176 -43.02 20.24 24.87
CA VAL E 176 -43.35 21.66 24.74
C VAL E 176 -43.24 22.36 26.08
N THR E 177 -43.70 21.71 27.14
CA THR E 177 -43.59 22.29 28.47
C THR E 177 -42.13 22.50 28.87
N TRP E 178 -41.28 21.52 28.59
CA TRP E 178 -39.85 21.65 28.92
C TRP E 178 -39.21 22.77 28.12
N LEU E 179 -39.55 22.88 26.82
CA LEU E 179 -38.98 23.95 26.00
C LEU E 179 -39.46 25.31 26.48
N SER E 180 -40.73 25.44 26.86
CA SER E 180 -41.24 26.70 27.38
C SER E 180 -40.56 27.06 28.69
N ARG E 181 -40.30 26.06 29.54
CA ARG E 181 -39.54 26.30 30.76
C ARG E 181 -38.13 26.77 30.45
N GLU E 182 -37.51 26.21 29.41
CA GLU E 182 -36.15 26.60 29.05
C GLU E 182 -36.13 27.99 28.40
N VAL E 183 -36.82 28.14 27.27
CA VAL E 183 -36.88 29.40 26.55
C VAL E 183 -38.34 29.77 26.36
N THR E 184 -38.59 31.08 26.25
CA THR E 184 -39.95 31.61 26.20
C THR E 184 -40.20 32.19 24.81
N MET E 185 -40.91 31.43 23.98
CA MET E 185 -41.34 31.87 22.66
C MET E 185 -42.77 31.43 22.46
N SER E 186 -43.28 31.63 21.25
CA SER E 186 -44.65 31.22 20.94
C SER E 186 -44.77 29.70 20.96
N GLN E 187 -45.96 29.23 21.38
CA GLN E 187 -46.17 27.80 21.53
C GLN E 187 -46.03 27.06 20.21
N ASP E 188 -46.59 27.63 19.13
CA ASP E 188 -46.46 26.99 17.82
C ASP E 188 -45.02 26.96 17.36
N ALA E 189 -44.23 27.96 17.75
CA ALA E 189 -42.81 27.95 17.40
C ALA E 189 -42.10 26.78 18.04
N LEU E 190 -42.31 26.56 19.35
CA LEU E 190 -41.71 25.43 20.02
C LEU E 190 -42.22 24.11 19.45
N LEU E 191 -43.51 24.05 19.13
CA LEU E 191 -44.09 22.82 18.59
C LEU E 191 -43.47 22.45 17.26
N ALA E 192 -43.35 23.42 16.36
CA ALA E 192 -42.73 23.15 15.07
C ALA E 192 -41.25 22.83 15.23
N ALA E 193 -40.57 23.50 16.16
CA ALA E 193 -39.17 23.18 16.39
C ALA E 193 -39.00 21.75 16.88
N LEU E 194 -39.89 21.30 17.77
CA LEU E 194 -39.84 19.92 18.24
C LEU E 194 -40.07 18.93 17.12
N ARG E 195 -41.15 19.10 16.38
CA ARG E 195 -41.47 18.11 15.35
C ARG E 195 -40.61 18.24 14.11
N LEU E 196 -39.81 19.30 14.00
CA LEU E 196 -38.71 19.30 13.03
C LEU E 196 -37.57 18.43 13.50
N SER E 197 -37.34 18.37 14.82
CA SER E 197 -36.23 17.65 15.42
C SER E 197 -36.58 16.21 15.77
N ALA E 198 -37.53 15.61 15.06
CA ALA E 198 -37.95 14.23 15.30
C ALA E 198 -38.42 14.03 16.74
N GLY E 199 -39.04 15.06 17.32
CA GLY E 199 -39.53 14.98 18.68
C GLY E 199 -38.47 15.08 19.75
N SER E 200 -37.23 15.42 19.40
CA SER E 200 -36.15 15.48 20.38
C SER E 200 -36.02 16.90 20.90
N PRO E 201 -36.36 17.17 22.17
CA PRO E 201 -36.27 18.54 22.68
C PRO E 201 -34.86 19.11 22.68
N GLY E 202 -33.85 18.27 22.80
CA GLY E 202 -32.49 18.77 22.79
C GLY E 202 -32.12 19.43 21.48
N ALA E 203 -32.47 18.80 20.35
CA ALA E 203 -32.14 19.38 19.05
C ALA E 203 -32.94 20.65 18.79
N ALA E 204 -34.21 20.70 19.19
CA ALA E 204 -34.99 21.92 19.06
C ALA E 204 -34.41 23.05 19.89
N LEU E 205 -34.00 22.74 21.13
CA LEU E 205 -33.39 23.75 21.98
C LEU E 205 -32.09 24.26 21.38
N ALA E 206 -31.26 23.35 20.86
CA ALA E 206 -30.03 23.77 20.20
C ALA E 206 -30.32 24.61 18.97
N LEU E 207 -31.42 24.31 18.28
CA LEU E 207 -31.83 25.11 17.13
C LEU E 207 -32.20 26.53 17.56
N PHE E 208 -32.90 26.66 18.69
CA PHE E 208 -33.31 27.98 19.16
C PHE E 208 -32.12 28.79 19.66
N GLN E 209 -31.20 28.14 20.40
CA GLN E 209 -30.07 28.87 20.97
C GLN E 209 -29.15 29.39 19.87
N GLY E 210 -28.91 28.59 18.84
CA GLY E 210 -28.07 29.01 17.74
C GLY E 210 -28.79 30.01 16.84
N ASP E 211 -28.05 30.47 15.83
CA ASP E 211 -28.61 31.38 14.84
C ASP E 211 -29.39 30.66 13.76
N ASN E 212 -29.42 29.32 13.78
CA ASN E 212 -30.01 28.57 12.67
C ASN E 212 -31.50 28.85 12.50
N TRP E 213 -32.17 29.32 13.56
CA TRP E 213 -33.58 29.68 13.42
C TRP E 213 -33.74 30.93 12.55
N GLN E 214 -32.80 31.87 12.69
CA GLN E 214 -32.82 33.04 11.82
C GLN E 214 -32.54 32.63 10.37
N ALA E 215 -31.67 31.64 10.16
CA ALA E 215 -31.44 31.14 8.82
C ALA E 215 -32.66 30.42 8.28
N ARG E 216 -33.41 29.73 9.15
CA ARG E 216 -34.67 29.13 8.73
C ARG E 216 -35.66 30.20 8.29
N GLU E 217 -35.73 31.30 9.04
CA GLU E 217 -36.58 32.40 8.64
C GLU E 217 -36.12 33.02 7.32
N THR E 218 -34.81 33.08 7.11
CA THR E 218 -34.28 33.57 5.85
C THR E 218 -34.71 32.68 4.69
N LEU E 219 -34.65 31.36 4.89
CA LEU E 219 -35.12 30.44 3.87
C LEU E 219 -36.62 30.60 3.65
N CYS E 220 -37.37 30.87 4.72
CA CYS E 220 -38.80 31.09 4.58
C CYS E 220 -39.10 32.33 3.74
N GLN E 221 -38.35 33.40 3.97
CA GLN E 221 -38.53 34.61 3.16
C GLN E 221 -38.14 34.37 1.70
N ALA E 222 -37.01 33.70 1.49
CA ALA E 222 -36.57 33.40 0.14
C ALA E 222 -37.56 32.50 -0.57
N LEU E 223 -38.26 31.64 0.18
CA LEU E 223 -39.32 30.83 -0.42
C LEU E 223 -40.57 31.66 -0.69
N ALA E 224 -40.90 32.59 0.20
CA ALA E 224 -42.00 33.51 -0.04
C ALA E 224 -41.80 34.28 -1.33
N TYR E 225 -40.55 34.52 -1.71
CA TYR E 225 -40.27 35.05 -3.05
C TYR E 225 -40.22 33.96 -4.12
N SER E 226 -39.71 32.78 -3.80
CA SER E 226 -39.38 31.78 -4.81
C SER E 226 -40.62 31.08 -5.37
N VAL E 227 -41.55 30.73 -4.49
CA VAL E 227 -42.71 29.93 -4.93
C VAL E 227 -43.56 30.66 -5.96
N PRO E 228 -44.00 31.91 -5.73
CA PRO E 228 -44.86 32.54 -6.74
C PRO E 228 -44.19 32.77 -8.08
N SER E 229 -42.89 33.08 -8.08
CA SER E 229 -42.19 33.45 -9.31
C SER E 229 -41.38 32.31 -9.92
N GLY E 230 -41.38 31.13 -9.31
CA GLY E 230 -40.56 30.04 -9.81
C GLY E 230 -39.07 30.32 -9.77
N ASP E 231 -38.64 31.22 -8.89
CA ASP E 231 -37.23 31.60 -8.78
C ASP E 231 -36.64 30.87 -7.57
N TRP E 232 -36.32 29.60 -7.77
CA TRP E 232 -35.77 28.77 -6.70
C TRP E 232 -34.26 28.87 -6.58
N TYR E 233 -33.58 29.41 -7.59
CA TYR E 233 -32.14 29.55 -7.53
C TYR E 233 -31.72 30.49 -6.41
N SER E 234 -32.53 31.50 -6.13
CA SER E 234 -32.20 32.48 -5.09
C SER E 234 -31.98 31.80 -3.74
N LEU E 235 -32.74 30.74 -3.47
CA LEU E 235 -32.61 30.00 -2.22
C LEU E 235 -31.17 29.57 -1.94
N LEU E 236 -30.31 29.56 -2.97
CA LEU E 236 -28.93 29.20 -2.77
C LEU E 236 -28.29 30.07 -1.69
N ALA E 237 -28.53 31.38 -1.74
CA ALA E 237 -27.97 32.27 -0.73
C ALA E 237 -28.43 31.89 0.67
N ALA E 238 -29.65 31.37 0.79
CA ALA E 238 -30.19 30.93 2.06
C ALA E 238 -29.95 29.46 2.34
N LEU E 239 -29.39 28.71 1.40
CA LEU E 239 -29.13 27.28 1.60
C LEU E 239 -27.66 26.96 1.82
N ASN E 240 -26.78 27.52 1.00
CA ASN E 240 -25.35 27.23 1.09
C ASN E 240 -24.78 27.67 2.42
N HIS E 241 -24.40 26.71 3.26
CA HIS E 241 -23.80 27.01 4.56
C HIS E 241 -23.21 25.71 5.10
N GLU E 242 -22.43 25.83 6.18
CA GLU E 242 -21.91 24.66 6.86
C GLU E 242 -23.03 23.77 7.38
N GLN E 243 -24.19 24.36 7.67
CA GLN E 243 -25.35 23.64 8.21
C GLN E 243 -26.34 23.30 7.11
N ALA E 244 -25.84 22.95 5.92
CA ALA E 244 -26.72 22.65 4.80
C ALA E 244 -27.72 21.53 5.08
N PRO E 245 -27.36 20.40 5.71
CA PRO E 245 -28.37 19.35 5.91
C PRO E 245 -29.59 19.81 6.69
N ALA E 246 -29.41 20.66 7.69
CA ALA E 246 -30.56 21.14 8.46
C ALA E 246 -31.50 21.95 7.59
N ARG E 247 -30.96 22.83 6.75
CA ARG E 247 -31.82 23.64 5.89
C ARG E 247 -32.47 22.81 4.79
N LEU E 248 -31.77 21.81 4.27
CA LEU E 248 -32.39 20.90 3.32
C LEU E 248 -33.52 20.13 3.97
N HIS E 249 -33.32 19.71 5.22
CA HIS E 249 -34.38 19.04 5.96
C HIS E 249 -35.58 19.97 6.17
N TRP E 250 -35.32 21.24 6.46
CA TRP E 250 -36.42 22.19 6.62
C TRP E 250 -37.17 22.38 5.31
N LEU E 251 -36.45 22.47 4.19
CA LEU E 251 -37.11 22.61 2.89
C LEU E 251 -37.97 21.39 2.59
N ALA E 252 -37.42 20.20 2.81
CA ALA E 252 -38.17 18.97 2.57
C ALA E 252 -39.38 18.89 3.48
N THR E 253 -39.27 19.40 4.70
CA THR E 253 -40.40 19.34 5.61
C THR E 253 -41.49 20.34 5.23
N LEU E 254 -41.10 21.51 4.70
CA LEU E 254 -42.07 22.42 4.12
C LEU E 254 -42.81 21.77 2.95
N LEU E 255 -42.07 21.09 2.08
CA LEU E 255 -42.72 20.39 0.97
C LEU E 255 -43.66 19.30 1.47
N MET E 256 -43.24 18.57 2.52
CA MET E 256 -44.10 17.54 3.08
C MET E 256 -45.37 18.14 3.66
N ASP E 257 -45.25 19.30 4.31
CA ASP E 257 -46.44 19.97 4.84
C ASP E 257 -47.38 20.39 3.71
N ALA E 258 -46.81 20.87 2.60
CA ALA E 258 -47.64 21.22 1.46
C ALA E 258 -48.38 19.99 0.92
N LEU E 259 -47.67 18.87 0.78
CA LEU E 259 -48.31 17.64 0.32
C LEU E 259 -49.39 17.17 1.30
N LYS E 260 -49.13 17.29 2.60
CA LYS E 260 -50.13 16.93 3.60
C LYS E 260 -51.38 17.80 3.46
N ARG E 261 -51.19 19.11 3.26
CA ARG E 261 -52.33 19.99 3.10
C ARG E 261 -53.09 19.68 1.81
N HIS E 262 -52.39 19.21 0.77
CA HIS E 262 -53.09 18.81 -0.45
C HIS E 262 -54.07 17.68 -0.17
N HIS E 263 -53.68 16.71 0.66
CA HIS E 263 -54.54 15.60 1.04
C HIS E 263 -55.44 15.93 2.22
N GLY E 264 -55.42 17.18 2.69
CA GLY E 264 -56.24 17.56 3.82
C GLY E 264 -55.83 16.93 5.14
N ALA E 265 -54.53 16.79 5.37
CA ALA E 265 -54.05 16.20 6.61
C ALA E 265 -54.39 17.11 7.79
N ALA E 266 -54.75 16.49 8.92
CA ALA E 266 -55.17 17.27 10.08
C ALA E 266 -54.04 18.12 10.62
N GLN E 267 -52.83 17.56 10.70
CA GLN E 267 -51.70 18.23 11.33
C GLN E 267 -50.51 18.25 10.39
N VAL E 268 -49.87 19.41 10.28
CA VAL E 268 -48.67 19.56 9.47
C VAL E 268 -47.50 19.86 10.40
N THR E 269 -46.30 19.97 9.84
CA THR E 269 -45.13 20.23 10.66
C THR E 269 -44.93 21.72 10.93
N ASN E 270 -44.81 22.51 9.87
CA ASN E 270 -44.61 23.95 10.00
C ASN E 270 -45.94 24.59 10.41
N VAL E 271 -46.29 24.37 11.68
CA VAL E 271 -47.57 24.85 12.19
C VAL E 271 -47.58 26.37 12.29
N ASP E 272 -46.42 26.99 12.52
CA ASP E 272 -46.33 28.43 12.69
C ASP E 272 -46.08 29.17 11.38
N VAL E 273 -46.07 28.46 10.26
CA VAL E 273 -45.89 29.10 8.95
C VAL E 273 -47.02 28.65 8.04
N PRO E 274 -48.25 29.13 8.25
CA PRO E 274 -49.36 28.65 7.40
C PRO E 274 -49.41 29.30 6.04
N GLY E 275 -49.03 30.57 5.92
CA GLY E 275 -49.12 31.23 4.64
C GLY E 275 -48.18 30.62 3.60
N LEU E 276 -46.94 30.35 3.99
CA LEU E 276 -45.99 29.80 3.04
C LEU E 276 -46.40 28.39 2.60
N VAL E 277 -46.86 27.56 3.54
CA VAL E 277 -47.30 26.22 3.15
C VAL E 277 -48.55 26.30 2.29
N ALA E 278 -49.40 27.30 2.53
CA ALA E 278 -50.55 27.51 1.66
C ALA E 278 -50.12 27.86 0.24
N GLU E 279 -49.11 28.73 0.12
CA GLU E 279 -48.58 29.06 -1.21
C GLU E 279 -47.98 27.83 -1.87
N LEU E 280 -47.23 27.04 -1.12
CA LEU E 280 -46.64 25.81 -1.64
C LEU E 280 -47.73 24.87 -2.15
N ALA E 281 -48.82 24.73 -1.40
CA ALA E 281 -49.89 23.84 -1.80
C ALA E 281 -50.63 24.37 -3.02
N ASN E 282 -50.94 25.66 -3.05
CA ASN E 282 -51.75 26.20 -4.13
C ASN E 282 -50.97 26.24 -5.44
N HIS E 283 -49.75 26.77 -5.42
CA HIS E 283 -49.04 26.99 -6.67
C HIS E 283 -48.49 25.69 -7.26
N LEU E 284 -47.94 24.82 -6.42
CA LEU E 284 -47.21 23.65 -6.89
C LEU E 284 -48.12 22.43 -6.96
N SER E 285 -48.07 21.72 -8.09
CA SER E 285 -48.85 20.50 -8.24
C SER E 285 -48.33 19.43 -7.29
N PRO E 286 -49.21 18.58 -6.75
CA PRO E 286 -48.77 17.56 -5.80
C PRO E 286 -47.72 16.61 -6.37
N SER E 287 -47.79 16.26 -7.66
CA SER E 287 -46.75 15.44 -8.25
C SER E 287 -45.41 16.17 -8.26
N ARG E 288 -45.42 17.45 -8.66
CA ARG E 288 -44.19 18.23 -8.61
C ARG E 288 -43.70 18.39 -7.18
N LEU E 289 -44.62 18.58 -6.24
CA LEU E 289 -44.23 18.70 -4.83
C LEU E 289 -43.54 17.43 -4.36
N GLN E 290 -44.09 16.26 -4.73
CA GLN E 290 -43.48 15.00 -4.33
C GLN E 290 -42.11 14.83 -4.96
N ALA E 291 -41.96 15.19 -6.24
CA ALA E 291 -40.66 15.07 -6.90
C ALA E 291 -39.63 15.98 -6.25
N ILE E 292 -40.03 17.22 -5.94
CA ILE E 292 -39.12 18.16 -5.30
C ILE E 292 -38.72 17.68 -3.91
N LEU E 293 -39.69 17.16 -3.15
CA LEU E 293 -39.38 16.63 -1.83
C LEU E 293 -38.41 15.46 -1.92
N GLY E 294 -38.64 14.55 -2.86
CA GLY E 294 -37.76 13.41 -3.02
C GLY E 294 -36.34 13.83 -3.37
N ASP E 295 -36.21 14.78 -4.30
CA ASP E 295 -34.87 15.22 -4.69
C ASP E 295 -34.18 15.99 -3.58
N VAL E 296 -34.93 16.79 -2.82
CA VAL E 296 -34.32 17.51 -1.70
C VAL E 296 -33.80 16.53 -0.66
N CYS E 297 -34.59 15.49 -0.34
CA CYS E 297 -34.14 14.49 0.61
C CYS E 297 -32.93 13.72 0.09
N HIS E 298 -32.94 13.37 -1.20
CA HIS E 298 -31.81 12.65 -1.77
C HIS E 298 -30.55 13.50 -1.77
N ILE E 299 -30.67 14.79 -2.07
CA ILE E 299 -29.52 15.68 -2.05
C ILE E 299 -29.01 15.85 -0.62
N ARG E 300 -29.92 15.95 0.35
CA ARG E 300 -29.48 16.03 1.74
C ARG E 300 -28.71 14.78 2.13
N GLU E 301 -29.20 13.60 1.74
CA GLU E 301 -28.52 12.37 2.09
C GLU E 301 -27.16 12.27 1.42
N GLN E 302 -27.07 12.66 0.15
CA GLN E 302 -25.78 12.65 -0.54
C GLN E 302 -24.81 13.63 0.12
N LEU E 303 -25.30 14.82 0.49
CA LEU E 303 -24.44 15.81 1.13
C LEU E 303 -23.95 15.33 2.48
N MET E 304 -24.80 14.60 3.22
CA MET E 304 -24.41 14.10 4.53
C MET E 304 -23.44 12.92 4.42
N SER E 305 -23.68 12.00 3.48
CA SER E 305 -22.94 10.74 3.49
C SER E 305 -21.57 10.89 2.88
N VAL E 306 -21.51 11.25 1.59
CA VAL E 306 -20.21 11.30 0.90
C VAL E 306 -19.42 12.50 1.42
N THR E 307 -18.18 12.24 1.81
CA THR E 307 -17.37 13.21 2.53
C THR E 307 -16.46 13.96 1.57
N GLY E 308 -16.31 15.26 1.81
CA GLY E 308 -15.59 16.12 0.91
C GLY E 308 -16.42 16.68 -0.23
N ILE E 309 -17.72 16.43 -0.23
CA ILE E 309 -18.58 16.89 -1.32
C ILE E 309 -18.69 18.41 -1.29
N ASN E 310 -18.94 18.99 -2.47
CA ASN E 310 -19.06 20.43 -2.61
C ASN E 310 -20.52 20.82 -2.42
N ARG E 311 -20.81 21.54 -1.34
CA ARG E 311 -22.19 21.92 -1.05
C ARG E 311 -22.74 22.84 -2.13
N GLU E 312 -21.91 23.75 -2.66
CA GLU E 312 -22.39 24.71 -3.64
C GLU E 312 -22.82 24.02 -4.92
N LEU E 313 -22.04 23.07 -5.43
CA LEU E 313 -22.45 22.33 -6.63
C LEU E 313 -23.75 21.58 -6.39
N LEU E 314 -23.84 20.87 -5.26
CA LEU E 314 -25.02 20.06 -4.99
C LEU E 314 -26.27 20.94 -4.93
N ILE E 315 -26.20 22.02 -4.16
CA ILE E 315 -27.38 22.86 -3.99
C ILE E 315 -27.71 23.59 -5.28
N THR E 316 -26.71 24.04 -6.04
CA THR E 316 -26.98 24.70 -7.30
C THR E 316 -27.68 23.77 -8.28
N ASP E 317 -27.17 22.53 -8.40
CA ASP E 317 -27.82 21.56 -9.27
C ASP E 317 -29.22 21.25 -8.80
N LEU E 318 -29.42 21.12 -7.50
CA LEU E 318 -30.75 20.83 -6.96
C LEU E 318 -31.73 21.93 -7.30
N LEU E 319 -31.33 23.19 -7.10
CA LEU E 319 -32.23 24.30 -7.35
C LEU E 319 -32.53 24.43 -8.84
N LEU E 320 -31.52 24.26 -9.69
CA LEU E 320 -31.75 24.33 -11.13
C LEU E 320 -32.65 23.20 -11.59
N ARG E 321 -32.49 22.01 -11.02
CA ARG E 321 -33.36 20.89 -11.38
C ARG E 321 -34.79 21.14 -10.94
N ILE E 322 -34.98 21.73 -9.76
CA ILE E 322 -36.33 22.07 -9.32
C ILE E 322 -36.97 23.06 -10.29
N GLU E 323 -36.24 24.10 -10.67
CA GLU E 323 -36.76 25.07 -11.62
C GLU E 323 -37.09 24.41 -12.96
N HIS E 324 -36.27 23.45 -13.37
CA HIS E 324 -36.56 22.70 -14.59
C HIS E 324 -37.84 21.88 -14.44
N TYR E 325 -38.04 21.28 -13.27
CA TYR E 325 -39.23 20.47 -13.04
C TYR E 325 -40.50 21.30 -13.08
N LEU E 326 -40.44 22.55 -12.61
CA LEU E 326 -41.65 23.37 -12.61
C LEU E 326 -42.22 23.58 -14.00
N GLN E 327 -41.37 23.59 -15.03
CA GLN E 327 -41.86 23.80 -16.39
C GLN E 327 -42.69 22.61 -16.86
N PRO E 328 -43.68 22.83 -17.70
CA PRO E 328 -44.51 21.71 -18.18
C PRO E 328 -43.82 20.93 -19.28
N GLY E 329 -44.30 19.71 -19.48
CA GLY E 329 -43.78 18.84 -20.51
C GLY E 329 -42.56 18.03 -20.13
N VAL E 330 -42.18 18.00 -18.85
CA VAL E 330 -41.02 17.26 -18.40
C VAL E 330 -41.48 16.14 -17.47
N VAL E 331 -40.71 15.05 -17.47
CA VAL E 331 -41.05 13.90 -16.63
C VAL E 331 -40.50 14.10 -15.23
N LEU E 332 -41.05 13.35 -14.28
CA LEU E 332 -40.69 13.41 -12.88
C LEU E 332 -39.98 12.14 -12.45
N PRO E 333 -39.13 12.21 -11.42
CA PRO E 333 -38.39 11.01 -11.00
C PRO E 333 -39.30 9.94 -10.44
N VAL E 334 -38.89 8.70 -10.62
CA VAL E 334 -39.62 7.51 -10.16
C VAL E 334 -38.77 6.82 -9.09
N PRO E 335 -39.26 6.66 -7.87
CA PRO E 335 -38.50 5.90 -6.87
C PRO E 335 -38.30 4.46 -7.32
N HIS E 336 -37.14 3.90 -6.98
CA HIS E 336 -36.72 2.62 -7.52
C HIS E 336 -36.04 1.80 -6.44
N LEU E 337 -35.84 0.52 -6.74
CA LEU E 337 -35.09 -0.39 -5.88
C LEU E 337 -33.64 -0.50 -6.32
N GLY F 1 45.49 -29.30 -8.63
CA GLY F 1 44.39 -29.18 -9.57
C GLY F 1 43.49 -28.00 -9.24
N PRO F 2 42.17 -28.23 -9.25
CA PRO F 2 41.25 -27.15 -8.86
C PRO F 2 41.51 -26.67 -7.44
N HIS F 3 41.88 -27.58 -6.55
CA HIS F 3 42.17 -27.23 -5.17
C HIS F 3 43.36 -26.30 -5.11
N MET F 4 43.14 -25.03 -4.76
CA MET F 4 44.26 -24.15 -4.46
C MET F 4 44.78 -24.53 -3.08
N LYS F 5 45.51 -25.64 -3.00
CA LYS F 5 45.96 -26.18 -1.73
C LYS F 5 46.57 -25.09 -0.87
N PHE F 6 45.95 -24.85 0.27
CA PHE F 6 46.27 -23.71 1.12
C PHE F 6 46.24 -24.14 2.57
N THR F 7 47.27 -23.81 3.33
CA THR F 7 47.33 -24.21 4.73
C THR F 7 48.17 -23.22 5.50
N VAL F 8 47.54 -22.51 6.44
CA VAL F 8 48.24 -21.51 7.26
C VAL F 8 47.63 -21.50 8.65
N GLU F 9 48.38 -20.95 9.61
CA GLU F 9 47.83 -20.72 10.94
C GLU F 9 46.94 -19.49 10.94
N ARG F 10 46.20 -19.32 12.03
CA ARG F 10 45.38 -18.11 12.17
C ARG F 10 46.20 -16.90 12.56
N GLU F 11 47.26 -17.10 13.37
CA GLU F 11 48.03 -15.96 13.86
C GLU F 11 48.65 -15.17 12.73
N HIS F 12 48.98 -15.82 11.63
CA HIS F 12 49.59 -15.17 10.48
C HIS F 12 48.58 -14.78 9.41
N LEU F 13 47.28 -14.99 9.67
CA LEU F 13 46.24 -14.72 8.68
C LEU F 13 45.18 -13.73 9.15
N LEU F 14 44.97 -13.58 10.46
CA LEU F 14 43.93 -12.66 10.93
C LEU F 14 44.27 -11.22 10.55
N LYS F 15 45.47 -10.77 10.89
CA LYS F 15 45.86 -9.39 10.57
C LYS F 15 45.91 -9.12 9.07
N PRO F 16 46.47 -9.99 8.21
CA PRO F 16 46.41 -9.72 6.77
C PRO F 16 45.00 -9.60 6.22
N LEU F 17 44.06 -10.45 6.66
CA LEU F 17 42.68 -10.30 6.20
C LEU F 17 42.07 -9.01 6.73
N GLN F 18 42.37 -8.66 7.99
CA GLN F 18 41.85 -7.41 8.54
C GLN F 18 42.34 -6.21 7.73
N GLN F 19 43.58 -6.27 7.24
CA GLN F 19 44.09 -5.19 6.40
C GLN F 19 43.45 -5.20 5.02
N VAL F 20 43.27 -6.39 4.43
CA VAL F 20 42.75 -6.48 3.08
C VAL F 20 41.27 -6.18 2.98
N SER F 21 40.51 -6.37 4.07
CA SER F 21 39.06 -6.13 4.02
C SER F 21 38.77 -4.70 3.57
N GLY F 22 39.41 -3.72 4.20
CA GLY F 22 39.36 -2.35 3.76
C GLY F 22 37.95 -1.80 3.63
N PRO F 23 37.54 -1.51 2.38
CA PRO F 23 36.20 -0.97 2.14
C PRO F 23 35.12 -2.02 1.87
N LEU F 24 35.48 -3.30 1.82
CA LEU F 24 34.52 -4.33 1.51
C LEU F 24 33.55 -4.53 2.68
N GLY F 25 32.42 -5.15 2.38
CA GLY F 25 31.41 -5.43 3.37
C GLY F 25 30.06 -4.86 3.01
N GLY F 26 30.05 -3.65 2.46
CA GLY F 26 28.82 -3.00 2.05
C GLY F 26 28.38 -3.42 0.66
N ARG F 27 27.38 -2.72 0.17
CA ARG F 27 26.86 -3.00 -1.17
C ARG F 27 27.87 -2.54 -2.22
N PRO F 28 28.36 -3.43 -3.08
CA PRO F 28 29.33 -3.02 -4.10
C PRO F 28 28.67 -2.62 -5.41
N THR F 29 29.42 -1.84 -6.19
CA THR F 29 28.95 -1.44 -7.52
C THR F 29 28.76 -2.66 -8.42
N LEU F 30 29.72 -3.58 -8.41
CA LEU F 30 29.64 -4.86 -9.08
C LEU F 30 29.59 -5.97 -8.04
N PRO F 31 28.85 -7.05 -8.29
CA PRO F 31 28.65 -8.05 -7.22
C PRO F 31 29.93 -8.74 -6.79
N ILE F 32 30.98 -8.71 -7.61
CA ILE F 32 32.23 -9.38 -7.27
C ILE F 32 33.08 -8.55 -6.33
N LEU F 33 32.86 -7.24 -6.25
CA LEU F 33 33.68 -6.40 -5.40
C LEU F 33 33.19 -6.44 -3.96
N GLY F 34 33.00 -7.64 -3.45
CA GLY F 34 32.72 -7.87 -2.04
C GLY F 34 33.42 -9.15 -1.63
N ASN F 35 34.12 -9.74 -2.59
CA ASN F 35 34.83 -10.99 -2.41
C ASN F 35 36.33 -10.73 -2.42
N LEU F 36 37.02 -11.25 -1.41
CA LEU F 36 38.48 -11.22 -1.41
C LEU F 36 39.00 -12.15 -2.49
N LEU F 37 40.06 -11.72 -3.16
CA LEU F 37 40.72 -12.53 -4.17
C LEU F 37 41.89 -13.26 -3.52
N LEU F 38 41.82 -14.59 -3.49
CA LEU F 38 42.86 -15.43 -2.91
C LEU F 38 43.68 -16.02 -4.04
N GLN F 39 45.00 -15.84 -3.97
CA GLN F 39 45.90 -16.38 -4.98
C GLN F 39 47.05 -17.12 -4.31
N VAL F 40 47.49 -18.21 -4.94
CA VAL F 40 48.62 -19.00 -4.47
C VAL F 40 49.69 -18.98 -5.54
N ALA F 41 50.91 -18.58 -5.17
CA ALA F 41 51.99 -18.49 -6.13
C ALA F 41 53.33 -18.50 -5.41
N ASP F 42 54.22 -19.40 -5.85
CA ASP F 42 55.61 -19.45 -5.38
C ASP F 42 55.69 -19.53 -3.86
N GLY F 43 54.87 -20.38 -3.26
CA GLY F 43 54.87 -20.52 -1.82
C GLY F 43 54.39 -19.31 -1.08
N THR F 44 53.54 -18.50 -1.70
CA THR F 44 53.01 -17.30 -1.07
C THR F 44 51.52 -17.20 -1.34
N LEU F 45 50.78 -16.74 -0.33
CA LEU F 45 49.38 -16.38 -0.48
C LEU F 45 49.26 -14.88 -0.70
N SER F 46 48.50 -14.50 -1.72
CA SER F 46 48.15 -13.11 -1.95
C SER F 46 46.66 -12.92 -1.65
N LEU F 47 46.38 -12.04 -0.70
CA LEU F 47 45.01 -11.59 -0.42
C LEU F 47 44.81 -10.26 -1.11
N THR F 48 43.70 -10.12 -1.83
CA THR F 48 43.45 -8.90 -2.60
C THR F 48 42.05 -8.39 -2.32
N GLY F 49 41.95 -7.09 -2.04
CA GLY F 49 40.67 -6.42 -1.90
C GLY F 49 40.61 -5.19 -2.77
N THR F 50 39.60 -5.09 -3.62
CA THR F 50 39.50 -4.04 -4.62
C THR F 50 38.18 -3.31 -4.47
N ASP F 51 38.22 -2.00 -4.70
CA ASP F 51 37.01 -1.16 -4.68
C ASP F 51 36.78 -0.47 -6.02
N LEU F 52 37.43 -0.92 -7.09
CA LEU F 52 37.51 -0.29 -8.40
C LEU F 52 38.33 0.98 -8.38
N GLU F 53 38.76 1.45 -7.21
CA GLU F 53 39.72 2.54 -7.10
C GLU F 53 40.87 2.24 -6.17
N MET F 54 40.70 1.38 -5.18
CA MET F 54 41.73 1.02 -4.22
C MET F 54 42.01 -0.48 -4.33
N GLU F 55 43.25 -0.84 -4.06
CA GLU F 55 43.72 -2.21 -4.25
C GLU F 55 44.66 -2.54 -3.10
N MET F 56 44.19 -3.34 -2.15
CA MET F 56 44.99 -3.75 -1.00
C MET F 56 45.39 -5.20 -1.15
N VAL F 57 46.69 -5.46 -1.06
CA VAL F 57 47.25 -6.79 -1.24
C VAL F 57 48.09 -7.13 -0.01
N ALA F 58 47.91 -8.33 0.52
CA ALA F 58 48.72 -8.83 1.62
C ALA F 58 49.39 -10.14 1.20
N ARG F 59 50.64 -10.31 1.61
CA ARG F 59 51.41 -11.50 1.29
C ARG F 59 51.64 -12.30 2.57
N VAL F 60 51.33 -13.59 2.52
CA VAL F 60 51.54 -14.49 3.64
C VAL F 60 52.43 -15.64 3.18
N ALA F 61 53.44 -15.96 3.99
CA ALA F 61 54.35 -17.04 3.64
C ALA F 61 53.69 -18.40 3.82
N LEU F 62 53.96 -19.30 2.88
CA LEU F 62 53.47 -20.67 2.94
C LEU F 62 54.64 -21.60 3.25
N VAL F 63 54.54 -22.33 4.35
CA VAL F 63 55.56 -23.30 4.76
C VAL F 63 55.00 -24.72 4.71
N GLN F 64 53.92 -24.94 3.97
CA GLN F 64 53.23 -26.20 3.88
C GLN F 64 52.92 -26.46 2.41
N PRO F 65 52.62 -27.71 2.04
CA PRO F 65 52.33 -28.01 0.62
C PRO F 65 51.18 -27.16 0.10
N HIS F 66 51.29 -26.75 -1.16
CA HIS F 66 50.35 -25.82 -1.74
C HIS F 66 50.22 -26.08 -3.23
N GLU F 67 49.15 -25.54 -3.82
CA GLU F 67 48.86 -25.68 -5.23
C GLU F 67 48.53 -24.32 -5.82
N PRO F 68 49.03 -24.02 -7.02
CA PRO F 68 48.79 -22.69 -7.61
C PRO F 68 47.38 -22.50 -8.16
N GLY F 69 46.45 -22.10 -7.30
CA GLY F 69 45.11 -21.75 -7.71
C GLY F 69 44.70 -20.38 -7.18
N ALA F 70 43.57 -19.90 -7.67
CA ALA F 70 43.08 -18.58 -7.31
C ALA F 70 41.57 -18.52 -7.47
N THR F 71 40.91 -17.83 -6.54
CA THR F 71 39.46 -17.65 -6.63
C THR F 71 39.04 -16.52 -5.69
N THR F 72 37.81 -16.03 -5.89
CA THR F 72 37.27 -14.93 -5.10
C THR F 72 36.16 -15.46 -4.20
N VAL F 73 36.25 -15.17 -2.91
CA VAL F 73 35.31 -15.70 -1.93
C VAL F 73 34.73 -14.55 -1.11
N PRO F 74 33.46 -14.58 -0.72
CA PRO F 74 32.90 -13.48 0.08
C PRO F 74 33.78 -13.12 1.27
N ALA F 75 34.06 -11.82 1.41
CA ALA F 75 35.04 -11.37 2.38
C ALA F 75 34.55 -11.58 3.80
N ARG F 76 33.33 -11.14 4.09
CA ARG F 76 32.83 -11.19 5.47
C ARG F 76 32.69 -12.63 5.97
N LYS F 77 32.17 -13.52 5.12
CA LYS F 77 32.02 -14.91 5.53
C LYS F 77 33.38 -15.56 5.79
N PHE F 78 34.33 -15.34 4.89
CA PHE F 78 35.66 -15.93 5.07
C PHE F 78 36.34 -15.40 6.33
N PHE F 79 36.23 -14.09 6.56
CA PHE F 79 36.84 -13.51 7.76
C PHE F 79 36.18 -14.01 9.04
N ASP F 80 34.84 -14.10 9.03
CA ASP F 80 34.14 -14.61 10.21
C ASP F 80 34.52 -16.05 10.50
N ILE F 81 34.64 -16.88 9.46
CA ILE F 81 35.13 -18.24 9.64
C ILE F 81 36.53 -18.20 10.22
N CYS F 82 37.42 -17.40 9.64
CA CYS F 82 38.82 -17.41 10.03
C CYS F 82 38.99 -17.05 11.49
N ARG F 83 38.31 -16.01 11.96
CA ARG F 83 38.45 -15.66 13.37
C ARG F 83 37.62 -16.56 14.27
N GLY F 84 36.57 -17.20 13.74
CA GLY F 84 35.77 -18.09 14.57
C GLY F 84 36.53 -19.33 15.00
N LEU F 85 37.38 -19.85 14.11
CA LEU F 85 38.09 -21.08 14.40
C LEU F 85 39.12 -20.83 15.52
N PRO F 86 39.47 -21.86 16.28
CA PRO F 86 40.18 -21.64 17.55
C PRO F 86 41.60 -21.14 17.35
N GLU F 87 42.21 -20.73 18.46
CA GLU F 87 43.58 -20.25 18.44
C GLU F 87 44.54 -21.36 18.03
N GLY F 88 45.49 -21.02 17.16
CA GLY F 88 46.45 -21.99 16.70
C GLY F 88 45.89 -23.05 15.77
N ALA F 89 44.70 -22.84 15.24
CA ALA F 89 44.09 -23.82 14.35
C ALA F 89 44.65 -23.67 12.94
N GLU F 90 45.25 -24.73 12.43
CA GLU F 90 45.87 -24.71 11.12
C GLU F 90 44.79 -24.82 10.05
N ILE F 91 44.38 -23.67 9.52
CA ILE F 91 43.41 -23.63 8.43
C ILE F 91 43.97 -24.37 7.23
N ALA F 92 43.16 -25.25 6.65
CA ALA F 92 43.48 -25.92 5.40
C ALA F 92 42.32 -25.74 4.45
N VAL F 93 42.50 -24.91 3.43
CA VAL F 93 41.47 -24.63 2.43
C VAL F 93 41.91 -25.23 1.11
N GLN F 94 41.02 -25.99 0.49
CA GLN F 94 41.20 -26.48 -0.87
C GLN F 94 39.95 -26.13 -1.68
N LEU F 95 39.90 -26.56 -2.93
CA LEU F 95 38.83 -26.17 -3.83
C LEU F 95 38.37 -27.37 -4.65
N GLU F 96 37.11 -27.34 -5.08
CA GLU F 96 36.58 -28.34 -6.00
C GLU F 96 35.34 -27.75 -6.66
N GLY F 97 35.24 -27.92 -7.97
CA GLY F 97 34.13 -27.32 -8.70
C GLY F 97 34.09 -25.82 -8.48
N GLU F 98 32.95 -25.33 -8.00
CA GLU F 98 32.78 -23.92 -7.67
C GLU F 98 32.67 -23.70 -6.17
N ARG F 99 33.09 -24.67 -5.35
CA ARG F 99 33.03 -24.55 -3.90
C ARG F 99 34.40 -24.84 -3.31
N MET F 100 34.80 -24.01 -2.36
CA MET F 100 36.06 -24.26 -1.65
C MET F 100 35.77 -24.75 -0.24
N LEU F 101 36.54 -25.74 0.18
CA LEU F 101 36.39 -26.38 1.47
C LEU F 101 37.41 -25.81 2.43
N VAL F 102 36.93 -25.21 3.51
CA VAL F 102 37.76 -24.79 4.63
C VAL F 102 37.75 -25.89 5.66
N ARG F 103 38.89 -26.16 6.28
CA ARG F 103 39.00 -27.27 7.21
C ARG F 103 39.88 -26.86 8.38
N SER F 104 39.48 -27.29 9.58
CA SER F 104 40.34 -27.24 10.75
C SER F 104 40.16 -28.55 11.51
N GLY F 105 40.94 -28.70 12.58
CA GLY F 105 40.84 -29.88 13.39
C GLY F 105 39.41 -30.12 13.82
N ARG F 106 38.78 -31.14 13.23
CA ARG F 106 37.43 -31.54 13.58
C ARG F 106 36.40 -30.46 13.22
N SER F 107 36.57 -29.84 12.04
CA SER F 107 35.59 -28.88 11.57
C SER F 107 35.76 -28.65 10.07
N ARG F 108 34.63 -28.45 9.39
CA ARG F 108 34.59 -28.28 7.94
C ARG F 108 33.58 -27.20 7.56
N PHE F 109 33.92 -26.43 6.52
CA PHE F 109 33.04 -25.43 5.94
C PHE F 109 33.13 -25.53 4.42
N SER F 110 32.05 -25.13 3.76
CA SER F 110 32.01 -25.07 2.30
C SER F 110 31.52 -23.70 1.87
N LEU F 111 32.26 -23.05 0.98
CA LEU F 111 31.99 -21.68 0.57
C LEU F 111 31.85 -21.61 -0.96
N SER F 112 30.88 -20.82 -1.40
CA SER F 112 30.69 -20.59 -2.83
C SER F 112 31.63 -19.48 -3.30
N THR F 113 32.34 -19.74 -4.40
CA THR F 113 33.36 -18.83 -4.90
C THR F 113 33.07 -18.45 -6.35
N LEU F 114 33.73 -17.39 -6.80
CA LEU F 114 33.68 -16.91 -8.16
C LEU F 114 35.07 -16.96 -8.79
N PRO F 115 35.16 -17.08 -10.11
CA PRO F 115 36.47 -17.23 -10.76
C PRO F 115 37.34 -16.00 -10.57
N ALA F 116 38.65 -16.23 -10.51
CA ALA F 116 39.60 -15.13 -10.39
C ALA F 116 39.74 -14.34 -11.69
N ALA F 117 39.36 -14.94 -12.82
CA ALA F 117 39.48 -14.24 -14.10
C ALA F 117 38.55 -13.05 -14.17
N ASP F 118 37.44 -13.08 -13.43
CA ASP F 118 36.46 -12.00 -13.48
C ASP F 118 36.81 -10.85 -12.53
N PHE F 119 37.57 -11.13 -11.48
CA PHE F 119 37.87 -10.09 -10.50
C PHE F 119 38.70 -8.99 -11.14
N PRO F 120 38.38 -7.71 -10.91
CA PRO F 120 39.16 -6.63 -11.50
C PRO F 120 40.56 -6.57 -10.92
N ASN F 121 41.50 -6.12 -11.76
CA ASN F 121 42.85 -5.80 -11.33
C ASN F 121 43.26 -4.48 -11.96
N LEU F 122 43.85 -3.61 -11.15
CA LEU F 122 44.29 -2.32 -11.66
C LEU F 122 45.46 -2.51 -12.61
N ASP F 123 45.36 -1.93 -13.81
CA ASP F 123 46.33 -2.18 -14.86
C ASP F 123 47.71 -1.68 -14.45
N ASP F 124 48.74 -2.41 -14.87
CA ASP F 124 50.11 -2.00 -14.59
C ASP F 124 50.40 -0.68 -15.29
N TRP F 125 51.15 0.17 -14.60
CA TRP F 125 51.47 1.50 -15.12
C TRP F 125 52.95 1.80 -14.86
N GLN F 126 53.52 2.64 -15.71
CA GLN F 126 54.89 3.07 -15.54
C GLN F 126 54.98 4.12 -14.43
N SER F 127 56.02 4.02 -13.63
CA SER F 127 56.23 4.91 -12.49
C SER F 127 57.36 5.88 -12.77
N GLU F 128 57.15 7.14 -12.38
CA GLU F 128 58.17 8.17 -12.53
C GLU F 128 58.91 8.49 -11.23
N VAL F 129 58.24 8.32 -10.09
CA VAL F 129 58.83 8.64 -8.79
C VAL F 129 58.86 7.35 -7.97
N GLU F 130 60.07 6.81 -7.78
CA GLU F 130 60.29 5.70 -6.86
C GLU F 130 60.84 6.29 -5.57
N PHE F 131 60.02 6.27 -4.52
CA PHE F 131 60.26 7.02 -3.31
C PHE F 131 60.19 6.10 -2.10
N THR F 132 61.19 6.18 -1.24
CA THR F 132 61.26 5.38 -0.02
C THR F 132 61.37 6.31 1.18
N LEU F 133 60.69 5.95 2.28
CA LEU F 133 60.55 6.92 3.36
C LEU F 133 60.29 6.20 4.68
N PRO F 134 60.83 6.70 5.79
CA PRO F 134 60.49 6.11 7.09
C PRO F 134 59.03 6.36 7.47
N GLN F 135 58.56 5.58 8.45
CA GLN F 135 57.15 5.56 8.79
C GLN F 135 56.72 6.85 9.48
N ALA F 136 57.48 7.30 10.47
CA ALA F 136 57.07 8.46 11.26
C ALA F 136 57.05 9.73 10.44
N THR F 137 57.96 9.86 9.47
CA THR F 137 57.96 11.03 8.61
C THR F 137 56.67 11.12 7.81
N MET F 138 56.24 9.99 7.23
CA MET F 138 54.96 9.97 6.51
C MET F 138 53.79 10.22 7.45
N LYS F 139 53.86 9.67 8.66
CA LYS F 139 52.80 9.89 9.64
C LYS F 139 52.62 11.38 9.91
N ARG F 140 53.72 12.08 10.17
CA ARG F 140 53.62 13.51 10.44
C ARG F 140 53.22 14.29 9.20
N LEU F 141 53.74 13.88 8.03
CA LEU F 141 53.40 14.56 6.78
C LEU F 141 51.89 14.52 6.53
N ILE F 142 51.27 13.36 6.77
CA ILE F 142 49.84 13.23 6.57
C ILE F 142 49.08 13.96 7.67
N GLU F 143 49.48 13.75 8.92
CA GLU F 143 48.74 14.31 10.04
C GLU F 143 48.80 15.83 10.10
N ALA F 144 49.86 16.43 9.56
CA ALA F 144 49.99 17.88 9.60
C ALA F 144 49.14 18.58 8.54
N THR F 145 48.57 17.85 7.60
CA THR F 145 47.77 18.45 6.54
C THR F 145 46.38 17.84 6.37
N GLN F 146 46.10 16.67 6.95
CA GLN F 146 44.83 16.00 6.71
C GLN F 146 43.65 16.84 7.17
N PHE F 147 43.85 17.70 8.17
CA PHE F 147 42.74 18.52 8.66
C PHE F 147 42.28 19.55 7.64
N SER F 148 43.21 20.07 6.84
CA SER F 148 42.90 21.16 5.92
C SER F 148 42.27 20.70 4.62
N MET F 149 42.05 19.40 4.45
CA MET F 149 41.47 18.88 3.22
C MET F 149 40.00 19.27 3.11
N ALA F 150 39.51 19.32 1.88
CA ALA F 150 38.13 19.68 1.62
C ALA F 150 37.18 18.58 2.12
N HIS F 151 35.93 18.96 2.34
CA HIS F 151 34.91 18.06 2.86
C HIS F 151 33.79 17.96 1.81
N GLN F 152 33.96 17.04 0.85
CA GLN F 152 33.01 16.83 -0.22
C GLN F 152 32.71 18.11 -0.99
N ASP F 153 33.76 18.89 -1.23
CA ASP F 153 33.61 20.13 -1.98
C ASP F 153 33.23 19.85 -3.42
N VAL F 154 32.50 20.79 -4.02
CA VAL F 154 32.14 20.67 -5.43
C VAL F 154 33.38 20.71 -6.31
N ARG F 155 34.44 21.34 -5.82
CA ARG F 155 35.73 21.34 -6.53
C ARG F 155 36.46 20.06 -6.19
N TYR F 156 36.66 19.19 -7.19
CA TYR F 156 37.32 17.92 -6.95
C TYR F 156 38.75 18.11 -6.46
N TYR F 157 39.48 19.04 -7.08
CA TYR F 157 40.89 19.21 -6.77
C TYR F 157 41.10 19.68 -5.33
N LEU F 158 40.13 20.38 -4.75
CA LEU F 158 40.22 20.72 -3.33
C LEU F 158 40.23 19.48 -2.47
N ASN F 159 39.41 18.48 -2.80
CA ASN F 159 39.44 17.21 -2.09
C ASN F 159 40.78 16.52 -2.31
N GLY F 160 41.25 15.83 -1.29
CA GLY F 160 42.51 15.14 -1.38
C GLY F 160 43.68 16.00 -0.93
N MET F 161 44.88 15.47 -1.18
CA MET F 161 46.12 16.06 -0.71
C MET F 161 47.12 16.06 -1.85
N LEU F 162 47.93 17.11 -1.92
CA LEU F 162 48.93 17.26 -2.97
C LEU F 162 50.27 16.76 -2.47
N PHE F 163 50.89 15.88 -3.25
CA PHE F 163 52.24 15.38 -2.99
C PHE F 163 53.17 15.98 -4.03
N GLU F 164 54.22 16.65 -3.58
CA GLU F 164 55.21 17.26 -4.45
C GLU F 164 56.60 16.70 -4.11
N THR F 165 57.27 16.19 -5.12
CA THR F 165 58.66 15.73 -5.00
C THR F 165 59.54 16.78 -5.65
N GLU F 166 60.32 17.50 -4.85
CA GLU F 166 61.16 18.58 -5.35
C GLU F 166 62.57 18.40 -4.80
N GLY F 167 63.52 18.11 -5.70
CA GLY F 167 64.90 17.97 -5.31
C GLY F 167 65.14 16.90 -4.25
N GLU F 168 65.43 17.33 -3.03
CA GLU F 168 65.70 16.42 -1.92
C GLU F 168 64.57 16.37 -0.92
N GLU F 169 63.42 16.96 -1.22
CA GLU F 169 62.34 17.06 -0.24
C GLU F 169 61.01 16.62 -0.84
N LEU F 170 60.13 16.18 0.07
CA LEU F 170 58.77 15.80 -0.26
C LEU F 170 57.81 16.70 0.52
N ARG F 171 56.75 17.13 -0.14
CA ARG F 171 55.84 18.14 0.38
C ARG F 171 54.40 17.66 0.29
N THR F 172 53.66 17.86 1.37
CA THR F 172 52.22 17.60 1.42
C THR F 172 51.48 18.92 1.56
N VAL F 173 50.49 19.13 0.69
CA VAL F 173 49.72 20.36 0.62
C VAL F 173 48.25 20.01 0.75
N ALA F 174 47.51 20.83 1.51
CA ALA F 174 46.08 20.62 1.68
C ALA F 174 45.38 21.96 1.69
N THR F 175 44.21 22.01 1.04
CA THR F 175 43.44 23.24 0.92
C THR F 175 41.96 22.89 0.95
N ASP F 176 41.16 23.77 1.58
CA ASP F 176 39.71 23.66 1.54
C ASP F 176 39.05 24.91 0.99
N GLY F 177 39.82 25.80 0.37
CA GLY F 177 39.33 27.07 -0.10
C GLY F 177 39.55 28.22 0.85
N HIS F 178 39.83 27.93 2.12
CA HIS F 178 40.13 28.96 3.11
C HIS F 178 41.40 28.70 3.90
N ARG F 179 41.82 27.44 4.05
CA ARG F 179 43.04 27.08 4.76
C ARG F 179 44.05 26.50 3.78
N LEU F 180 45.32 26.60 4.15
CA LEU F 180 46.38 25.94 3.42
C LEU F 180 47.34 25.33 4.43
N ALA F 181 47.68 24.07 4.23
CA ALA F 181 48.64 23.37 5.08
C ALA F 181 49.75 22.82 4.20
N VAL F 182 51.00 23.14 4.53
CA VAL F 182 52.15 22.68 3.78
C VAL F 182 53.14 22.05 4.75
N CYS F 183 53.63 20.87 4.41
CA CYS F 183 54.64 20.19 5.23
C CYS F 183 55.69 19.62 4.28
N SER F 184 56.90 20.15 4.33
CA SER F 184 57.99 19.73 3.46
C SER F 184 59.13 19.19 4.30
N MET F 185 59.57 17.98 3.98
CA MET F 185 60.66 17.37 4.72
C MET F 185 61.70 16.78 3.76
N PRO F 186 62.97 16.85 4.14
CA PRO F 186 64.01 16.16 3.37
C PRO F 186 63.89 14.66 3.54
N ILE F 187 64.30 13.94 2.50
CA ILE F 187 64.20 12.48 2.46
C ILE F 187 65.54 11.80 2.24
N GLY F 188 66.61 12.57 2.05
CA GLY F 188 67.93 11.99 1.88
C GLY F 188 68.22 11.43 0.51
N GLN F 189 67.29 11.58 -0.44
CA GLN F 189 67.49 11.10 -1.79
C GLN F 189 66.95 12.12 -2.78
N SER F 190 67.49 12.09 -3.98
CA SER F 190 67.12 13.03 -5.04
C SER F 190 66.05 12.40 -5.93
N LEU F 191 64.97 13.14 -6.15
CA LEU F 191 63.88 12.68 -6.99
C LEU F 191 63.51 13.76 -8.00
N PRO F 192 63.01 13.36 -9.16
CA PRO F 192 62.49 14.35 -10.11
C PRO F 192 61.27 15.06 -9.53
N SER F 193 61.14 16.34 -9.90
CA SER F 193 60.00 17.12 -9.43
C SER F 193 58.71 16.56 -9.99
N HIS F 194 57.71 16.40 -9.13
CA HIS F 194 56.45 15.81 -9.55
C HIS F 194 55.34 16.29 -8.62
N SER F 195 54.12 16.39 -9.17
CA SER F 195 52.96 16.87 -8.44
C SER F 195 51.80 15.90 -8.64
N VAL F 196 51.18 15.47 -7.54
CA VAL F 196 50.17 14.42 -7.57
C VAL F 196 49.05 14.79 -6.61
N ILE F 197 47.80 14.55 -7.01
CA ILE F 197 46.64 14.78 -6.15
C ILE F 197 46.10 13.41 -5.73
N VAL F 198 46.13 13.14 -4.44
CA VAL F 198 45.72 11.85 -3.88
C VAL F 198 44.36 12.03 -3.24
N PRO F 199 43.39 11.14 -3.50
CA PRO F 199 42.05 11.30 -2.94
C PRO F 199 42.06 11.16 -1.43
N ARG F 200 40.89 11.45 -0.83
CA ARG F 200 40.76 11.34 0.62
C ARG F 200 40.91 9.91 1.09
N LYS F 201 40.33 8.96 0.35
CA LYS F 201 40.42 7.56 0.74
C LYS F 201 41.86 7.07 0.73
N GLY F 202 42.62 7.43 -0.29
CA GLY F 202 44.01 7.03 -0.34
C GLY F 202 44.81 7.57 0.83
N VAL F 203 44.57 8.83 1.21
CA VAL F 203 45.26 9.41 2.35
C VAL F 203 44.87 8.70 3.63
N ILE F 204 43.59 8.40 3.80
CA ILE F 204 43.14 7.72 5.01
C ILE F 204 43.77 6.34 5.12
N GLU F 205 43.82 5.59 4.02
CA GLU F 205 44.44 4.27 4.06
C GLU F 205 45.95 4.36 4.26
N LEU F 206 46.61 5.38 3.69
CA LEU F 206 48.02 5.58 3.94
C LEU F 206 48.27 5.81 5.43
N MET F 207 47.43 6.62 6.06
CA MET F 207 47.53 6.80 7.50
C MET F 207 47.24 5.50 8.25
N ARG F 208 46.38 4.65 7.68
CA ARG F 208 46.00 3.41 8.36
C ARG F 208 47.12 2.37 8.32
N MET F 209 47.81 2.25 7.18
CA MET F 209 48.81 1.20 7.02
C MET F 209 50.05 1.39 7.88
N LEU F 210 50.21 2.54 8.51
CA LEU F 210 51.43 2.83 9.25
C LEU F 210 51.61 1.86 10.41
N ASP F 211 52.82 1.32 10.54
CA ASP F 211 53.17 0.38 11.58
C ASP F 211 54.04 1.07 12.63
N GLY F 212 54.01 0.53 13.85
CA GLY F 212 54.80 1.05 14.93
C GLY F 212 56.26 0.65 14.92
N GLY F 213 56.67 -0.17 13.96
CA GLY F 213 58.04 -0.63 13.85
C GLY F 213 58.86 0.23 12.89
N ASP F 214 59.98 -0.35 12.45
CA ASP F 214 60.91 0.32 11.55
C ASP F 214 60.90 -0.42 10.22
N ASN F 215 60.08 0.06 9.29
CA ASN F 215 60.02 -0.51 7.94
C ASN F 215 60.03 0.64 6.95
N PRO F 216 60.84 0.54 5.90
CA PRO F 216 60.86 1.61 4.89
C PRO F 216 59.59 1.63 4.05
N LEU F 217 58.77 2.65 4.24
CA LEU F 217 57.56 2.81 3.43
C LEU F 217 57.94 3.22 2.02
N ARG F 218 57.61 2.39 1.04
CA ARG F 218 58.05 2.60 -0.34
C ARG F 218 56.90 3.16 -1.16
N VAL F 219 57.07 4.37 -1.69
CA VAL F 219 56.05 5.02 -2.51
C VAL F 219 56.49 4.97 -3.96
N GLN F 220 55.62 4.48 -4.83
CA GLN F 220 55.86 4.39 -6.26
C GLN F 220 54.69 5.06 -6.97
N ILE F 221 54.97 6.15 -7.68
CA ILE F 221 53.93 7.00 -8.23
C ILE F 221 54.06 7.03 -9.75
N GLY F 222 52.95 6.82 -10.45
CA GLY F 222 52.88 7.00 -11.88
C GLY F 222 52.05 8.22 -12.25
N SER F 223 51.75 8.32 -13.54
CA SER F 223 50.98 9.46 -14.03
C SER F 223 49.55 9.46 -13.54
N ASN F 224 49.00 8.30 -13.15
CA ASN F 224 47.60 8.23 -12.76
C ASN F 224 47.35 7.38 -11.52
N ASN F 225 48.40 6.89 -10.85
CA ASN F 225 48.20 6.02 -9.71
C ASN F 225 49.34 6.22 -8.71
N ILE F 226 49.08 5.81 -7.47
CA ILE F 226 50.05 5.84 -6.39
C ILE F 226 50.04 4.48 -5.72
N ARG F 227 51.21 4.01 -5.31
CA ARG F 227 51.35 2.70 -4.67
C ARG F 227 52.24 2.85 -3.45
N ALA F 228 51.88 2.15 -2.38
CA ALA F 228 52.60 2.19 -1.12
C ALA F 228 52.87 0.77 -0.64
N HIS F 229 54.12 0.48 -0.31
CA HIS F 229 54.55 -0.80 0.21
C HIS F 229 54.98 -0.61 1.65
N VAL F 230 54.36 -1.36 2.56
CA VAL F 230 54.67 -1.34 3.99
C VAL F 230 54.79 -2.80 4.42
N GLY F 231 56.02 -3.29 4.54
CA GLY F 231 56.22 -4.68 4.85
C GLY F 231 55.70 -5.59 3.76
N ASP F 232 54.59 -6.28 4.04
CA ASP F 232 53.94 -7.14 3.07
C ASP F 232 52.59 -6.58 2.61
N PHE F 233 52.27 -5.34 2.95
CA PHE F 233 51.00 -4.72 2.58
C PHE F 233 51.22 -3.73 1.44
N ILE F 234 50.49 -3.91 0.35
CA ILE F 234 50.63 -3.11 -0.86
C ILE F 234 49.30 -2.40 -1.12
N PHE F 235 49.37 -1.09 -1.31
CA PHE F 235 48.19 -0.26 -1.52
C PHE F 235 48.32 0.45 -2.86
N THR F 236 47.28 0.37 -3.68
CA THR F 236 47.23 1.08 -4.95
C THR F 236 45.98 1.94 -4.98
N SER F 237 46.15 3.21 -5.35
CA SER F 237 45.02 4.15 -5.41
C SER F 237 45.17 5.06 -6.61
N LYS F 238 44.08 5.26 -7.34
CA LYS F 238 44.10 6.18 -8.46
C LYS F 238 44.02 7.62 -7.94
N LEU F 239 44.35 8.57 -8.82
CA LEU F 239 44.53 9.95 -8.45
C LEU F 239 43.36 10.81 -8.88
N VAL F 240 43.29 12.02 -8.33
CA VAL F 240 42.26 12.99 -8.64
C VAL F 240 42.79 13.93 -9.72
N ASP F 241 41.98 14.18 -10.75
CA ASP F 241 42.40 15.05 -11.84
C ASP F 241 42.27 16.51 -11.46
N GLY F 242 42.71 17.36 -12.37
CA GLY F 242 42.64 18.81 -12.19
C GLY F 242 43.99 19.39 -11.83
N ARG F 243 43.97 20.68 -11.54
CA ARG F 243 45.13 21.42 -11.09
C ARG F 243 44.93 21.81 -9.63
N PHE F 244 45.90 21.49 -8.80
CA PHE F 244 45.78 21.97 -7.43
C PHE F 244 46.14 23.45 -7.37
N PRO F 245 45.44 24.24 -6.57
CA PRO F 245 45.79 25.67 -6.45
C PRO F 245 47.24 25.83 -6.02
N ASP F 246 47.96 26.67 -6.74
CA ASP F 246 49.39 26.87 -6.49
C ASP F 246 49.59 27.49 -5.12
N TYR F 247 50.08 26.70 -4.16
CA TYR F 247 50.24 27.18 -2.80
C TYR F 247 51.25 28.30 -2.68
N ARG F 248 52.20 28.41 -3.61
CA ARG F 248 53.20 29.45 -3.53
C ARG F 248 52.57 30.84 -3.62
N ARG F 249 51.57 31.00 -4.50
CA ARG F 249 50.93 32.29 -4.66
C ARG F 249 50.17 32.71 -3.39
N VAL F 250 49.46 31.77 -2.78
CA VAL F 250 48.64 32.13 -1.61
C VAL F 250 49.51 32.39 -0.40
N LEU F 251 50.76 31.93 -0.41
CA LEU F 251 51.68 32.24 0.67
C LEU F 251 51.89 33.74 0.75
N PRO F 252 51.74 34.35 1.94
CA PRO F 252 52.00 35.79 2.07
C PRO F 252 53.36 36.18 1.49
N LYS F 253 53.32 36.98 0.42
CA LYS F 253 54.50 37.27 -0.37
C LYS F 253 55.56 38.04 0.41
N ASN F 254 55.18 39.21 0.95
CA ASN F 254 56.13 40.09 1.64
C ASN F 254 55.56 40.40 3.03
N PRO F 255 55.75 39.50 3.99
CA PRO F 255 55.35 39.81 5.37
C PRO F 255 56.26 40.87 5.97
N ASP F 256 55.69 41.67 6.87
CA ASP F 256 56.45 42.70 7.58
C ASP F 256 56.20 42.74 9.07
N LYS F 257 55.08 42.22 9.56
CA LYS F 257 54.80 42.21 10.99
C LYS F 257 54.67 40.77 11.45
N HIS F 258 54.95 40.51 12.73
CA HIS F 258 54.87 39.14 13.21
C HIS F 258 54.62 39.10 14.71
N LEU F 259 53.78 38.16 15.12
CA LEU F 259 53.51 37.88 16.53
C LEU F 259 54.18 36.56 16.91
N GLU F 260 54.84 36.54 18.05
CA GLU F 260 55.47 35.33 18.56
C GLU F 260 54.91 35.00 19.93
N ALA F 261 54.50 33.75 20.13
CA ALA F 261 53.87 33.34 21.37
C ALA F 261 54.06 31.83 21.55
N GLY F 262 53.32 31.25 22.49
CA GLY F 262 53.38 29.83 22.76
C GLY F 262 52.16 29.09 22.28
N CYS F 263 52.26 27.77 22.14
CA CYS F 263 51.15 26.99 21.61
C CYS F 263 50.05 26.82 22.64
N ASP F 264 50.40 26.54 23.90
CA ASP F 264 49.38 26.23 24.89
C ASP F 264 48.54 27.45 25.25
N LEU F 265 49.19 28.60 25.46
CA LEU F 265 48.45 29.80 25.82
C LEU F 265 47.51 30.24 24.69
N LEU F 266 48.01 30.21 23.46
CA LEU F 266 47.15 30.55 22.32
C LEU F 266 46.00 29.56 22.17
N LYS F 267 46.29 28.27 22.37
CA LYS F 267 45.24 27.25 22.30
C LYS F 267 44.15 27.53 23.32
N GLN F 268 44.54 27.80 24.57
CA GLN F 268 43.56 28.07 25.61
C GLN F 268 42.77 29.34 25.31
N ALA F 269 43.45 30.39 24.83
CA ALA F 269 42.78 31.65 24.55
C ALA F 269 41.76 31.48 23.43
N PHE F 270 42.12 30.77 22.36
CA PHE F 270 41.19 30.58 21.26
C PHE F 270 40.06 29.64 21.66
N ALA F 271 40.33 28.63 22.48
CA ALA F 271 39.25 27.77 22.98
C ALA F 271 38.27 28.56 23.83
N ARG F 272 38.78 29.47 24.68
CA ARG F 272 37.90 30.31 25.48
C ARG F 272 37.09 31.26 24.59
N ALA F 273 37.72 31.83 23.57
CA ALA F 273 37.00 32.70 22.63
C ALA F 273 35.97 31.94 21.81
N ALA F 274 36.16 30.63 21.62
CA ALA F 274 35.22 29.84 20.85
C ALA F 274 33.84 29.82 21.50
N ILE F 275 33.80 29.72 22.83
CA ILE F 275 32.52 29.69 23.53
C ILE F 275 31.76 30.99 23.31
N LEU F 276 32.46 32.13 23.36
CA LEU F 276 31.86 33.41 23.04
C LEU F 276 31.81 33.68 21.53
N SER F 277 31.97 32.65 20.71
CA SER F 277 31.84 32.76 19.26
C SER F 277 30.60 31.99 18.83
N ASN F 278 29.72 32.67 18.09
CA ASN F 278 28.49 32.04 17.63
C ASN F 278 28.79 31.00 16.54
N GLU F 279 28.03 29.91 16.56
CA GLU F 279 28.12 28.93 15.47
C GLU F 279 27.73 29.56 14.15
N LYS F 280 26.66 30.36 14.15
CA LYS F 280 26.33 31.19 13.00
C LYS F 280 27.37 32.30 12.88
N PHE F 281 27.95 32.42 11.69
CA PHE F 281 29.06 33.36 11.45
C PHE F 281 30.19 33.11 12.46
N ARG F 282 30.74 31.90 12.37
CA ARG F 282 31.81 31.48 13.28
C ARG F 282 33.12 32.12 12.88
N GLY F 283 33.79 32.74 13.85
CA GLY F 283 35.08 33.36 13.58
C GLY F 283 35.59 34.07 14.81
N VAL F 284 36.81 34.59 14.70
CA VAL F 284 37.45 35.35 15.76
C VAL F 284 38.06 36.62 15.19
N ARG F 285 38.27 37.59 16.07
CA ARG F 285 38.91 38.85 15.75
C ARG F 285 40.15 39.00 16.62
N LEU F 286 41.27 39.40 16.01
CA LEU F 286 42.53 39.57 16.71
C LEU F 286 42.91 41.05 16.61
N TYR F 287 42.87 41.73 17.75
CA TYR F 287 43.43 43.05 17.91
C TYR F 287 44.91 42.89 18.22
N VAL F 288 45.78 43.44 17.36
CA VAL F 288 47.21 43.26 17.47
C VAL F 288 47.85 44.62 17.67
N SER F 289 48.54 44.79 18.78
CA SER F 289 49.31 45.98 19.07
C SER F 289 50.71 45.54 19.53
N GLU F 290 51.55 46.52 19.87
CA GLU F 290 52.92 46.22 20.26
C GLU F 290 52.94 45.32 21.49
N ASN F 291 53.38 44.08 21.30
CA ASN F 291 53.39 43.07 22.36
C ASN F 291 52.00 42.90 22.98
N GLN F 292 50.97 42.97 22.15
CA GLN F 292 49.59 42.87 22.61
C GLN F 292 48.77 42.09 21.59
N LEU F 293 48.05 41.07 22.06
CA LEU F 293 47.15 40.30 21.22
C LEU F 293 45.87 40.02 22.00
N LYS F 294 44.78 40.63 21.57
CA LYS F 294 43.47 40.43 22.19
C LYS F 294 42.58 39.65 21.24
N ILE F 295 42.01 38.56 21.74
CA ILE F 295 41.22 37.63 20.92
C ILE F 295 39.77 37.74 21.36
N THR F 296 38.91 38.20 20.45
CA THR F 296 37.47 38.25 20.69
C THR F 296 36.74 37.55 19.57
N ALA F 297 35.41 37.63 19.55
CA ALA F 297 34.63 37.02 18.48
C ALA F 297 33.31 37.77 18.37
N ASN F 298 32.51 37.40 17.37
CA ASN F 298 31.22 38.01 17.11
C ASN F 298 30.12 37.13 17.72
N ASN F 299 29.33 37.72 18.60
CA ASN F 299 28.26 37.01 19.30
C ASN F 299 27.34 38.01 20.00
N PRO F 300 26.03 37.78 20.00
CA PRO F 300 25.13 38.70 20.71
C PRO F 300 25.42 38.80 22.20
N GLU F 301 26.01 37.77 22.80
CA GLU F 301 26.34 37.83 24.22
C GLU F 301 27.36 38.92 24.51
N GLN F 302 28.21 39.25 23.54
CA GLN F 302 29.18 40.34 23.65
C GLN F 302 30.14 40.12 24.83
N GLU F 303 30.92 39.04 24.73
CA GLU F 303 31.95 38.73 25.72
C GLU F 303 33.33 39.09 25.15
N GLU F 304 34.34 38.97 26.00
CA GLU F 304 35.68 39.40 25.63
C GLU F 304 36.71 38.66 26.47
N ALA F 305 37.86 38.36 25.85
CA ALA F 305 39.00 37.77 26.53
C ALA F 305 40.25 38.57 26.16
N GLU F 306 41.18 38.66 27.11
CA GLU F 306 42.38 39.48 26.92
C GLU F 306 43.59 38.76 27.51
N GLU F 307 44.54 38.43 26.65
CA GLU F 307 45.83 37.88 27.06
C GLU F 307 46.95 38.57 26.27
N ILE F 308 46.88 39.90 26.22
CA ILE F 308 47.74 40.67 25.34
C ILE F 308 49.21 40.57 25.74
N LEU F 309 49.50 40.50 27.04
CA LEU F 309 50.86 40.57 27.53
C LEU F 309 51.63 39.26 27.37
N ASP F 310 51.03 38.24 26.74
CA ASP F 310 51.67 36.95 26.55
C ASP F 310 52.25 36.79 25.15
N VAL F 311 52.36 37.86 24.38
CA VAL F 311 52.83 37.80 23.00
C VAL F 311 53.86 38.90 22.78
N THR F 312 54.74 38.67 21.81
CA THR F 312 55.76 39.65 21.41
C THR F 312 55.47 40.11 19.99
N TYR F 313 55.51 41.43 19.79
CA TYR F 313 55.12 42.02 18.52
C TYR F 313 55.94 43.27 18.28
N SER F 314 56.19 43.56 16.99
CA SER F 314 57.03 44.70 16.63
C SER F 314 56.46 45.52 15.48
N GLY F 315 55.20 45.32 15.10
CA GLY F 315 54.58 46.04 14.02
C GLY F 315 53.60 47.09 14.51
N ALA F 316 52.77 47.56 13.59
CA ALA F 316 51.78 48.58 13.89
C ALA F 316 50.51 47.94 14.45
N GLU F 317 49.68 48.78 15.06
CA GLU F 317 48.41 48.33 15.62
C GLU F 317 47.40 48.12 14.49
N MET F 318 46.82 46.92 14.43
CA MET F 318 45.86 46.58 13.38
C MET F 318 45.11 45.32 13.78
N GLU F 319 44.04 45.03 13.04
CA GLU F 319 43.14 43.93 13.37
C GLU F 319 43.03 42.96 12.21
N ILE F 320 42.97 41.67 12.54
CA ILE F 320 42.78 40.62 11.54
C ILE F 320 41.78 39.60 12.07
N GLY F 321 40.84 39.19 11.22
CA GLY F 321 39.81 38.26 11.65
C GLY F 321 39.99 36.84 11.18
N PHE F 322 40.31 35.93 12.09
CA PHE F 322 40.45 34.52 11.79
C PHE F 322 39.14 33.78 12.08
N ASN F 323 39.18 32.45 12.04
CA ASN F 323 38.07 31.61 12.41
C ASN F 323 38.52 30.59 13.44
N VAL F 324 37.57 30.16 14.28
CA VAL F 324 37.91 29.26 15.39
C VAL F 324 38.50 27.96 14.87
N SER F 325 37.83 27.32 13.92
CA SER F 325 38.26 26.02 13.44
C SER F 325 39.65 26.08 12.82
N TYR F 326 39.90 27.11 12.01
CA TYR F 326 41.18 27.21 11.32
C TYR F 326 42.33 27.30 12.30
N VAL F 327 42.25 28.25 13.25
CA VAL F 327 43.34 28.46 14.18
C VAL F 327 43.49 27.26 15.11
N LEU F 328 42.38 26.68 15.58
CA LEU F 328 42.47 25.54 16.48
C LEU F 328 43.14 24.35 15.79
N ASP F 329 42.73 24.05 14.55
CA ASP F 329 43.34 22.94 13.84
C ASP F 329 44.81 23.22 13.55
N VAL F 330 45.15 24.45 13.18
CA VAL F 330 46.54 24.77 12.87
C VAL F 330 47.42 24.62 14.11
N LEU F 331 46.95 25.13 15.25
CA LEU F 331 47.76 25.02 16.47
C LEU F 331 47.86 23.58 16.95
N ASN F 332 46.78 22.80 16.78
CA ASN F 332 46.85 21.39 17.16
C ASN F 332 47.84 20.64 16.29
N ALA F 333 47.88 20.95 14.99
CA ALA F 333 48.87 20.32 14.12
C ALA F 333 50.27 20.87 14.35
N LEU F 334 50.40 22.00 15.05
CA LEU F 334 51.70 22.56 15.40
C LEU F 334 51.95 22.27 16.88
N LYS F 335 52.51 21.09 17.14
CA LYS F 335 52.70 20.63 18.51
C LYS F 335 53.86 21.32 19.22
N CYS F 336 54.72 22.04 18.50
CA CYS F 336 55.87 22.67 19.13
C CYS F 336 55.43 23.76 20.09
N GLU F 337 56.26 23.99 21.11
CA GLU F 337 55.91 24.95 22.16
C GLU F 337 55.84 26.37 21.62
N ASN F 338 56.88 26.80 20.90
CA ASN F 338 56.89 28.13 20.33
C ASN F 338 56.08 28.17 19.04
N VAL F 339 55.55 29.36 18.72
CA VAL F 339 54.76 29.54 17.52
C VAL F 339 54.84 31.01 17.13
N ARG F 340 54.63 31.30 15.85
CA ARG F 340 54.68 32.66 15.36
C ARG F 340 53.80 32.78 14.14
N MET F 341 53.36 34.01 13.88
CA MET F 341 52.49 34.32 12.77
C MET F 341 52.98 35.57 12.06
N MET F 342 52.90 35.55 10.74
CA MET F 342 53.33 36.64 9.88
C MET F 342 52.12 37.44 9.45
N LEU F 343 51.89 38.58 10.09
CA LEU F 343 50.85 39.52 9.70
C LEU F 343 51.43 40.41 8.61
N THR F 344 50.82 40.32 7.42
CA THR F 344 51.18 41.18 6.29
C THR F 344 50.15 42.30 6.12
N ASP F 345 48.88 41.94 6.03
CA ASP F 345 47.80 42.91 5.90
C ASP F 345 46.51 42.24 6.33
N SER F 346 45.50 43.08 6.61
CA SER F 346 44.19 42.55 6.97
C SER F 346 43.58 41.76 5.83
N VAL F 347 43.73 42.26 4.60
CA VAL F 347 43.21 41.53 3.45
C VAL F 347 44.04 40.28 3.17
N SER F 348 45.36 40.40 3.27
CA SER F 348 46.23 39.30 2.92
C SER F 348 46.15 38.18 3.96
N SER F 349 46.60 36.99 3.56
CA SER F 349 46.57 35.83 4.43
C SER F 349 47.69 35.92 5.48
N VAL F 350 47.62 35.03 6.46
CA VAL F 350 48.55 35.02 7.59
C VAL F 350 49.19 33.64 7.69
N GLN F 351 50.50 33.60 7.86
CA GLN F 351 51.24 32.36 8.00
C GLN F 351 51.45 32.03 9.47
N ILE F 352 51.14 30.79 9.85
CA ILE F 352 51.42 30.24 11.16
C ILE F 352 52.54 29.23 11.00
N GLU F 353 53.60 29.36 11.81
CA GLU F 353 54.67 28.38 11.76
C GLU F 353 55.49 28.48 13.04
N ASP F 354 56.30 27.45 13.29
CA ASP F 354 57.14 27.43 14.48
C ASP F 354 58.19 28.54 14.41
N ALA F 355 58.79 28.84 15.56
CA ALA F 355 59.76 29.91 15.64
C ALA F 355 60.98 29.62 14.75
N ALA F 356 61.45 28.38 14.77
CA ALA F 356 62.59 28.00 13.96
C ALA F 356 62.35 26.76 13.10
N SER F 357 61.16 26.16 13.18
CA SER F 357 60.81 24.99 12.38
C SER F 357 59.79 25.43 11.34
N GLN F 358 60.27 25.79 10.16
CA GLN F 358 59.43 26.30 9.09
C GLN F 358 58.96 25.21 8.14
N SER F 359 59.26 23.94 8.43
CA SER F 359 58.82 22.85 7.56
C SER F 359 57.30 22.77 7.50
N ALA F 360 56.63 22.89 8.64
CA ALA F 360 55.18 22.83 8.73
C ALA F 360 54.65 24.26 8.79
N ALA F 361 54.15 24.74 7.65
CA ALA F 361 53.66 26.11 7.52
C ALA F 361 52.19 26.08 7.14
N TYR F 362 51.40 26.90 7.81
CA TYR F 362 49.98 27.01 7.53
C TYR F 362 49.65 28.43 7.11
N VAL F 363 48.68 28.56 6.22
CA VAL F 363 48.29 29.86 5.68
C VAL F 363 46.77 29.98 5.81
N VAL F 364 46.32 30.97 6.58
CA VAL F 364 44.90 31.19 6.82
C VAL F 364 44.49 32.49 6.15
N MET F 365 43.45 32.43 5.33
CA MET F 365 42.88 33.63 4.74
C MET F 365 41.90 34.24 5.73
N PRO F 366 42.15 35.45 6.22
CA PRO F 366 41.25 36.03 7.24
C PRO F 366 39.90 36.43 6.68
N MET F 367 39.06 37.01 7.54
CA MET F 367 37.76 37.50 7.13
C MET F 367 37.91 38.86 6.46
N ARG F 368 36.81 39.56 6.25
CA ARG F 368 36.80 40.90 5.68
C ARG F 368 36.42 41.88 6.78
N LEU F 369 37.37 42.73 7.17
CA LEU F 369 37.13 43.71 8.22
C LEU F 369 37.35 45.12 7.69
N ASN G 121 -1.68 8.71 44.85
CA ASN G 121 -0.86 8.01 43.86
C ASN G 121 -0.88 6.51 44.10
N LEU G 122 -0.44 6.11 45.29
CA LEU G 122 -0.37 4.69 45.65
C LEU G 122 -1.70 4.30 46.29
N ASP G 123 -2.62 3.81 45.45
CA ASP G 123 -3.90 3.28 45.93
C ASP G 123 -3.89 1.77 46.05
N ASP G 124 -2.76 1.12 45.77
CA ASP G 124 -2.64 -0.33 45.92
C ASP G 124 -2.14 -0.65 47.33
N TRP G 125 -3.03 -0.45 48.30
CA TRP G 125 -2.66 -0.63 49.69
C TRP G 125 -2.27 -2.07 49.99
N GLN G 126 -3.01 -3.02 49.42
CA GLN G 126 -2.76 -4.44 49.64
C GLN G 126 -2.01 -5.03 48.45
N SER G 127 -1.03 -5.88 48.75
CA SER G 127 -0.20 -6.51 47.74
C SER G 127 -0.33 -8.03 47.84
N GLU G 128 -0.33 -8.69 46.69
CA GLU G 128 -0.44 -10.14 46.70
C GLU G 128 0.84 -10.78 47.23
N VAL G 129 2.00 -10.34 46.75
CA VAL G 129 3.27 -10.88 47.21
C VAL G 129 4.28 -9.75 47.40
N GLU G 130 5.24 -9.99 48.30
CA GLU G 130 6.28 -9.02 48.63
C GLU G 130 7.63 -9.72 48.67
N PHE G 131 8.64 -9.05 48.13
CA PHE G 131 10.00 -9.58 48.08
C PHE G 131 10.97 -8.52 48.59
N THR G 132 11.96 -8.97 49.36
CA THR G 132 13.17 -8.20 49.66
C THR G 132 14.31 -9.02 49.09
N LEU G 133 14.61 -8.81 47.80
CA LEU G 133 15.46 -9.67 47.01
C LEU G 133 16.74 -8.95 46.61
N PRO G 134 17.88 -9.64 46.65
CA PRO G 134 19.12 -9.02 46.17
C PRO G 134 19.04 -8.67 44.69
N GLN G 135 19.72 -7.57 44.33
CA GLN G 135 19.66 -7.08 42.97
C GLN G 135 20.29 -8.07 41.99
N ALA G 136 21.42 -8.67 42.37
CA ALA G 136 22.10 -9.61 41.48
C ALA G 136 21.22 -10.83 41.21
N THR G 137 20.47 -11.28 42.22
CA THR G 137 19.61 -12.45 42.05
C THR G 137 18.58 -12.21 40.95
N MET G 138 17.84 -11.10 41.02
CA MET G 138 16.85 -10.83 39.99
C MET G 138 17.50 -10.42 38.67
N LYS G 139 18.69 -9.84 38.72
CA LYS G 139 19.42 -9.55 37.48
C LYS G 139 19.69 -10.85 36.71
N ARG G 140 20.20 -11.86 37.40
CA ARG G 140 20.38 -13.17 36.77
C ARG G 140 19.04 -13.78 36.38
N LEU G 141 18.03 -13.61 37.23
CA LEU G 141 16.74 -14.25 36.99
C LEU G 141 16.09 -13.73 35.72
N ILE G 142 16.17 -12.43 35.47
CA ILE G 142 15.63 -11.86 34.24
C ILE G 142 16.55 -12.11 33.06
N GLU G 143 17.86 -11.92 33.26
CA GLU G 143 18.82 -12.11 32.16
C GLU G 143 18.80 -13.54 31.64
N ALA G 144 18.43 -14.51 32.47
CA ALA G 144 18.36 -15.90 32.06
C ALA G 144 17.05 -16.24 31.35
N THR G 145 16.14 -15.28 31.24
CA THR G 145 14.83 -15.54 30.67
C THR G 145 14.35 -14.47 29.69
N GLN G 146 15.00 -13.31 29.65
CA GLN G 146 14.48 -12.17 28.91
C GLN G 146 14.40 -12.44 27.41
N PHE G 147 15.42 -13.10 26.85
CA PHE G 147 15.51 -13.26 25.41
C PHE G 147 14.42 -14.13 24.83
N SER G 148 13.69 -14.88 25.65
CA SER G 148 12.67 -15.80 25.18
C SER G 148 11.27 -15.20 25.19
N MET G 149 11.13 -13.92 25.53
CA MET G 149 9.83 -13.28 25.48
C MET G 149 9.38 -13.12 24.03
N ALA G 150 8.10 -12.79 23.88
CA ALA G 150 7.52 -12.52 22.58
C ALA G 150 7.35 -11.01 22.42
N HIS G 151 7.79 -10.49 21.28
CA HIS G 151 7.69 -9.06 20.98
C HIS G 151 6.50 -8.84 20.05
N GLN G 152 5.50 -8.12 20.55
CA GLN G 152 4.30 -7.79 19.79
C GLN G 152 3.67 -9.03 19.15
N ASP G 153 3.51 -10.07 19.96
CA ASP G 153 2.83 -11.27 19.52
C ASP G 153 1.32 -11.10 19.63
N VAL G 154 0.59 -11.83 18.78
CA VAL G 154 -0.87 -11.78 18.83
C VAL G 154 -1.37 -12.39 20.13
N ARG G 155 -0.70 -13.43 20.64
CA ARG G 155 -1.02 -13.96 21.95
C ARG G 155 -0.53 -12.96 22.99
N TYR G 156 -1.43 -12.08 23.43
CA TYR G 156 -1.04 -11.00 24.32
C TYR G 156 -0.50 -11.49 25.65
N TYR G 157 -0.85 -12.72 26.06
CA TYR G 157 -0.34 -13.25 27.32
C TYR G 157 1.11 -13.71 27.19
N LEU G 158 1.61 -13.88 25.97
CA LEU G 158 3.00 -14.25 25.76
C LEU G 158 3.92 -13.05 25.57
N ASN G 159 3.37 -11.84 25.46
CA ASN G 159 4.20 -10.65 25.32
C ASN G 159 4.66 -10.18 26.69
N GLY G 160 5.24 -11.08 27.48
CA GLY G 160 5.64 -10.73 28.82
C GLY G 160 6.33 -11.89 29.49
N MET G 161 6.74 -11.64 30.73
CA MET G 161 7.47 -12.59 31.55
C MET G 161 6.61 -12.96 32.75
N LEU G 162 6.50 -14.25 33.02
CA LEU G 162 5.69 -14.74 34.13
C LEU G 162 6.59 -14.90 35.35
N PHE G 163 6.32 -14.11 36.39
CA PHE G 163 6.89 -14.33 37.70
C PHE G 163 5.98 -15.28 38.47
N GLU G 164 6.53 -16.38 38.95
CA GLU G 164 5.80 -17.42 39.65
C GLU G 164 6.46 -17.64 41.00
N THR G 165 5.65 -17.65 42.06
CA THR G 165 6.15 -17.77 43.43
C THR G 165 5.61 -19.06 44.03
N GLU G 166 6.52 -19.93 44.47
CA GLU G 166 6.10 -21.15 45.17
C GLU G 166 7.17 -21.53 46.18
N GLY G 167 6.73 -21.82 47.40
CA GLY G 167 7.68 -22.09 48.46
C GLY G 167 8.58 -20.88 48.68
N GLU G 168 9.89 -21.13 48.72
CA GLU G 168 10.88 -20.07 48.80
C GLU G 168 11.49 -19.76 47.44
N GLU G 169 10.84 -20.15 46.36
CA GLU G 169 11.40 -20.07 45.02
C GLU G 169 10.60 -19.08 44.18
N LEU G 170 11.33 -18.24 43.43
CA LEU G 170 10.75 -17.34 42.44
C LEU G 170 11.27 -17.74 41.07
N ARG G 171 10.36 -17.88 40.11
CA ARG G 171 10.67 -18.35 38.78
C ARG G 171 10.25 -17.31 37.75
N THR G 172 11.08 -17.12 36.75
CA THR G 172 10.73 -16.34 35.57
C THR G 172 10.57 -17.28 34.39
N VAL G 173 9.42 -17.18 33.73
CA VAL G 173 9.09 -18.01 32.57
C VAL G 173 8.81 -17.09 31.40
N ALA G 174 9.46 -17.36 30.27
CA ALA G 174 9.20 -16.60 29.06
C ALA G 174 9.17 -17.53 27.87
N THR G 175 8.15 -17.40 27.03
CA THR G 175 8.04 -18.23 25.85
C THR G 175 7.35 -17.43 24.75
N ASP G 176 7.64 -17.80 23.51
CA ASP G 176 6.93 -17.26 22.36
C ASP G 176 6.31 -18.38 21.53
N GLY G 177 6.17 -19.56 22.11
CA GLY G 177 5.69 -20.72 21.38
C GLY G 177 6.71 -21.39 20.51
N HIS G 178 7.98 -21.00 20.61
CA HIS G 178 9.05 -21.62 19.81
C HIS G 178 10.22 -21.93 20.72
N ARG G 179 10.29 -21.23 21.85
CA ARG G 179 11.28 -21.55 22.87
C ARG G 179 10.72 -21.13 24.21
N LEU G 180 10.98 -21.94 25.22
CA LEU G 180 10.61 -21.65 26.60
C LEU G 180 11.88 -21.47 27.41
N ALA G 181 11.83 -20.54 28.36
CA ALA G 181 12.95 -20.34 29.28
C ALA G 181 12.37 -20.20 30.67
N VAL G 182 12.81 -21.04 31.60
CA VAL G 182 12.39 -20.95 32.98
C VAL G 182 13.64 -20.86 33.85
N CYS G 183 13.62 -19.95 34.82
CA CYS G 183 14.74 -19.79 35.73
C CYS G 183 14.20 -19.62 37.14
N SER G 184 14.70 -20.42 38.08
CA SER G 184 14.22 -20.42 39.46
C SER G 184 15.34 -20.07 40.40
N MET G 185 15.05 -19.23 41.39
CA MET G 185 16.02 -18.95 42.43
C MET G 185 15.34 -18.91 43.80
N PRO G 186 15.99 -19.50 44.81
CA PRO G 186 15.45 -19.42 46.17
C PRO G 186 15.49 -18.00 46.71
N ILE G 187 14.58 -17.72 47.63
CA ILE G 187 14.57 -16.47 48.37
C ILE G 187 14.89 -16.68 49.85
N GLY G 188 14.37 -17.75 50.43
CA GLY G 188 14.51 -17.98 51.85
C GLY G 188 13.23 -17.66 52.59
N GLN G 189 12.56 -16.59 52.16
CA GLN G 189 11.28 -16.22 52.74
C GLN G 189 10.17 -17.00 52.07
N SER G 190 9.35 -17.68 52.88
CA SER G 190 8.22 -18.44 52.33
C SER G 190 7.18 -17.49 51.78
N LEU G 191 6.71 -17.78 50.57
CA LEU G 191 5.73 -16.94 49.90
C LEU G 191 4.61 -17.80 49.33
N PRO G 192 3.40 -17.29 49.28
CA PRO G 192 2.30 -18.05 48.67
C PRO G 192 2.51 -18.20 47.17
N SER G 193 2.02 -19.31 46.64
CA SER G 193 2.08 -19.54 45.20
C SER G 193 1.27 -18.48 44.47
N HIS G 194 1.89 -17.85 43.48
CA HIS G 194 1.23 -16.79 42.73
C HIS G 194 1.84 -16.71 41.35
N SER G 195 1.09 -16.16 40.41
CA SER G 195 1.54 -15.99 39.04
C SER G 195 1.22 -14.57 38.58
N VAL G 196 2.11 -14.00 37.79
CA VAL G 196 1.93 -12.65 37.27
C VAL G 196 2.65 -12.54 35.94
N ILE G 197 2.09 -11.76 35.02
CA ILE G 197 2.70 -11.52 33.72
C ILE G 197 3.05 -10.04 33.63
N VAL G 198 4.34 -9.75 33.57
CA VAL G 198 4.85 -8.39 33.41
C VAL G 198 5.13 -8.16 31.93
N PRO G 199 4.58 -7.12 31.31
CA PRO G 199 4.73 -6.94 29.87
C PRO G 199 6.18 -6.74 29.46
N ARG G 200 6.41 -6.73 28.15
CA ARG G 200 7.76 -6.59 27.62
C ARG G 200 8.38 -5.26 28.03
N LYS G 201 7.65 -4.15 27.84
CA LYS G 201 8.20 -2.84 28.13
C LYS G 201 8.53 -2.69 29.60
N GLY G 202 7.62 -3.13 30.48
CA GLY G 202 7.84 -2.97 31.91
C GLY G 202 9.05 -3.73 32.39
N VAL G 203 9.18 -4.99 31.97
CA VAL G 203 10.31 -5.81 32.42
C VAL G 203 11.61 -5.30 31.81
N ILE G 204 11.58 -4.84 30.56
CA ILE G 204 12.81 -4.34 29.93
C ILE G 204 13.30 -3.09 30.65
N GLU G 205 12.39 -2.15 30.94
CA GLU G 205 12.84 -0.93 31.62
C GLU G 205 13.18 -1.19 33.08
N LEU G 206 12.54 -2.17 33.73
CA LEU G 206 12.97 -2.58 35.06
C LEU G 206 14.37 -3.14 35.02
N MET G 207 14.68 -3.96 34.01
CA MET G 207 16.03 -4.47 33.83
C MET G 207 17.02 -3.34 33.61
N ARG G 208 16.64 -2.35 32.81
CA ARG G 208 17.52 -1.21 32.56
C ARG G 208 17.81 -0.44 33.85
N MET G 209 16.78 -0.21 34.66
CA MET G 209 16.98 0.53 35.90
C MET G 209 17.57 -0.31 37.01
N LEU G 210 17.75 -1.61 36.80
CA LEU G 210 18.25 -2.51 37.84
C LEU G 210 19.76 -2.51 37.78
N ASP G 211 20.38 -1.50 38.40
CA ASP G 211 21.82 -1.37 38.45
C ASP G 211 22.25 -1.06 39.88
N GLY G 212 23.54 -1.23 40.15
CA GLY G 212 24.05 -1.02 41.49
C GLY G 212 23.62 -2.11 42.44
N GLY G 213 24.17 -3.32 42.25
CA GLY G 213 23.77 -4.48 43.01
C GLY G 213 23.96 -4.38 44.51
N ASP G 214 24.62 -3.33 44.99
CA ASP G 214 24.79 -3.15 46.43
C ASP G 214 23.44 -2.97 47.12
N ASN G 215 22.62 -2.07 46.61
CA ASN G 215 21.32 -1.82 47.23
C ASN G 215 20.37 -2.98 46.97
N PRO G 216 19.61 -3.42 47.97
CA PRO G 216 18.61 -4.46 47.75
C PRO G 216 17.45 -3.94 46.91
N LEU G 217 16.61 -4.87 46.48
CA LEU G 217 15.45 -4.57 45.65
C LEU G 217 14.18 -5.02 46.35
N ARG G 218 13.23 -4.11 46.49
CA ARG G 218 11.92 -4.45 47.03
C ARG G 218 10.94 -4.67 45.88
N VAL G 219 10.13 -5.71 45.97
CA VAL G 219 9.13 -6.01 44.95
C VAL G 219 7.78 -6.12 45.63
N GLN G 220 6.78 -5.43 45.08
CA GLN G 220 5.43 -5.40 45.62
C GLN G 220 4.47 -5.69 44.48
N ILE G 221 3.88 -6.89 44.46
CA ILE G 221 3.02 -7.31 43.37
C ILE G 221 1.59 -7.44 43.91
N GLY G 222 0.69 -6.68 43.31
CA GLY G 222 -0.72 -6.78 43.57
C GLY G 222 -1.46 -7.54 42.48
N SER G 223 -2.78 -7.41 42.48
CA SER G 223 -3.59 -8.10 41.50
C SER G 223 -3.69 -7.39 40.17
N ASN G 224 -3.31 -6.11 40.11
CA ASN G 224 -3.42 -5.35 38.87
C ASN G 224 -2.17 -4.56 38.50
N ASN G 225 -1.31 -4.20 39.45
CA ASN G 225 -0.10 -3.43 39.13
C ASN G 225 1.07 -3.97 39.95
N ILE G 226 2.27 -3.71 39.43
CA ILE G 226 3.52 -4.17 40.02
C ILE G 226 4.39 -2.96 40.34
N ARG G 227 5.07 -3.01 41.48
CA ARG G 227 5.96 -1.94 41.92
C ARG G 227 7.30 -2.53 42.31
N ALA G 228 8.37 -1.82 41.94
CA ALA G 228 9.73 -2.24 42.24
C ALA G 228 10.48 -1.06 42.84
N HIS G 229 10.81 -1.16 44.12
CA HIS G 229 11.62 -0.16 44.80
C HIS G 229 13.08 -0.53 44.62
N VAL G 230 13.78 0.23 43.77
CA VAL G 230 15.18 0.00 43.47
C VAL G 230 15.99 1.13 44.07
N GLY G 231 16.97 0.79 44.89
CA GLY G 231 17.74 1.80 45.59
C GLY G 231 16.85 2.65 46.45
N ASP G 232 16.62 3.89 46.02
CA ASP G 232 15.69 4.78 46.68
C ASP G 232 14.43 5.07 45.86
N PHE G 233 14.45 4.84 44.56
CA PHE G 233 13.34 5.22 43.71
C PHE G 233 12.36 4.07 43.52
N ILE G 234 11.19 4.39 42.98
CA ILE G 234 10.08 3.47 42.83
C ILE G 234 9.72 3.38 41.35
N PHE G 235 9.40 2.16 40.90
CA PHE G 235 8.96 1.89 39.54
C PHE G 235 7.59 1.23 39.58
N THR G 236 6.72 1.65 38.66
CA THR G 236 5.35 1.15 38.60
C THR G 236 5.05 0.66 37.19
N SER G 237 4.27 -0.42 37.10
CA SER G 237 3.84 -0.94 35.81
C SER G 237 2.51 -1.67 36.00
N LYS G 238 1.83 -1.92 34.88
CA LYS G 238 0.59 -2.69 34.89
C LYS G 238 0.86 -4.13 34.49
N LEU G 239 -0.18 -4.94 34.54
CA LEU G 239 -0.12 -6.36 34.28
C LEU G 239 -0.84 -6.70 32.97
N VAL G 240 -0.54 -7.88 32.45
CA VAL G 240 -1.27 -8.44 31.32
C VAL G 240 -2.42 -9.29 31.86
N ASP G 241 -3.62 -9.05 31.36
CA ASP G 241 -4.82 -9.66 31.92
C ASP G 241 -4.84 -11.17 31.73
N GLY G 242 -4.25 -11.67 30.65
CA GLY G 242 -4.34 -13.08 30.33
C GLY G 242 -3.67 -13.96 31.37
N ARG G 243 -3.90 -15.26 31.22
CA ARG G 243 -3.35 -16.27 32.12
C ARG G 243 -2.22 -17.00 31.40
N PHE G 244 -1.05 -17.03 32.01
CA PHE G 244 0.10 -17.65 31.37
C PHE G 244 -0.09 -19.16 31.27
N PRO G 245 0.39 -19.79 30.20
CA PRO G 245 0.28 -21.24 30.07
C PRO G 245 1.12 -21.97 31.10
N ASP G 246 0.78 -23.25 31.31
CA ASP G 246 1.57 -24.12 32.17
C ASP G 246 2.82 -24.56 31.43
N TYR G 247 3.98 -24.22 31.97
CA TYR G 247 5.25 -24.59 31.33
C TYR G 247 5.68 -26.00 31.67
N ARG G 248 5.08 -26.64 32.68
CA ARG G 248 5.46 -28.00 33.02
C ARG G 248 5.15 -28.97 31.89
N ARG G 249 4.08 -28.73 31.15
CA ARG G 249 3.75 -29.61 30.03
C ARG G 249 4.65 -29.35 28.83
N VAL G 250 5.17 -28.14 28.70
CA VAL G 250 6.13 -27.86 27.64
C VAL G 250 7.45 -28.60 27.91
N LEU G 251 7.87 -28.64 29.17
CA LEU G 251 9.05 -29.41 29.55
C LEU G 251 8.82 -30.88 29.19
N PRO G 252 9.74 -31.51 28.47
CA PRO G 252 9.59 -32.95 28.20
C PRO G 252 9.48 -33.73 29.49
N LYS G 253 8.56 -34.69 29.52
CA LYS G 253 8.28 -35.45 30.73
C LYS G 253 9.05 -36.76 30.82
N ASN G 254 9.57 -37.27 29.70
CA ASN G 254 10.36 -38.50 29.69
C ASN G 254 11.64 -38.26 28.90
N PRO G 255 12.62 -37.57 29.48
CA PRO G 255 13.91 -37.43 28.81
C PRO G 255 14.74 -38.70 28.96
N ASP G 256 14.84 -39.49 27.89
CA ASP G 256 15.60 -40.73 27.92
C ASP G 256 17.04 -40.57 27.46
N LYS G 257 17.33 -39.57 26.64
CA LYS G 257 18.70 -39.30 26.20
C LYS G 257 19.24 -38.10 26.95
N HIS G 258 20.40 -38.27 27.59
CA HIS G 258 21.08 -37.19 28.30
C HIS G 258 22.50 -37.11 27.79
N LEU G 259 22.93 -35.91 27.42
CA LEU G 259 24.30 -35.70 26.95
C LEU G 259 24.90 -34.51 27.67
N GLU G 260 26.22 -34.52 27.81
CA GLU G 260 26.95 -33.46 28.49
C GLU G 260 28.07 -32.95 27.60
N ALA G 261 28.39 -31.67 27.74
CA ALA G 261 29.46 -31.03 26.98
C ALA G 261 29.92 -29.81 27.75
N GLY G 262 30.93 -29.12 27.20
CA GLY G 262 31.40 -27.88 27.78
C GLY G 262 30.63 -26.70 27.18
N CYS G 263 30.26 -25.75 28.04
CA CYS G 263 29.41 -24.65 27.61
C CYS G 263 30.11 -23.82 26.53
N ASP G 264 31.33 -23.37 26.80
CA ASP G 264 32.06 -22.59 25.81
C ASP G 264 32.42 -23.44 24.60
N LEU G 265 32.82 -24.69 24.84
CA LEU G 265 33.17 -25.59 23.75
C LEU G 265 32.00 -25.80 22.81
N LEU G 266 30.82 -26.09 23.36
CA LEU G 266 29.62 -26.26 22.55
C LEU G 266 29.23 -24.96 21.85
N LYS G 267 29.29 -23.84 22.58
CA LYS G 267 28.83 -22.55 22.05
C LYS G 267 29.67 -22.08 20.87
N GLN G 268 31.00 -22.22 20.97
CA GLN G 268 31.83 -21.77 19.86
C GLN G 268 31.57 -22.60 18.61
N ALA G 269 31.34 -23.90 18.77
CA ALA G 269 30.99 -24.75 17.64
C ALA G 269 29.68 -24.31 17.00
N PHE G 270 28.67 -24.00 17.83
CA PHE G 270 27.43 -23.50 17.26
C PHE G 270 27.62 -22.17 16.53
N ALA G 271 28.47 -21.29 17.06
CA ALA G 271 28.70 -20.02 16.38
C ALA G 271 29.37 -20.23 15.03
N ARG G 272 30.38 -21.12 15.00
CA ARG G 272 31.05 -21.40 13.74
C ARG G 272 30.09 -22.01 12.72
N ALA G 273 29.21 -22.90 13.18
CA ALA G 273 28.19 -23.44 12.29
C ALA G 273 27.22 -22.36 11.82
N ALA G 274 26.85 -21.45 12.71
CA ALA G 274 25.91 -20.39 12.40
C ALA G 274 26.49 -19.38 11.42
N ILE G 275 27.81 -19.33 11.29
CA ILE G 275 28.41 -18.42 10.30
C ILE G 275 27.83 -18.70 8.92
N LEU G 276 27.82 -19.97 8.51
CA LEU G 276 27.21 -20.36 7.23
C LEU G 276 25.82 -20.95 7.48
N SER G 277 24.92 -20.10 7.96
CA SER G 277 23.56 -20.50 8.28
C SER G 277 22.57 -19.72 7.45
N ASN G 278 21.38 -20.29 7.27
CA ASN G 278 20.30 -19.60 6.58
C ASN G 278 19.98 -18.30 7.29
N GLU G 279 20.24 -17.17 6.62
CA GLU G 279 20.09 -15.87 7.28
C GLU G 279 18.63 -15.59 7.65
N LYS G 280 17.68 -16.18 6.92
CA LYS G 280 16.27 -15.96 7.25
C LYS G 280 15.87 -16.75 8.48
N PHE G 281 15.99 -18.08 8.42
CA PHE G 281 15.68 -18.97 9.54
C PHE G 281 16.98 -19.69 9.90
N ARG G 282 17.68 -19.19 10.92
CA ARG G 282 18.95 -19.76 11.29
C ARG G 282 18.74 -21.14 11.92
N GLY G 283 18.83 -22.19 11.13
CA GLY G 283 18.54 -23.53 11.59
C GLY G 283 19.67 -24.49 11.30
N VAL G 284 19.99 -25.34 12.28
CA VAL G 284 21.01 -26.36 12.15
C VAL G 284 20.42 -27.71 12.51
N ARG G 285 20.95 -28.75 11.89
CA ARG G 285 20.66 -30.13 12.24
C ARG G 285 21.72 -30.62 13.23
N LEU G 286 21.28 -31.07 14.39
CA LEU G 286 22.14 -31.63 15.41
C LEU G 286 21.93 -33.14 15.43
N TYR G 287 23.02 -33.87 15.22
CA TYR G 287 23.04 -35.33 15.23
C TYR G 287 23.79 -35.78 16.48
N VAL G 288 23.30 -36.83 17.13
CA VAL G 288 23.96 -37.35 18.32
C VAL G 288 24.29 -38.83 18.09
N SER G 289 25.57 -39.16 18.17
CA SER G 289 26.04 -40.53 18.14
C SER G 289 26.91 -40.77 19.37
N GLU G 290 27.39 -42.01 19.51
CA GLU G 290 28.12 -42.40 20.72
C GLU G 290 29.32 -41.50 20.97
N ASN G 291 29.23 -40.69 22.02
CA ASN G 291 30.31 -39.76 22.38
C ASN G 291 30.67 -38.83 21.23
N GLN G 292 29.67 -38.39 20.47
CA GLN G 292 29.94 -37.51 19.34
C GLN G 292 28.69 -36.69 19.03
N LEU G 293 28.91 -35.40 18.75
CA LEU G 293 27.83 -34.49 18.39
C LEU G 293 28.18 -33.84 17.06
N LYS G 294 27.15 -33.59 16.25
CA LYS G 294 27.32 -33.07 14.91
C LYS G 294 26.36 -31.90 14.71
N ILE G 295 26.87 -30.81 14.16
CA ILE G 295 26.07 -29.62 13.87
C ILE G 295 26.28 -29.27 12.41
N THR G 296 25.21 -29.33 11.62
CA THR G 296 25.29 -29.07 10.18
C THR G 296 24.34 -27.92 9.83
N ALA G 297 24.86 -26.96 9.07
CA ALA G 297 24.08 -25.81 8.63
C ALA G 297 24.23 -25.63 7.13
N ASN G 298 23.16 -25.15 6.51
CA ASN G 298 23.21 -24.77 5.11
C ASN G 298 22.31 -23.57 4.89
N ASN G 299 22.65 -22.79 3.87
CA ASN G 299 21.92 -21.61 3.45
C ASN G 299 21.36 -21.82 2.05
N PRO G 300 20.48 -20.92 1.57
CA PRO G 300 19.93 -21.08 0.22
C PRO G 300 21.00 -21.17 -0.86
N GLU G 301 22.24 -20.82 -0.53
CA GLU G 301 23.36 -20.88 -1.45
C GLU G 301 24.09 -22.22 -1.39
N GLN G 302 23.59 -23.18 -0.61
CA GLN G 302 24.18 -24.50 -0.42
C GLN G 302 25.51 -24.44 0.31
N GLU G 303 25.93 -23.27 0.78
CA GLU G 303 27.14 -23.18 1.58
C GLU G 303 26.95 -23.98 2.86
N GLU G 304 27.69 -25.08 2.98
CA GLU G 304 27.51 -26.03 4.07
C GLU G 304 28.58 -25.85 5.13
N ALA G 305 28.16 -25.78 6.39
CA ALA G 305 29.05 -25.77 7.53
C ALA G 305 28.81 -27.04 8.35
N GLU G 306 29.89 -27.66 8.80
CA GLU G 306 29.79 -28.91 9.56
C GLU G 306 30.79 -28.89 10.70
N GLU G 307 30.30 -29.01 11.93
CA GLU G 307 31.13 -29.02 13.12
C GLU G 307 30.89 -30.30 13.90
N ILE G 308 31.96 -30.98 14.28
CA ILE G 308 31.89 -32.21 15.06
C ILE G 308 32.55 -31.96 16.40
N LEU G 309 31.88 -32.37 17.47
CA LEU G 309 32.34 -32.09 18.82
C LEU G 309 32.32 -33.38 19.65
N ASP G 310 33.27 -33.47 20.58
CA ASP G 310 33.39 -34.61 21.47
C ASP G 310 32.58 -34.36 22.73
N VAL G 311 31.59 -35.22 22.98
CA VAL G 311 30.73 -35.14 24.15
C VAL G 311 30.74 -36.49 24.85
N THR G 312 30.12 -36.53 26.02
CA THR G 312 29.87 -37.78 26.71
C THR G 312 28.38 -38.09 26.61
N TYR G 313 28.07 -39.29 26.11
CA TYR G 313 26.69 -39.61 25.74
C TYR G 313 26.54 -41.12 25.67
N SER G 314 25.30 -41.57 25.83
CA SER G 314 24.96 -42.99 25.71
C SER G 314 23.52 -43.07 25.24
N GLY G 315 23.32 -43.55 24.02
CA GLY G 315 21.98 -43.64 23.47
C GLY G 315 21.95 -44.15 22.04
N ALA G 316 21.15 -43.52 21.19
CA ALA G 316 20.98 -43.95 19.81
C ALA G 316 21.13 -42.76 18.88
N GLU G 317 21.55 -43.05 17.64
CA GLU G 317 21.69 -42.01 16.64
C GLU G 317 20.36 -41.30 16.43
N MET G 318 20.41 -39.96 16.41
CA MET G 318 19.21 -39.17 16.27
C MET G 318 19.57 -37.82 15.67
N GLU G 319 18.74 -37.35 14.75
CA GLU G 319 18.87 -36.05 14.12
C GLU G 319 17.72 -35.15 14.54
N ILE G 320 18.02 -33.87 14.75
CA ILE G 320 16.99 -32.90 15.12
C ILE G 320 17.38 -31.52 14.63
N GLY G 321 16.49 -30.87 13.88
CA GLY G 321 16.78 -29.57 13.30
C GLY G 321 16.09 -28.46 14.05
N PHE G 322 16.88 -27.55 14.61
CA PHE G 322 16.33 -26.46 15.41
C PHE G 322 17.07 -25.16 15.12
N ASN G 323 16.46 -24.07 15.57
CA ASN G 323 17.00 -22.73 15.36
C ASN G 323 18.35 -22.58 16.05
N VAL G 324 19.18 -21.68 15.52
CA VAL G 324 20.51 -21.45 16.06
C VAL G 324 20.53 -20.29 17.03
N SER G 325 19.83 -19.20 16.71
CA SER G 325 19.84 -18.04 17.59
C SER G 325 19.26 -18.38 18.96
N TYR G 326 18.22 -19.21 19.00
CA TYR G 326 17.62 -19.58 20.28
C TYR G 326 18.60 -20.40 21.12
N VAL G 327 19.28 -21.37 20.50
CA VAL G 327 20.24 -22.17 21.24
C VAL G 327 21.43 -21.33 21.70
N LEU G 328 21.89 -20.42 20.84
CA LEU G 328 23.01 -19.56 21.22
C LEU G 328 22.63 -18.64 22.37
N ASP G 329 21.41 -18.11 22.36
CA ASP G 329 20.94 -17.31 23.48
C ASP G 329 20.83 -18.15 24.75
N VAL G 330 20.37 -19.40 24.62
CA VAL G 330 20.30 -20.29 25.78
C VAL G 330 21.68 -20.49 26.37
N LEU G 331 22.66 -20.77 25.52
CA LEU G 331 24.02 -21.01 25.99
C LEU G 331 24.61 -19.75 26.60
N ASN G 332 24.35 -18.59 26.01
CA ASN G 332 24.84 -17.33 26.58
C ASN G 332 24.18 -17.04 27.93
N ALA G 333 22.92 -17.45 28.11
CA ALA G 333 22.27 -17.26 29.39
C ALA G 333 22.90 -18.12 30.49
N LEU G 334 23.31 -19.33 30.14
CA LEU G 334 24.00 -20.22 31.07
C LEU G 334 25.48 -19.91 30.99
N LYS G 335 25.94 -19.00 31.84
CA LYS G 335 27.36 -18.69 31.96
C LYS G 335 28.02 -19.73 32.87
N CYS G 336 28.09 -20.96 32.34
CA CYS G 336 28.64 -22.09 33.09
C CYS G 336 29.76 -22.75 32.31
N GLU G 337 30.23 -23.89 32.80
CA GLU G 337 31.27 -24.65 32.13
C GLU G 337 30.83 -26.02 31.65
N ASN G 338 29.75 -26.57 32.20
CA ASN G 338 29.25 -27.88 31.79
C ASN G 338 27.75 -27.74 31.49
N VAL G 339 27.32 -28.31 30.38
CA VAL G 339 25.96 -28.20 29.90
C VAL G 339 25.40 -29.59 29.66
N ARG G 340 24.19 -29.83 30.14
CA ARG G 340 23.46 -31.08 29.93
C ARG G 340 22.24 -30.82 29.06
N MET G 341 22.12 -31.58 27.98
CA MET G 341 20.95 -31.55 27.12
C MET G 341 20.17 -32.85 27.30
N MET G 342 18.85 -32.73 27.40
CA MET G 342 17.96 -33.86 27.57
C MET G 342 17.02 -33.91 26.38
N LEU G 343 17.00 -35.04 25.69
CA LEU G 343 16.24 -35.21 24.46
C LEU G 343 15.46 -36.51 24.53
N THR G 344 14.31 -36.51 23.87
CA THR G 344 13.43 -37.68 23.82
C THR G 344 13.36 -38.32 22.45
N ASP G 345 13.02 -37.56 21.42
CA ASP G 345 13.02 -38.07 20.05
C ASP G 345 13.21 -36.91 19.09
N SER G 346 13.16 -37.21 17.79
CA SER G 346 13.48 -36.21 16.79
C SER G 346 12.39 -35.14 16.64
N VAL G 347 11.22 -35.35 17.23
CA VAL G 347 10.09 -34.46 16.97
C VAL G 347 9.76 -33.62 18.20
N SER G 348 10.09 -34.11 19.39
CA SER G 348 9.76 -33.40 20.61
C SER G 348 10.83 -32.37 20.93
N SER G 349 10.72 -31.74 22.10
CA SER G 349 11.56 -30.62 22.47
C SER G 349 12.91 -31.11 23.03
N VAL G 350 13.81 -30.16 23.22
CA VAL G 350 15.11 -30.40 23.85
C VAL G 350 15.20 -29.51 25.09
N GLN G 351 15.53 -30.10 26.22
CA GLN G 351 15.66 -29.36 27.48
C GLN G 351 17.14 -29.19 27.79
N ILE G 352 17.61 -27.94 27.75
CA ILE G 352 19.01 -27.61 27.95
C ILE G 352 19.15 -26.95 29.31
N GLU G 353 20.16 -27.36 30.07
CA GLU G 353 20.48 -26.70 31.33
C GLU G 353 21.95 -26.92 31.63
N ASP G 354 22.40 -26.41 32.77
CA ASP G 354 23.78 -26.66 33.18
C ASP G 354 23.85 -27.90 34.05
N ALA G 355 25.03 -28.51 34.09
CA ALA G 355 25.24 -29.69 34.89
C ALA G 355 25.59 -29.37 36.33
N ALA G 356 25.87 -28.11 36.65
CA ALA G 356 26.20 -27.72 38.01
C ALA G 356 24.98 -27.30 38.83
N SER G 357 23.80 -27.23 38.21
CA SER G 357 22.59 -26.81 38.91
C SER G 357 21.39 -27.27 38.11
N GLN G 358 20.21 -27.13 38.73
CA GLN G 358 18.95 -27.37 38.04
C GLN G 358 18.00 -26.18 38.20
N SER G 359 18.54 -25.00 38.46
CA SER G 359 17.73 -23.82 38.71
C SER G 359 17.28 -23.12 37.44
N ALA G 360 17.89 -23.42 36.30
CA ALA G 360 17.55 -22.80 35.03
C ALA G 360 17.42 -23.87 33.96
N ALA G 361 16.26 -23.91 33.31
CA ALA G 361 15.99 -24.87 32.24
C ALA G 361 15.49 -24.13 31.01
N TYR G 362 15.79 -24.69 29.85
CA TYR G 362 15.37 -24.09 28.60
C TYR G 362 14.80 -25.18 27.70
N VAL G 363 13.78 -24.83 26.93
CA VAL G 363 13.10 -25.78 26.05
C VAL G 363 13.14 -25.22 24.65
N VAL G 364 13.84 -25.92 23.76
CA VAL G 364 13.90 -25.55 22.35
C VAL G 364 13.10 -26.58 21.59
N MET G 365 12.00 -26.14 20.98
CA MET G 365 11.21 -27.03 20.15
C MET G 365 11.71 -26.94 18.71
N PRO G 366 12.04 -28.05 18.09
CA PRO G 366 12.79 -27.98 16.82
C PRO G 366 11.96 -27.51 15.65
N MET G 367 12.60 -27.42 14.49
CA MET G 367 11.91 -27.22 13.23
C MET G 367 11.64 -28.58 12.60
N ARG G 368 10.60 -28.62 11.77
CA ARG G 368 10.30 -29.82 10.99
C ARG G 368 10.86 -29.73 9.58
N LEU G 369 11.99 -29.04 9.42
CA LEU G 369 12.67 -28.95 8.13
C LEU G 369 14.03 -29.63 8.21
ZN ZN J . 35.19 1.29 -32.37
PB ADP K . 14.38 0.44 -23.64
O1B ADP K . 15.49 0.35 -22.55
O2B ADP K . 14.12 1.76 -24.35
O3B ADP K . 12.94 0.22 -22.96
PA ADP K . 15.85 -1.49 -25.14
O1A ADP K . 16.63 -0.58 -26.06
O2A ADP K . 16.45 -2.02 -23.86
O3A ADP K . 14.47 -0.73 -24.75
O5' ADP K . 15.54 -2.70 -26.13
C5' ADP K . 15.32 -4.03 -25.67
C4' ADP K . 15.19 -4.87 -26.93
O4' ADP K . 14.21 -4.33 -27.78
C3' ADP K . 16.47 -4.75 -27.70
O3' ADP K . 17.22 -5.89 -27.38
C2' ADP K . 16.06 -4.79 -29.15
O2' ADP K . 15.88 -6.14 -29.52
C1' ADP K . 14.67 -4.26 -29.14
N9 ADP K . 14.69 -2.88 -29.68
C8 ADP K . 14.12 -1.78 -29.15
N7 ADP K . 14.32 -0.68 -29.93
C5 ADP K . 15.02 -1.09 -31.00
C6 ADP K . 15.55 -0.44 -32.21
N6 ADP K . 15.36 0.88 -32.43
N1 ADP K . 16.24 -1.23 -33.06
C2 ADP K . 16.41 -2.55 -32.83
N3 ADP K . 15.96 -3.22 -31.76
C4 ADP K . 15.27 -2.55 -30.83
BE BEF L . 12.76 0.06 -21.32
F1 BEF L . 14.06 -0.69 -20.93
F2 BEF L . 11.49 -0.79 -21.18
F3 BEF L . 12.64 1.47 -20.67
MG MG M . 15.86 0.06 -20.27
ZN ZN N . 14.70 -35.45 -13.94
PB ADP O . -2.37 -22.14 -9.14
O1B ADP O . -1.26 -22.03 -8.12
O2B ADP O . -2.22 -21.81 -10.60
O3B ADP O . -3.56 -21.16 -8.71
PA ADP O . -2.25 -24.83 -8.50
O1A ADP O . -1.40 -25.32 -9.64
O2A ADP O . -1.65 -24.37 -7.21
O3A ADP O . -3.07 -23.59 -9.11
O5' ADP O . -3.25 -26.07 -8.27
C5' ADP O . -3.50 -26.56 -6.97
C4' ADP O . -4.35 -27.80 -7.16
O4' ADP O . -5.30 -27.57 -8.16
C3' ADP O . -3.57 -28.95 -7.74
O3' ADP O . -3.14 -29.72 -6.64
C2' ADP O . -4.50 -29.73 -8.64
O2' ADP O . -5.22 -30.72 -7.94
C1' ADP O . -5.49 -28.69 -9.01
N9 ADP O . -5.20 -28.32 -10.40
C8 ADP O . -5.14 -27.05 -10.88
N7 ADP O . -4.87 -27.02 -12.21
C5 ADP O . -4.76 -28.32 -12.60
C6 ADP O . -4.49 -29.01 -13.86
N6 ADP O . -4.29 -28.34 -15.01
N1 ADP O . -4.46 -30.35 -13.83
C2 ADP O . -4.67 -31.06 -12.70
N3 ADP O . -4.93 -30.50 -11.51
C4 ADP O . -4.98 -29.16 -11.40
BE BEF P . -3.37 -20.14 -7.43
F1 BEF P . -1.80 -19.94 -7.39
F2 BEF P . -4.13 -20.82 -6.26
F3 BEF P . -4.07 -18.78 -7.66
MG MG Q . -0.24 -20.52 -7.82
ZN ZN R . -10.11 -33.65 25.92
PB ADP S . -20.39 -15.94 15.18
O1B ADP S . -19.04 -15.43 15.77
O2B ADP S . -20.44 -16.84 14.02
O3B ADP S . -21.22 -14.73 14.57
PA ADP S . -20.75 -17.15 17.66
O1A ADP S . -20.32 -18.57 17.36
O2A ADP S . -19.70 -16.20 18.20
O3A ADP S . -21.35 -16.52 16.31
O5' ADP S . -21.95 -17.37 18.70
C5' ADP S . -22.27 -16.41 19.69
C4' ADP S . -23.34 -17.02 20.58
O4' ADP S . -24.39 -17.44 19.76
C3' ADP S . -22.85 -18.29 21.17
O3' ADP S . -22.31 -17.90 22.43
C2' ADP S . -24.05 -19.19 21.26
O2' ADP S . -24.82 -18.87 22.41
C1' ADP S . -24.92 -18.71 20.15
N9 ADP S . -24.88 -19.60 18.99
C8 ADP S . -24.62 -19.21 17.74
N7 ADP S . -24.67 -20.25 16.89
C5 ADP S . -24.97 -21.31 17.62
C6 ADP S . -25.16 -22.71 17.32
N6 ADP S . -25.05 -23.17 16.06
N1 ADP S . -25.43 -23.50 18.37
C2 ADP S . -25.55 -23.03 19.63
N3 ADP S . -25.40 -21.75 19.98
C4 ADP S . -25.11 -20.88 19.01
BE BEF T . -20.44 -13.35 14.20
F1 BEF T . -18.85 -13.56 14.36
F2 BEF T . -21.10 -12.33 15.19
F3 BEF T . -20.76 -13.02 12.72
MG MG U . -17.15 -14.94 15.54
ZN ZN V . -16.34 8.09 43.27
#